data_4YUD
# 
_entry.id   4YUD 
# 
_audit_conform.dict_name       mmcif_pdbx.dic 
_audit_conform.dict_version    5.380 
_audit_conform.dict_location   http://mmcif.pdb.org/dictionaries/ascii/mmcif_pdbx.dic 
# 
loop_
_database_2.database_id 
_database_2.database_code 
_database_2.pdbx_database_accession 
_database_2.pdbx_DOI 
PDB   4YUD         pdb_00004yud 10.2210/pdb4yud/pdb 
WWPDB D_1000208124 ?            ?                   
# 
_pdbx_database_related.db_name        TargetTrack 
_pdbx_database_related.details        . 
_pdbx_database_related.db_id          JCSG-430174 
_pdbx_database_related.content_type   unspecified 
# 
_pdbx_database_status.status_code                     REL 
_pdbx_database_status.status_code_sf                  REL 
_pdbx_database_status.status_code_mr                  ? 
_pdbx_database_status.entry_id                        4YUD 
_pdbx_database_status.recvd_initial_deposition_date   2015-03-18 
_pdbx_database_status.SG_entry                        Y 
_pdbx_database_status.deposit_site                    RCSB 
_pdbx_database_status.process_site                    RCSB 
_pdbx_database_status.status_code_cs                  ? 
_pdbx_database_status.methods_development_category    ? 
_pdbx_database_status.pdb_format_compatible           Y 
_pdbx_database_status.status_code_nmr_data            ? 
# 
loop_
_audit_author.name 
_audit_author.pdbx_ordinal 
'Joint Center for Structural Genomics (JCSG)' 1 
'Partnership for T-Cell Biology (TCELL)'      2 
# 
_citation.abstract                  ? 
_citation.abstract_id_CAS           ? 
_citation.book_id_ISBN              ? 
_citation.book_publisher            ? 
_citation.book_publisher_city       ? 
_citation.book_title                ? 
_citation.coordinate_linkage        ? 
_citation.country                   ? 
_citation.database_id_Medline       ? 
_citation.details                   ? 
_citation.id                        primary 
_citation.journal_abbrev            'To be published' 
_citation.journal_id_ASTM           ? 
_citation.journal_id_CSD            0353 
_citation.journal_id_ISSN           ? 
_citation.journal_full              ? 
_citation.journal_issue             ? 
_citation.journal_volume            ? 
_citation.language                  ? 
_citation.page_first                ? 
_citation.page_last                 ? 
_citation.title                     
'Crystal structure of a RNA binding motif protein 39 (RBM39) from Homo sapiens at 1.28 A resolution' 
_citation.year                      ? 
_citation.database_id_CSD           ? 
_citation.pdbx_database_id_DOI      ? 
_citation.pdbx_database_id_PubMed   ? 
_citation.unpublished_flag          ? 
# 
loop_
_citation_author.citation_id 
_citation_author.name 
_citation_author.ordinal 
_citation_author.identifier_ORCID 
primary 'Joint Center for Structural Genomics (JCSG)' 1 ? 
primary 'Partnership for T-Cell Biology (TCELL)'      2 ? 
# 
_cell.angle_alpha                  90.000 
_cell.angle_alpha_esd              ? 
_cell.angle_beta                   90.000 
_cell.angle_beta_esd               ? 
_cell.angle_gamma                  90.000 
_cell.angle_gamma_esd              ? 
_cell.entry_id                     4YUD 
_cell.details                      ? 
_cell.formula_units_Z              ? 
_cell.length_a                     86.574 
_cell.length_a_esd                 ? 
_cell.length_b                     26.711 
_cell.length_b_esd                 ? 
_cell.length_c                     35.015 
_cell.length_c_esd                 ? 
_cell.volume                       ? 
_cell.volume_esd                   ? 
_cell.Z_PDB                        4 
_cell.reciprocal_angle_alpha       ? 
_cell.reciprocal_angle_beta        ? 
_cell.reciprocal_angle_gamma       ? 
_cell.reciprocal_angle_alpha_esd   ? 
_cell.reciprocal_angle_beta_esd    ? 
_cell.reciprocal_angle_gamma_esd   ? 
_cell.reciprocal_length_a          ? 
_cell.reciprocal_length_b          ? 
_cell.reciprocal_length_c          ? 
_cell.reciprocal_length_a_esd      ? 
_cell.reciprocal_length_b_esd      ? 
_cell.reciprocal_length_c_esd      ? 
_cell.pdbx_unique_axis             ? 
# 
_symmetry.entry_id                         4YUD 
_symmetry.cell_setting                     ? 
_symmetry.Int_Tables_number                18 
_symmetry.space_group_name_Hall            ? 
_symmetry.space_group_name_H-M             'P 21 21 2' 
_symmetry.pdbx_full_space_group_name_H-M   ? 
# 
loop_
_entity.id 
_entity.type 
_entity.src_method 
_entity.pdbx_description 
_entity.formula_weight 
_entity.pdbx_number_of_molecules 
_entity.pdbx_ec 
_entity.pdbx_mutation 
_entity.pdbx_fragment 
_entity.details 
1 polymer man 'RNA-binding protein 39' 10304.834 1   ? ? 'UNP residues 144-234' ? 
2 water   nat water                    18.015    117 ? ? ?                      ? 
# 
_entity_name_com.entity_id   1 
_entity_name_com.name        
;CAPER alpha,Hepatocellular carcinoma protein 1,RNA-binding motif protein 39,RNA-binding region-containing protein 2,Splicing factor HCC1
;
# 
_entity_poly.entity_id                      1 
_entity_poly.type                           'polypeptide(L)' 
_entity_poly.nstd_linkage                   no 
_entity_poly.nstd_monomer                   no 
_entity_poly.pdbx_seq_one_letter_code       
;GNLTPEERDARTVFCMQLAARIRPRDLEEFFSTVGKVRDVRMISDRNSRRSKGIAYVEFVDVSSVPLAIGLTGQRVLGVP
IIVQASQAEKNR
;
_entity_poly.pdbx_seq_one_letter_code_can   
;GNLTPEERDARTVFCMQLAARIRPRDLEEFFSTVGKVRDVRMISDRNSRRSKGIAYVEFVDVSSVPLAIGLTGQRVLGVP
IIVQASQAEKNR
;
_entity_poly.pdbx_strand_id                 A 
_entity_poly.pdbx_target_identifier         JCSG-430174 
# 
loop_
_entity_poly_seq.entity_id 
_entity_poly_seq.num 
_entity_poly_seq.mon_id 
_entity_poly_seq.hetero 
1 1  GLY n 
1 2  ASN n 
1 3  LEU n 
1 4  THR n 
1 5  PRO n 
1 6  GLU n 
1 7  GLU n 
1 8  ARG n 
1 9  ASP n 
1 10 ALA n 
1 11 ARG n 
1 12 THR n 
1 13 VAL n 
1 14 PHE n 
1 15 CYS n 
1 16 MET n 
1 17 GLN n 
1 18 LEU n 
1 19 ALA n 
1 20 ALA n 
1 21 ARG n 
1 22 ILE n 
1 23 ARG n 
1 24 PRO n 
1 25 ARG n 
1 26 ASP n 
1 27 LEU n 
1 28 GLU n 
1 29 GLU n 
1 30 PHE n 
1 31 PHE n 
1 32 SER n 
1 33 THR n 
1 34 VAL n 
1 35 GLY n 
1 36 LYS n 
1 37 VAL n 
1 38 ARG n 
1 39 ASP n 
1 40 VAL n 
1 41 ARG n 
1 42 MET n 
1 43 ILE n 
1 44 SER n 
1 45 ASP n 
1 46 ARG n 
1 47 ASN n 
1 48 SER n 
1 49 ARG n 
1 50 ARG n 
1 51 SER n 
1 52 LYS n 
1 53 GLY n 
1 54 ILE n 
1 55 ALA n 
1 56 TYR n 
1 57 VAL n 
1 58 GLU n 
1 59 PHE n 
1 60 VAL n 
1 61 ASP n 
1 62 VAL n 
1 63 SER n 
1 64 SER n 
1 65 VAL n 
1 66 PRO n 
1 67 LEU n 
1 68 ALA n 
1 69 ILE n 
1 70 GLY n 
1 71 LEU n 
1 72 THR n 
1 73 GLY n 
1 74 GLN n 
1 75 ARG n 
1 76 VAL n 
1 77 LEU n 
1 78 GLY n 
1 79 VAL n 
1 80 PRO n 
1 81 ILE n 
1 82 ILE n 
1 83 VAL n 
1 84 GLN n 
1 85 ALA n 
1 86 SER n 
1 87 GLN n 
1 88 ALA n 
1 89 GLU n 
1 90 LYS n 
1 91 ASN n 
1 92 ARG n 
# 
_entity_src_gen.entity_id                          1 
_entity_src_gen.pdbx_src_id                        1 
_entity_src_gen.pdbx_alt_source_flag               sample 
_entity_src_gen.pdbx_seq_type                      'Biological sequence' 
_entity_src_gen.pdbx_beg_seq_num                   1 
_entity_src_gen.pdbx_end_seq_num                   92 
_entity_src_gen.gene_src_common_name               Human 
_entity_src_gen.gene_src_genus                     ? 
_entity_src_gen.pdbx_gene_src_gene                 'RBM39, HCC1, RNPC2' 
_entity_src_gen.gene_src_species                   ? 
_entity_src_gen.gene_src_strain                    ? 
_entity_src_gen.gene_src_tissue                    ? 
_entity_src_gen.gene_src_tissue_fraction           ? 
_entity_src_gen.gene_src_details                   ? 
_entity_src_gen.pdbx_gene_src_fragment             ? 
_entity_src_gen.pdbx_gene_src_scientific_name      'Homo sapiens' 
_entity_src_gen.pdbx_gene_src_ncbi_taxonomy_id     9606 
_entity_src_gen.pdbx_gene_src_variant              ? 
_entity_src_gen.pdbx_gene_src_cell_line            ? 
_entity_src_gen.pdbx_gene_src_atcc                 ? 
_entity_src_gen.pdbx_gene_src_organ                ? 
_entity_src_gen.pdbx_gene_src_organelle            ? 
_entity_src_gen.pdbx_gene_src_cell                 ? 
_entity_src_gen.pdbx_gene_src_cellular_location    ? 
_entity_src_gen.host_org_common_name               ? 
_entity_src_gen.pdbx_host_org_scientific_name      'Escherichia Coli' 
_entity_src_gen.pdbx_host_org_ncbi_taxonomy_id     562 
_entity_src_gen.host_org_genus                     ? 
_entity_src_gen.pdbx_host_org_gene                 ? 
_entity_src_gen.pdbx_host_org_organ                ? 
_entity_src_gen.host_org_species                   ? 
_entity_src_gen.pdbx_host_org_tissue               ? 
_entity_src_gen.pdbx_host_org_tissue_fraction      ? 
_entity_src_gen.pdbx_host_org_strain               'BL21Gold(DE3)' 
_entity_src_gen.pdbx_host_org_variant              ? 
_entity_src_gen.pdbx_host_org_cell_line            ? 
_entity_src_gen.pdbx_host_org_atcc                 ? 
_entity_src_gen.pdbx_host_org_culture_collection   ? 
_entity_src_gen.pdbx_host_org_cell                 ? 
_entity_src_gen.pdbx_host_org_organelle            ? 
_entity_src_gen.pdbx_host_org_cellular_location    ? 
_entity_src_gen.pdbx_host_org_vector_type          Plasmid 
_entity_src_gen.pdbx_host_org_vector               ? 
_entity_src_gen.host_org_details                   ? 
_entity_src_gen.expression_system_id               ? 
_entity_src_gen.plasmid_name                       pET28TEVc 
_entity_src_gen.plasmid_details                    ? 
_entity_src_gen.pdbx_description                   ? 
# 
_struct_ref.id                         1 
_struct_ref.db_name                    UNP 
_struct_ref.db_code                    RBM39_HUMAN 
_struct_ref.pdbx_db_accession          Q14498 
_struct_ref.pdbx_db_isoform            ? 
_struct_ref.entity_id                  1 
_struct_ref.pdbx_seq_one_letter_code   
;NLTPEERDARTVFCMQLAARIRPRDLEEFFSTVGKVRDVRMISDRNSRRSKGIAYVEFVDVSSVPLAIGLTGQRVLGVPI
IVQASQAEKNR
;
_struct_ref.pdbx_align_begin           144 
# 
_struct_ref_seq.align_id                      1 
_struct_ref_seq.ref_id                        1 
_struct_ref_seq.pdbx_PDB_id_code              4YUD 
_struct_ref_seq.pdbx_strand_id                A 
_struct_ref_seq.seq_align_beg                 2 
_struct_ref_seq.pdbx_seq_align_beg_ins_code   ? 
_struct_ref_seq.seq_align_end                 92 
_struct_ref_seq.pdbx_seq_align_end_ins_code   ? 
_struct_ref_seq.pdbx_db_accession             Q14498 
_struct_ref_seq.db_align_beg                  144 
_struct_ref_seq.pdbx_db_align_beg_ins_code    ? 
_struct_ref_seq.db_align_end                  234 
_struct_ref_seq.pdbx_db_align_end_ins_code    ? 
_struct_ref_seq.pdbx_auth_seq_align_beg       144 
_struct_ref_seq.pdbx_auth_seq_align_end       234 
# 
_struct_ref_seq_dif.align_id                     1 
_struct_ref_seq_dif.pdbx_pdb_id_code             4YUD 
_struct_ref_seq_dif.mon_id                       GLY 
_struct_ref_seq_dif.pdbx_pdb_strand_id           A 
_struct_ref_seq_dif.seq_num                      1 
_struct_ref_seq_dif.pdbx_pdb_ins_code            ? 
_struct_ref_seq_dif.pdbx_seq_db_name             UNP 
_struct_ref_seq_dif.pdbx_seq_db_accession_code   Q14498 
_struct_ref_seq_dif.db_mon_id                    ? 
_struct_ref_seq_dif.pdbx_seq_db_seq_num          ? 
_struct_ref_seq_dif.details                      'expression tag' 
_struct_ref_seq_dif.pdbx_auth_seq_num            0 
_struct_ref_seq_dif.pdbx_ordinal                 1 
# 
loop_
_chem_comp.id 
_chem_comp.type 
_chem_comp.mon_nstd_flag 
_chem_comp.name 
_chem_comp.pdbx_synonyms 
_chem_comp.formula 
_chem_comp.formula_weight 
ALA 'L-peptide linking' y ALANINE         ? 'C3 H7 N O2'     89.093  
ARG 'L-peptide linking' y ARGININE        ? 'C6 H15 N4 O2 1' 175.209 
ASN 'L-peptide linking' y ASPARAGINE      ? 'C4 H8 N2 O3'    132.118 
ASP 'L-peptide linking' y 'ASPARTIC ACID' ? 'C4 H7 N O4'     133.103 
CYS 'L-peptide linking' y CYSTEINE        ? 'C3 H7 N O2 S'   121.158 
GLN 'L-peptide linking' y GLUTAMINE       ? 'C5 H10 N2 O3'   146.144 
GLU 'L-peptide linking' y 'GLUTAMIC ACID' ? 'C5 H9 N O4'     147.129 
GLY 'peptide linking'   y GLYCINE         ? 'C2 H5 N O2'     75.067  
HOH non-polymer         . WATER           ? 'H2 O'           18.015  
ILE 'L-peptide linking' y ISOLEUCINE      ? 'C6 H13 N O2'    131.173 
LEU 'L-peptide linking' y LEUCINE         ? 'C6 H13 N O2'    131.173 
LYS 'L-peptide linking' y LYSINE          ? 'C6 H15 N2 O2 1' 147.195 
MET 'L-peptide linking' y METHIONINE      ? 'C5 H11 N O2 S'  149.211 
PHE 'L-peptide linking' y PHENYLALANINE   ? 'C9 H11 N O2'    165.189 
PRO 'L-peptide linking' y PROLINE         ? 'C5 H9 N O2'     115.130 
SER 'L-peptide linking' y SERINE          ? 'C3 H7 N O3'     105.093 
THR 'L-peptide linking' y THREONINE       ? 'C4 H9 N O3'     119.119 
TYR 'L-peptide linking' y TYROSINE        ? 'C9 H11 N O3'    181.189 
VAL 'L-peptide linking' y VALINE          ? 'C5 H11 N O2'    117.146 
# 
_exptl.absorpt_coefficient_mu     ? 
_exptl.absorpt_correction_T_max   ? 
_exptl.absorpt_correction_T_min   ? 
_exptl.absorpt_correction_type    ? 
_exptl.absorpt_process_details    ? 
_exptl.entry_id                   4YUD 
_exptl.crystals_number            1 
_exptl.details                    ? 
_exptl.method                     'X-RAY DIFFRACTION' 
_exptl.method_details             ? 
# 
_exptl_crystal.colour                      ? 
_exptl_crystal.density_diffrn              ? 
_exptl_crystal.density_Matthews            1.96 
_exptl_crystal.density_method              ? 
_exptl_crystal.density_percent_sol         37.39 
_exptl_crystal.description                 ? 
_exptl_crystal.F_000                       ? 
_exptl_crystal.id                          1 
_exptl_crystal.preparation                 ? 
_exptl_crystal.size_max                    ? 
_exptl_crystal.size_mid                    ? 
_exptl_crystal.size_min                    ? 
_exptl_crystal.size_rad                    ? 
_exptl_crystal.colour_lustre               ? 
_exptl_crystal.colour_modifier             ? 
_exptl_crystal.colour_primary              ? 
_exptl_crystal.density_meas                ? 
_exptl_crystal.density_meas_esd            ? 
_exptl_crystal.density_meas_gt             ? 
_exptl_crystal.density_meas_lt             ? 
_exptl_crystal.density_meas_temp           ? 
_exptl_crystal.density_meas_temp_esd       ? 
_exptl_crystal.density_meas_temp_gt        ? 
_exptl_crystal.density_meas_temp_lt        ? 
_exptl_crystal.pdbx_crystal_image_url      ? 
_exptl_crystal.pdbx_crystal_image_format   ? 
_exptl_crystal.pdbx_mosaicity              ? 
_exptl_crystal.pdbx_mosaicity_esd          ? 
# 
_exptl_crystal_grow.apparatus       ? 
_exptl_crystal_grow.atmosphere      ? 
_exptl_crystal_grow.crystal_id      1 
_exptl_crystal_grow.details         ? 
_exptl_crystal_grow.method          'VAPOR DIFFUSION, SITTING DROP' 
_exptl_crystal_grow.method_ref      ? 
_exptl_crystal_grow.pH              ? 
_exptl_crystal_grow.pressure        ? 
_exptl_crystal_grow.pressure_esd    ? 
_exptl_crystal_grow.seeding         ? 
_exptl_crystal_grow.seeding_ref     ? 
_exptl_crystal_grow.temp            293 
_exptl_crystal_grow.temp_details    ? 
_exptl_crystal_grow.temp_esd        ? 
_exptl_crystal_grow.time            ? 
_exptl_crystal_grow.pdbx_details    '20% polyethylene glycol 3350, 0.20M sodium fluoride, 1mM RNA-6b UAAUAA' 
_exptl_crystal_grow.pdbx_pH_range   ? 
# 
_diffrn.ambient_environment    ? 
_diffrn.ambient_temp           100 
_diffrn.ambient_temp_details   ? 
_diffrn.ambient_temp_esd       ? 
_diffrn.crystal_id             1 
_diffrn.crystal_support        ? 
_diffrn.crystal_treatment      ? 
_diffrn.details                ? 
_diffrn.id                     1 
_diffrn.ambient_pressure       ? 
_diffrn.ambient_pressure_esd   ? 
_diffrn.ambient_pressure_gt    ? 
_diffrn.ambient_pressure_lt    ? 
_diffrn.ambient_temp_gt        ? 
_diffrn.ambient_temp_lt        ? 
# 
_diffrn_detector.details                      
'Flat mirror (vertical focusing); single crystal Si(111) bent monochromator (horizontal focusing)' 
_diffrn_detector.detector                     PIXEL 
_diffrn_detector.diffrn_id                    1 
_diffrn_detector.type                         'DECTRIS PILATUS 6M' 
_diffrn_detector.area_resol_mean              ? 
_diffrn_detector.dtime                        ? 
_diffrn_detector.pdbx_frames_total            ? 
_diffrn_detector.pdbx_collection_time_total   ? 
_diffrn_detector.pdbx_collection_date         2013-11-14 
# 
_diffrn_radiation.collimation                      ? 
_diffrn_radiation.diffrn_id                        1 
_diffrn_radiation.filter_edge                      ? 
_diffrn_radiation.inhomogeneity                    ? 
_diffrn_radiation.monochromator                    'single crystal Si(111) bent' 
_diffrn_radiation.polarisn_norm                    ? 
_diffrn_radiation.polarisn_ratio                   ? 
_diffrn_radiation.probe                            ? 
_diffrn_radiation.type                             ? 
_diffrn_radiation.xray_symbol                      ? 
_diffrn_radiation.wavelength_id                    1 
_diffrn_radiation.pdbx_monochromatic_or_laue_m_l   M 
_diffrn_radiation.pdbx_wavelength_list             ? 
_diffrn_radiation.pdbx_wavelength                  ? 
_diffrn_radiation.pdbx_diffrn_protocol             'SINGLE WAVELENGTH' 
_diffrn_radiation.pdbx_analyzer                    ? 
_diffrn_radiation.pdbx_scattering_type             x-ray 
# 
_diffrn_radiation_wavelength.id           1 
_diffrn_radiation_wavelength.wavelength   1.0 
_diffrn_radiation_wavelength.wt           1.0 
# 
_diffrn_source.current                     ? 
_diffrn_source.details                     ? 
_diffrn_source.diffrn_id                   1 
_diffrn_source.power                       ? 
_diffrn_source.size                        ? 
_diffrn_source.source                      SYNCHROTRON 
_diffrn_source.target                      ? 
_diffrn_source.type                        'SSRL BEAMLINE BL11-1' 
_diffrn_source.voltage                     ? 
_diffrn_source.take-off_angle              ? 
_diffrn_source.pdbx_wavelength_list        1.0 
_diffrn_source.pdbx_wavelength             ? 
_diffrn_source.pdbx_synchrotron_beamline   BL11-1 
_diffrn_source.pdbx_synchrotron_site       SSRL 
# 
_reflns.B_iso_Wilson_estimate            ? 
_reflns.entry_id                         4YUD 
_reflns.data_reduction_details           ? 
_reflns.data_reduction_method            ? 
_reflns.d_resolution_high                1.28 
_reflns.d_resolution_low                 32.461 
_reflns.details                          ? 
_reflns.limit_h_max                      ? 
_reflns.limit_h_min                      ? 
_reflns.limit_k_max                      ? 
_reflns.limit_k_min                      ? 
_reflns.limit_l_max                      ? 
_reflns.limit_l_min                      ? 
_reflns.number_all                       20012 
_reflns.number_obs                       20012 
_reflns.observed_criterion               ? 
_reflns.observed_criterion_F_max         ? 
_reflns.observed_criterion_F_min         ? 
_reflns.observed_criterion_I_max         ? 
_reflns.observed_criterion_I_min         ? 
_reflns.observed_criterion_sigma_F       ? 
_reflns.observed_criterion_sigma_I       ? 
_reflns.percent_possible_obs             92.200 
_reflns.R_free_details                   ? 
_reflns.Rmerge_F_all                     ? 
_reflns.Rmerge_F_obs                     ? 
_reflns.Friedel_coverage                 ? 
_reflns.number_gt                        ? 
_reflns.threshold_expression             ? 
_reflns.pdbx_redundancy                  3.900 
_reflns.pdbx_Rmerge_I_obs                ? 
_reflns.pdbx_Rmerge_I_all                ? 
_reflns.pdbx_Rsym_value                  0.023 
_reflns.pdbx_netI_over_av_sigmaI         19.625 
_reflns.pdbx_netI_over_sigmaI            27.700 
_reflns.pdbx_res_netI_over_av_sigmaI_2   ? 
_reflns.pdbx_res_netI_over_sigmaI_2      ? 
_reflns.pdbx_chi_squared                 ? 
_reflns.pdbx_scaling_rejects             ? 
_reflns.pdbx_d_res_high_opt              ? 
_reflns.pdbx_d_res_low_opt               ? 
_reflns.pdbx_d_res_opt_method            ? 
_reflns.phase_calculation_details        ? 
_reflns.pdbx_Rrim_I_all                  0.027 
_reflns.pdbx_Rpim_I_all                  0.013 
_reflns.pdbx_d_opt                       ? 
_reflns.pdbx_number_measured_all         77481 
_reflns.pdbx_diffrn_id                   1 
_reflns.pdbx_ordinal                     1 
_reflns.pdbx_CC_half                     ? 
_reflns.pdbx_R_split                     ? 
# 
loop_
_reflns_shell.d_res_high 
_reflns_shell.d_res_low 
_reflns_shell.meanI_over_sigI_all 
_reflns_shell.meanI_over_sigI_obs 
_reflns_shell.number_measured_all 
_reflns_shell.number_measured_obs 
_reflns_shell.number_possible 
_reflns_shell.number_unique_all 
_reflns_shell.number_unique_obs 
_reflns_shell.percent_possible_all 
_reflns_shell.percent_possible_obs 
_reflns_shell.Rmerge_F_all 
_reflns_shell.Rmerge_F_obs 
_reflns_shell.Rmerge_I_all 
_reflns_shell.Rmerge_I_obs 
_reflns_shell.meanI_over_sigI_gt 
_reflns_shell.meanI_over_uI_all 
_reflns_shell.meanI_over_uI_gt 
_reflns_shell.number_measured_gt 
_reflns_shell.number_unique_gt 
_reflns_shell.percent_possible_gt 
_reflns_shell.Rmerge_F_gt 
_reflns_shell.Rmerge_I_gt 
_reflns_shell.pdbx_redundancy 
_reflns_shell.pdbx_Rsym_value 
_reflns_shell.pdbx_chi_squared 
_reflns_shell.pdbx_netI_over_sigmaI_all 
_reflns_shell.pdbx_netI_over_sigmaI_obs 
_reflns_shell.pdbx_Rrim_I_all 
_reflns_shell.pdbx_Rpim_I_all 
_reflns_shell.pdbx_rejects 
_reflns_shell.pdbx_ordinal 
_reflns_shell.pdbx_diffrn_id 
_reflns_shell.pdbx_CC_half 
_reflns_shell.pdbx_R_split 
1.280 1.350  ? 2.7  4520  ? ? 1948 ? 63.000 ? ? ? 0.355 0.285 ? ? ? ? ? ? ? ? 2.300 0.285 ? ? 3.000  0.355 0.205 ? 1  1 ? ? 
1.350 1.430  ? 3.8  7991  ? ? 2521 ? 85.900 ? ? ? 0.241 0.203 ? ? ? ? ? ? ? ? 3.200 0.203 ? ? 5.100  0.241 0.126 ? 2  ? ? ? 
1.430 1.530  ? 5.2  11755 ? ? 2762 ? 99.700 ? ? ? 0.169 0.149 ? ? ? ? ? ? ? ? 4.300 0.149 ? ? 8.600  0.169 0.079 ? 3  ? ? ? 
1.530 1.650  ? 8.5  10713 ? ? 2568 ? 98.900 ? ? ? 0.103 0.090 ? ? ? ? ? ? ? ? 4.200 0.090 ? ? 13.300 0.103 0.049 ? 4  ? ? ? 
1.650 1.810  ? 13.5 10297 ? ? 2396 ? 99.900 ? ? ? 0.063 0.056 ? ? ? ? ? ? ? ? 4.300 0.056 ? ? 20.500 0.063 0.029 ? 5  ? ? ? 
1.810 2.020  ? 22.5 9014  ? ? 2166 ? 99.000 ? ? ? 0.036 0.032 ? ? ? ? ? ? ? ? 4.200 0.032 ? ? 34.200 0.036 0.017 ? 6  ? ? ? 
2.020 2.340  ? 29.9 8263  ? ? 1944 ? 99.900 ? ? ? 0.026 0.023 ? ? ? ? ? ? ? ? 4.300 0.023 ? ? 48.900 0.026 0.012 ? 7  ? ? ? 
2.340 2.860  ? 36.1 6797  ? ? 1631 ? 99.000 ? ? ? 0.021 0.018 ? ? ? ? ? ? ? ? 4.200 0.018 ? ? 59.900 0.021 0.010 ? 8  ? ? ? 
2.860 4.050  ? 37.7 5202  ? ? 1307 ? 99.000 ? ? ? 0.017 0.015 ? ? ? ? ? ? ? ? 4.000 0.015 ? ? 76.300 0.017 0.008 ? 9  ? ? ? 
4.050 32.461 ? 45.1 2929  ? ? 769  ? 98.200 ? ? ? 0.014 0.013 ? ? ? ? ? ? ? ? 3.800 0.013 ? ? 82.200 0.014 0.007 ? 10 ? ? ? 
# 
_refine.aniso_B[1][1]                            -0.5400 
_refine.aniso_B[1][2]                            0.0000 
_refine.aniso_B[1][3]                            0.0000 
_refine.aniso_B[2][2]                            -0.8900 
_refine.aniso_B[2][3]                            0.0000 
_refine.aniso_B[3][3]                            1.4300 
_refine.B_iso_max                                91.120 
_refine.B_iso_mean                               21.6503 
_refine.B_iso_min                                9.700 
_refine.correlation_coeff_Fo_to_Fc               0.9760 
_refine.correlation_coeff_Fo_to_Fc_free          0.9610 
_refine.details                                  '1. HYDROGENS HAVE BEEN ADDED IN THE RIDING POSITIONS.' 
_refine.diff_density_max                         ? 
_refine.diff_density_max_esd                     ? 
_refine.diff_density_min                         ? 
_refine.diff_density_min_esd                     ? 
_refine.diff_density_rms                         ? 
_refine.diff_density_rms_esd                     ? 
_refine.entry_id                                 4YUD 
_refine.pdbx_refine_id                           'X-RAY DIFFRACTION' 
_refine.ls_abs_structure_details                 ? 
_refine.ls_abs_structure_Flack                   ? 
_refine.ls_abs_structure_Flack_esd               ? 
_refine.ls_abs_structure_Rogers                  ? 
_refine.ls_abs_structure_Rogers_esd              ? 
_refine.ls_d_res_high                            1.2800 
_refine.ls_d_res_low                             32.461 
_refine.ls_extinction_coef                       ? 
_refine.ls_extinction_coef_esd                   ? 
_refine.ls_extinction_expression                 ? 
_refine.ls_extinction_method                     ? 
_refine.ls_goodness_of_fit_all                   ? 
_refine.ls_goodness_of_fit_all_esd               ? 
_refine.ls_goodness_of_fit_obs                   ? 
_refine.ls_goodness_of_fit_obs_esd               ? 
_refine.ls_hydrogen_treatment                    ? 
_refine.ls_matrix_type                           ? 
_refine.ls_number_constraints                    ? 
_refine.ls_number_parameters                     ? 
_refine.ls_number_reflns_all                     ? 
_refine.ls_number_reflns_obs                     19974 
_refine.ls_number_reflns_R_free                  1038 
_refine.ls_number_reflns_R_work                  18936 
_refine.ls_number_restraints                     ? 
_refine.ls_percent_reflns_obs                    92.1100 
_refine.ls_percent_reflns_R_free                 5.2000 
_refine.ls_R_factor_all                          ? 
_refine.ls_R_factor_obs                          0.1487 
_refine.ls_R_factor_R_free                       0.1942 
_refine.ls_R_factor_R_free_error                 ? 
_refine.ls_R_factor_R_free_error_details         ? 
_refine.ls_R_factor_R_work                       0.1463 
_refine.ls_R_Fsqd_factor_obs                     ? 
_refine.ls_R_I_factor_obs                        ? 
_refine.ls_redundancy_reflns_all                 ? 
_refine.ls_redundancy_reflns_obs                 ? 
_refine.ls_restrained_S_all                      ? 
_refine.ls_restrained_S_obs                      ? 
_refine.ls_shift_over_esd_max                    ? 
_refine.ls_shift_over_esd_mean                   ? 
_refine.ls_structure_factor_coef                 ? 
_refine.ls_weighting_details                     ? 
_refine.ls_weighting_scheme                      ? 
_refine.ls_wR_factor_all                         ? 
_refine.ls_wR_factor_obs                         ? 
_refine.ls_wR_factor_R_free                      ? 
_refine.ls_wR_factor_R_work                      ? 
_refine.occupancy_max                            1.000 
_refine.occupancy_min                            0.330 
_refine.solvent_model_details                    'BABINET MODEL WITH MASK' 
_refine.solvent_model_param_bsol                 ? 
_refine.solvent_model_param_ksol                 ? 
_refine.ls_R_factor_gt                           ? 
_refine.ls_goodness_of_fit_gt                    ? 
_refine.ls_goodness_of_fit_ref                   ? 
_refine.ls_shift_over_su_max                     ? 
_refine.ls_shift_over_su_max_lt                  ? 
_refine.ls_shift_over_su_mean                    ? 
_refine.ls_shift_over_su_mean_lt                 ? 
_refine.pdbx_ls_sigma_I                          ? 
_refine.pdbx_ls_sigma_F                          0.000 
_refine.pdbx_ls_sigma_Fsqd                       ? 
_refine.pdbx_data_cutoff_high_absF               ? 
_refine.pdbx_data_cutoff_high_rms_absF           ? 
_refine.pdbx_data_cutoff_low_absF                ? 
_refine.pdbx_isotropic_thermal_model             ? 
_refine.pdbx_ls_cross_valid_method               THROUGHOUT 
_refine.pdbx_method_to_determine_struct          'MOLECULAR REPLACEMENT' 
_refine.pdbx_starting_model                      2CQ4 
_refine.pdbx_stereochemistry_target_values       'MAXIMUM LIKELIHOOD' 
_refine.pdbx_R_Free_selection_details            RANDOM 
_refine.pdbx_stereochem_target_val_spec_case     ? 
_refine.pdbx_overall_ESU_R                       0.0540 
_refine.pdbx_overall_ESU_R_Free                  0.0550 
_refine.pdbx_solvent_vdw_probe_radii             1.4000 
_refine.pdbx_solvent_ion_probe_radii             0.8000 
_refine.pdbx_solvent_shrinkage_radii             0.8000 
_refine.pdbx_real_space_R                        ? 
_refine.pdbx_density_correlation                 ? 
_refine.pdbx_pd_number_of_powder_patterns        ? 
_refine.pdbx_pd_number_of_points                 ? 
_refine.pdbx_pd_meas_number_of_points            ? 
_refine.pdbx_pd_proc_ls_prof_R_factor            ? 
_refine.pdbx_pd_proc_ls_prof_wR_factor           ? 
_refine.pdbx_pd_Marquardt_correlation_coeff      ? 
_refine.pdbx_pd_Fsqrd_R_factor                   ? 
_refine.pdbx_pd_ls_matrix_band_width             ? 
_refine.pdbx_overall_phase_error                 ? 
_refine.pdbx_overall_SU_R_free_Cruickshank_DPI   ? 
_refine.pdbx_overall_SU_R_free_Blow_DPI          ? 
_refine.pdbx_overall_SU_R_Blow_DPI               ? 
_refine.pdbx_TLS_residual_ADP_flag               ? 
_refine.pdbx_diffrn_id                           1 
_refine.overall_SU_B                             1.8250 
_refine.overall_SU_ML                            0.0350 
_refine.overall_SU_R_Cruickshank_DPI             ? 
_refine.overall_SU_R_free                        ? 
_refine.overall_FOM_free_R_set                   ? 
_refine.overall_FOM_work_R_set                   ? 
_refine.pdbx_average_fsc_overall                 ? 
_refine.pdbx_average_fsc_work                    ? 
_refine.pdbx_average_fsc_free                    ? 
# 
_refine_hist.pdbx_refine_id                   'X-RAY DIFFRACTION' 
_refine_hist.cycle_id                         LAST 
_refine_hist.pdbx_number_atoms_protein        666 
_refine_hist.pdbx_number_atoms_nucleic_acid   0 
_refine_hist.pdbx_number_atoms_ligand         0 
_refine_hist.number_atoms_solvent             117 
_refine_hist.number_atoms_total               783 
_refine_hist.d_res_high                       1.2800 
_refine_hist.d_res_low                        32.461 
# 
loop_
_refine_ls_restr.pdbx_refine_id 
_refine_ls_restr.criterion 
_refine_ls_restr.dev_ideal 
_refine_ls_restr.dev_ideal_target 
_refine_ls_restr.number 
_refine_ls_restr.rejects 
_refine_ls_restr.type 
_refine_ls_restr.weight 
_refine_ls_restr.pdbx_restraint_function 
'X-RAY DIFFRACTION' ? 0.015  0.022  741  ? r_bond_refined_d       ? ? 
'X-RAY DIFFRACTION' ? 0.003  0.020  536  ? r_bond_other_d         ? ? 
'X-RAY DIFFRACTION' ? 1.698  1.972  1011 ? r_angle_refined_deg    ? ? 
'X-RAY DIFFRACTION' ? 0.887  3.000  1299 ? r_angle_other_deg      ? ? 
'X-RAY DIFFRACTION' ? 4.455  5.000  102  ? r_dihedral_angle_1_deg ? ? 
'X-RAY DIFFRACTION' ? 26.951 22.162 37   ? r_dihedral_angle_2_deg ? ? 
'X-RAY DIFFRACTION' ? 10.413 15.000 138  ? r_dihedral_angle_3_deg ? ? 
'X-RAY DIFFRACTION' ? 16.028 15.000 12   ? r_dihedral_angle_4_deg ? ? 
'X-RAY DIFFRACTION' ? 0.096  0.200  117  ? r_chiral_restr         ? ? 
'X-RAY DIFFRACTION' ? 0.007  0.021  845  ? r_gen_planes_refined   ? ? 
'X-RAY DIFFRACTION' ? 0.001  0.020  163  ? r_gen_planes_other     ? ? 
'X-RAY DIFFRACTION' ? 2.968  3.000  461  ? r_mcbond_it            ? ? 
'X-RAY DIFFRACTION' ? 1.595  3.000  185  ? r_mcbond_other         ? ? 
'X-RAY DIFFRACTION' ? 4.450  5.000  755  ? r_mcangle_it           ? ? 
'X-RAY DIFFRACTION' ? 4.776  8.000  280  ? r_scbond_it            ? ? 
'X-RAY DIFFRACTION' ? 6.737  11.000 248  ? r_scangle_it           ? ? 
'X-RAY DIFFRACTION' ? 2.005  3.000  1277 ? r_rigid_bond_restr     ? ? 
'X-RAY DIFFRACTION' ? 8.260  3.000  121  ? r_sphericity_free      ? ? 
'X-RAY DIFFRACTION' ? 4.145  3.000  1261 ? r_sphericity_bonded    ? ? 
# 
_refine_ls_shell.pdbx_refine_id                   'X-RAY DIFFRACTION' 
_refine_ls_shell.d_res_high                       1.2800 
_refine_ls_shell.d_res_low                        1.3130 
_refine_ls_shell.number_reflns_all                856 
_refine_ls_shell.number_reflns_obs                ? 
_refine_ls_shell.number_reflns_R_free             38 
_refine_ls_shell.number_reflns_R_work             818 
_refine_ls_shell.percent_reflns_obs               54.9100 
_refine_ls_shell.percent_reflns_R_free            ? 
_refine_ls_shell.R_factor_all                     ? 
_refine_ls_shell.R_factor_obs                     ? 
_refine_ls_shell.R_factor_R_free                  0.2910 
_refine_ls_shell.R_factor_R_free_error            ? 
_refine_ls_shell.R_factor_R_work                  0.2080 
_refine_ls_shell.redundancy_reflns_all            ? 
_refine_ls_shell.redundancy_reflns_obs            ? 
_refine_ls_shell.wR_factor_all                    ? 
_refine_ls_shell.wR_factor_obs                    ? 
_refine_ls_shell.wR_factor_R_free                 ? 
_refine_ls_shell.wR_factor_R_work                 ? 
_refine_ls_shell.pdbx_total_number_of_bins_used   20 
_refine_ls_shell.pdbx_phase_error                 ? 
_refine_ls_shell.pdbx_fsc_work                    ? 
_refine_ls_shell.pdbx_fsc_free                    ? 
# 
_struct.entry_id                     4YUD 
_struct.title                        
'Crystal structure of a RNA binding motif protein 39 (RBM39) from Homo sapiens at 1.28 A resolution' 
_struct.pdbx_model_details           ? 
_struct.pdbx_formula_weight          ? 
_struct.pdbx_formula_weight_method   ? 
_struct.pdbx_model_type_details      ? 
_struct.pdbx_CASP_flag               ? 
# 
_struct_keywords.entry_id        4YUD 
_struct_keywords.text            
;RNA recognition domain, RNP-1, PF00076 family, Structural Genomics, Joint Center for Structural Genomics, JCSG, Protein Structure Initiative, PSI-BIOLOGY, RNA BINDING PROTEIN, PARTNERSHIP FOR T-CELL BIOLOGY, TCELL
;
_struct_keywords.pdbx_keywords   'RNA BINDING PROTEIN' 
# 
loop_
_struct_asym.id 
_struct_asym.pdbx_blank_PDB_chainid_flag 
_struct_asym.pdbx_modified 
_struct_asym.entity_id 
_struct_asym.details 
A N N 1 ? 
B N N 2 ? 
# 
loop_
_struct_conf.conf_type_id 
_struct_conf.id 
_struct_conf.pdbx_PDB_helix_id 
_struct_conf.beg_label_comp_id 
_struct_conf.beg_label_asym_id 
_struct_conf.beg_label_seq_id 
_struct_conf.pdbx_beg_PDB_ins_code 
_struct_conf.end_label_comp_id 
_struct_conf.end_label_asym_id 
_struct_conf.end_label_seq_id 
_struct_conf.pdbx_end_PDB_ins_code 
_struct_conf.beg_auth_comp_id 
_struct_conf.beg_auth_asym_id 
_struct_conf.beg_auth_seq_id 
_struct_conf.end_auth_comp_id 
_struct_conf.end_auth_asym_id 
_struct_conf.end_auth_seq_id 
_struct_conf.pdbx_PDB_helix_class 
_struct_conf.details 
_struct_conf.pdbx_PDB_helix_length 
HELX_P HELX_P1 AA1 THR A 4  ? ALA A 10 ? THR A 146 ALA A 152 1 ? 7  
HELX_P HELX_P2 AA2 ARG A 23 ? SER A 32 ? ARG A 165 SER A 174 1 ? 10 
HELX_P HELX_P3 AA3 SER A 63 ? GLY A 70 ? SER A 205 GLY A 212 1 ? 8  
# 
_struct_conf_type.id          HELX_P 
_struct_conf_type.criteria    ? 
_struct_conf_type.reference   ? 
# 
loop_
_struct_sheet.id 
_struct_sheet.type 
_struct_sheet.number_strands 
_struct_sheet.details 
AA1 ? 4 ? 
AA2 ? 2 ? 
# 
loop_
_struct_sheet_order.sheet_id 
_struct_sheet_order.range_id_1 
_struct_sheet_order.range_id_2 
_struct_sheet_order.offset 
_struct_sheet_order.sense 
AA1 1 2 ? anti-parallel 
AA1 2 3 ? anti-parallel 
AA1 3 4 ? anti-parallel 
AA2 1 2 ? anti-parallel 
# 
loop_
_struct_sheet_range.sheet_id 
_struct_sheet_range.id 
_struct_sheet_range.beg_label_comp_id 
_struct_sheet_range.beg_label_asym_id 
_struct_sheet_range.beg_label_seq_id 
_struct_sheet_range.pdbx_beg_PDB_ins_code 
_struct_sheet_range.end_label_comp_id 
_struct_sheet_range.end_label_asym_id 
_struct_sheet_range.end_label_seq_id 
_struct_sheet_range.pdbx_end_PDB_ins_code 
_struct_sheet_range.beg_auth_comp_id 
_struct_sheet_range.beg_auth_asym_id 
_struct_sheet_range.beg_auth_seq_id 
_struct_sheet_range.end_auth_comp_id 
_struct_sheet_range.end_auth_asym_id 
_struct_sheet_range.end_auth_seq_id 
AA1 1 VAL A 37 ? MET A 42 ? VAL A 179 MET A 184 
AA1 2 GLY A 53 ? PHE A 59 ? GLY A 195 PHE A 201 
AA1 3 THR A 12 ? LEU A 18 ? THR A 154 LEU A 160 
AA1 4 ILE A 82 ? ALA A 85 ? ILE A 224 ALA A 227 
AA2 1 ARG A 75 ? VAL A 76 ? ARG A 217 VAL A 218 
AA2 2 VAL A 79 ? PRO A 80 ? VAL A 221 PRO A 222 
# 
loop_
_pdbx_struct_sheet_hbond.sheet_id 
_pdbx_struct_sheet_hbond.range_id_1 
_pdbx_struct_sheet_hbond.range_id_2 
_pdbx_struct_sheet_hbond.range_1_label_atom_id 
_pdbx_struct_sheet_hbond.range_1_label_comp_id 
_pdbx_struct_sheet_hbond.range_1_label_asym_id 
_pdbx_struct_sheet_hbond.range_1_label_seq_id 
_pdbx_struct_sheet_hbond.range_1_PDB_ins_code 
_pdbx_struct_sheet_hbond.range_1_auth_atom_id 
_pdbx_struct_sheet_hbond.range_1_auth_comp_id 
_pdbx_struct_sheet_hbond.range_1_auth_asym_id 
_pdbx_struct_sheet_hbond.range_1_auth_seq_id 
_pdbx_struct_sheet_hbond.range_2_label_atom_id 
_pdbx_struct_sheet_hbond.range_2_label_comp_id 
_pdbx_struct_sheet_hbond.range_2_label_asym_id 
_pdbx_struct_sheet_hbond.range_2_label_seq_id 
_pdbx_struct_sheet_hbond.range_2_PDB_ins_code 
_pdbx_struct_sheet_hbond.range_2_auth_atom_id 
_pdbx_struct_sheet_hbond.range_2_auth_comp_id 
_pdbx_struct_sheet_hbond.range_2_auth_asym_id 
_pdbx_struct_sheet_hbond.range_2_auth_seq_id 
AA1 1 2 N ASP A 39 ? N ASP A 181 O GLU A 58 ? O GLU A 200 
AA1 2 3 O ALA A 55 ? O ALA A 197 N CYS A 15 ? N CYS A 157 
AA1 3 4 N PHE A 14 ? N PHE A 156 O GLN A 84 ? O GLN A 226 
AA2 1 2 N VAL A 76 ? N VAL A 218 O VAL A 79 ? O VAL A 221 
# 
_atom_sites.entry_id                    4YUD 
_atom_sites.fract_transf_matrix[1][1]   0.00276008 
_atom_sites.fract_transf_matrix[1][2]   0.00124444 
_atom_sites.fract_transf_matrix[1][3]   0.01114715 
_atom_sites.fract_transf_matrix[2][1]   -0.03382983 
_atom_sites.fract_transf_matrix[2][2]   -0.01269745 
_atom_sites.fract_transf_matrix[2][3]   0.00979393 
_atom_sites.fract_transf_matrix[3][1]   0.01015231 
_atom_sites.fract_transf_matrix[3][2]   -0.02668951 
_atom_sites.fract_transf_matrix[3][3]   0.00046580 
_atom_sites.fract_transf_vector[1]      0.195070 
_atom_sites.fract_transf_vector[2]      0.140816 
_atom_sites.fract_transf_vector[3]      0.260953 
# 
loop_
_atom_type.symbol 
C 
N 
O 
S 
# 
loop_
_atom_site.group_PDB 
_atom_site.id 
_atom_site.type_symbol 
_atom_site.label_atom_id 
_atom_site.label_alt_id 
_atom_site.label_comp_id 
_atom_site.label_asym_id 
_atom_site.label_entity_id 
_atom_site.label_seq_id 
_atom_site.pdbx_PDB_ins_code 
_atom_site.Cartn_x 
_atom_site.Cartn_y 
_atom_site.Cartn_z 
_atom_site.occupancy 
_atom_site.B_iso_or_equiv 
_atom_site.pdbx_formal_charge 
_atom_site.auth_seq_id 
_atom_site.auth_comp_id 
_atom_site.auth_asym_id 
_atom_site.auth_atom_id 
_atom_site.pdbx_PDB_model_num 
ATOM   1   N N   . GLY A 1 1  ? -19.928 -0.860  -12.522 1.00 38.86 ? 0   GLY A N   1 
ATOM   2   C CA  . GLY A 1 1  ? -19.195 -0.116  -11.463 1.00 40.26 ? 0   GLY A CA  1 
ATOM   3   C C   . GLY A 1 1  ? -18.535 -1.047  -10.444 1.00 38.52 ? 0   GLY A C   1 
ATOM   4   O O   . GLY A 1 1  ? -17.515 -0.695  -9.828  1.00 40.13 ? 0   GLY A O   1 
ATOM   5   N N   . ASN A 1 2  ? -19.124 -2.235  -10.271 1.00 34.19 ? 144 ASN A N   1 
ATOM   6   C CA  . ASN A 1 2  ? -18.635 -3.223  -9.328  1.00 29.69 ? 144 ASN A CA  1 
ATOM   7   C C   . ASN A 1 2  ? -17.581 -4.158  -9.903  1.00 25.36 ? 144 ASN A C   1 
ATOM   8   O O   . ASN A 1 2  ? -17.807 -4.896  -10.873 1.00 28.54 ? 144 ASN A O   1 
ATOM   9   C CB  . ASN A 1 2  ? -19.787 -4.101  -8.833  1.00 30.78 ? 144 ASN A CB  1 
ATOM   10  C CG  . ASN A 1 2  ? -20.797 -3.345  -7.989  1.00 36.13 ? 144 ASN A CG  1 
ATOM   11  O OD1 . ASN A 1 2  ? -20.433 -2.590  -7.088  1.00 41.84 ? 144 ASN A OD1 1 
ATOM   12  N ND2 . ASN A 1 2  ? -22.072 -3.573  -8.256  1.00 41.24 ? 144 ASN A ND2 1 
ATOM   13  N N   . LEU A 1 3  ? -16.392 -4.101  -9.350  1.00 19.98 ? 145 LEU A N   1 
ATOM   14  C CA  . LEU A 1 3  ? -15.381 -5.080  -9.677  1.00 16.93 ? 145 LEU A CA  1 
ATOM   15  C C   . LEU A 1 3  ? -15.571 -6.302  -8.788  1.00 13.71 ? 145 LEU A C   1 
ATOM   16  O O   . LEU A 1 3  ? -15.991 -6.196  -7.623  1.00 17.17 ? 145 LEU A O   1 
ATOM   17  C CB  . LEU A 1 3  ? -13.965 -4.539  -9.445  1.00 17.01 ? 145 LEU A CB  1 
ATOM   18  C CG  . LEU A 1 3  ? -13.513 -3.375  -10.324 1.00 18.58 ? 145 LEU A CG  1 
ATOM   19  C CD1 . LEU A 1 3  ? -12.119 -2.874  -9.865  1.00 21.70 ? 145 LEU A CD1 1 
ATOM   20  C CD2 . LEU A 1 3  ? -13.517 -3.757  -11.821 1.00 22.18 ? 145 LEU A CD2 1 
ATOM   21  N N   . THR A 1 4  ? -15.258 -7.470  -9.309  1.00 13.30 ? 146 THR A N   1 
ATOM   22  C CA  . THR A 1 4  ? -15.279 -8.685  -8.506  1.00 13.24 ? 146 THR A CA  1 
ATOM   23  C C   . THR A 1 4  ? -14.133 -8.635  -7.474  1.00 12.38 ? 146 THR A C   1 
ATOM   24  O O   . THR A 1 4  ? -13.174 -7.862  -7.632  1.00 12.56 ? 146 THR A O   1 
ATOM   25  C CB  . THR A 1 4  ? -15.128 -9.951  -9.347  1.00 13.78 ? 146 THR A CB  1 
ATOM   26  O OG1 . THR A 1 4  ? -13.786 -10.002 -9.823  1.00 14.69 ? 146 THR A OG1 1 
ATOM   27  C CG2 . THR A 1 4  ? -16.137 -9.993  -10.511 1.00 15.90 ? 146 THR A CG2 1 
ATOM   28  N N   . PRO A 1 5  ? -14.185 -9.493  -6.433  1.00 13.07 ? 147 PRO A N   1 
ATOM   29  C CA  . PRO A 1 5  ? -13.085 -9.483  -5.464  1.00 13.64 ? 147 PRO A CA  1 
ATOM   30  C C   . PRO A 1 5  ? -11.752 -9.793  -6.142  1.00 13.92 ? 147 PRO A C   1 
ATOM   31  O O   . PRO A 1 5  ? -10.717 -9.214  -5.784  1.00 13.05 ? 147 PRO A O   1 
ATOM   32  C CB  . PRO A 1 5  ? -13.526 -10.571 -4.465  1.00 15.22 ? 147 PRO A CB  1 
ATOM   33  C CG  . PRO A 1 5  ? -14.959 -10.578 -4.538  1.00 16.31 ? 147 PRO A CG  1 
ATOM   34  C CD  . PRO A 1 5  ? -15.330 -10.303 -5.950  1.00 15.63 ? 147 PRO A CD  1 
ATOM   35  N N   . GLU A 1 6  ? -11.769 -10.704 -7.104  1.00 13.04 ? 148 GLU A N   1 
ATOM   36  C CA  . GLU A 1 6  ? -10.578 -11.087 -7.805  1.00 12.97 ? 148 GLU A CA  1 
ATOM   37  C C   . GLU A 1 6  ? -10.024 -9.905  -8.656  1.00 12.05 ? 148 GLU A C   1 
ATOM   38  O O   . GLU A 1 6  ? -8.795  -9.669  -8.707  1.00 12.40 ? 148 GLU A O   1 
ATOM   39  C CB  . GLU A 1 6  ? -10.824 -12.323 -8.705  1.00 14.59 ? 148 GLU A CB  1 
ATOM   40  C CG  . GLU A 1 6  ? -11.098 -13.641 -7.977  1.00 19.82 ? 148 GLU A CG  1 
ATOM   41  C CD  . GLU A 1 6  ? -12.528 -13.823 -7.421  1.00 25.80 ? 148 GLU A CD  1 
ATOM   42  O OE1 . GLU A 1 6  ? -13.465 -12.977 -7.596  1.00 22.49 ? 148 GLU A OE1 1 
ATOM   43  O OE2 . GLU A 1 6  ? -12.694 -14.890 -6.791  1.00 30.77 ? 148 GLU A OE2 1 
ATOM   44  N N   . GLU A 1 7  ? -10.928 -9.131  -9.258  1.00 12.08 ? 149 GLU A N   1 
ATOM   45  C CA  . GLU A 1 7  ? -10.533 -7.970  -10.031 1.00 11.43 ? 149 GLU A CA  1 
ATOM   46  C C   . GLU A 1 7  ? -9.933  -6.898  -9.126  1.00 10.93 ? 149 GLU A C   1 
ATOM   47  O O   . GLU A 1 7  ? -8.962  -6.222  -9.492  1.00 11.48 ? 149 GLU A O   1 
ATOM   48  C CB  . GLU A 1 7  ? -11.696 -7.426  -10.829 1.00 11.89 ? 149 GLU A CB  1 
ATOM   49  C CG  . GLU A 1 7  ? -12.109 -8.370  -11.957 1.00 12.42 ? 149 GLU A CG  1 
ATOM   50  C CD  . GLU A 1 7  ? -13.438 -8.069  -12.588 1.00 13.00 ? 149 GLU A CD  1 
ATOM   51  O OE1 . GLU A 1 7  ? -14.191 -7.224  -12.060 1.00 14.29 ? 149 GLU A OE1 1 
ATOM   52  O OE2 . GLU A 1 7  ? -13.733 -8.672  -13.648 1.00 14.10 ? 149 GLU A OE2 1 
ATOM   53  N N   . ARG A 1 8  ? -10.515 -6.722  -7.938  1.00 11.51 ? 150 ARG A N   1 
ATOM   54  C CA  A ARG A 1 8  ? -9.939  -5.776  -6.986  0.67 11.35 ? 150 ARG A CA  1 
ATOM   55  C CA  B ARG A 1 8  ? -9.947  -5.791  -6.961  0.33 12.20 ? 150 ARG A CA  1 
ATOM   56  C C   . ARG A 1 8  ? -8.567  -6.282  -6.524  1.00 10.83 ? 150 ARG A C   1 
ATOM   57  O O   . ARG A 1 8  ? -7.621  -5.483  -6.427  1.00 11.91 ? 150 ARG A O   1 
ATOM   58  C CB  A ARG A 1 8  ? -10.867 -5.514  -5.796  0.67 13.75 ? 150 ARG A CB  1 
ATOM   59  C CB  B ARG A 1 8  ? -10.837 -5.632  -5.730  0.33 14.49 ? 150 ARG A CB  1 
ATOM   60  C CG  A ARG A 1 8  ? -12.172 -4.822  -6.158  0.67 14.68 ? 150 ARG A CG  1 
ATOM   61  C CG  B ARG A 1 8  ? -12.047 -4.722  -5.888  0.33 19.77 ? 150 ARG A CG  1 
ATOM   62  C CD  A ARG A 1 8  ? -12.909 -4.084  -4.939  0.67 17.19 ? 150 ARG A CD  1 
ATOM   63  C CD  B ARG A 1 8  ? -12.634 -4.444  -4.493  0.33 23.13 ? 150 ARG A CD  1 
ATOM   64  N NE  A ARG A 1 8  ? -14.167 -3.550  -5.437  0.67 17.43 ? 150 ARG A NE  1 
ATOM   65  N NE  B ARG A 1 8  ? -12.876 -5.722  -3.847  0.33 25.02 ? 150 ARG A NE  1 
ATOM   66  C CZ  A ARG A 1 8  ? -14.322 -2.400  -6.079  0.67 19.79 ? 150 ARG A CZ  1 
ATOM   67  C CZ  B ARG A 1 8  ? -12.984 -5.933  -2.545  0.33 23.53 ? 150 ARG A CZ  1 
ATOM   68  N NH1 A ARG A 1 8  ? -13.317 -1.527  -6.196  0.67 21.43 ? 150 ARG A NH1 1 
ATOM   69  N NH1 B ARG A 1 8  ? -12.878 -4.937  -1.661  0.33 25.93 ? 150 ARG A NH1 1 
ATOM   70  N NH2 A ARG A 1 8  ? -15.529 -2.104  -6.579  0.67 19.16 ? 150 ARG A NH2 1 
ATOM   71  N NH2 B ARG A 1 8  ? -13.185 -7.174  -2.148  0.33 13.73 ? 150 ARG A NH2 1 
ATOM   72  N N   . ASP A 1 9  ? -8.431  -7.575  -6.260  1.00 12.52 ? 151 ASP A N   1 
ATOM   73  C CA  . ASP A 1 9  ? -7.121  -8.125  -5.880  1.00 13.02 ? 151 ASP A CA  1 
ATOM   74  C C   . ASP A 1 9  ? -6.055  -7.795  -6.928  1.00 11.79 ? 151 ASP A C   1 
ATOM   75  O O   . ASP A 1 9  ? -4.922  -7.443  -6.583  1.00 13.27 ? 151 ASP A O   1 
ATOM   76  C CB  . ASP A 1 9  ? -7.114  -9.655  -5.753  1.00 14.50 ? 151 ASP A CB  1 
ATOM   77  C CG  . ASP A 1 9  ? -7.858  -10.182 -4.557  1.00 17.83 ? 151 ASP A CG  1 
ATOM   78  O OD1 . ASP A 1 9  ? -8.228  -9.415  -3.638  1.00 16.97 ? 151 ASP A OD1 1 
ATOM   79  O OD2 . ASP A 1 9  ? -8.058  -11.424 -4.588  1.00 19.19 ? 151 ASP A OD2 1 
ATOM   80  N N   . ALA A 1 10 ? -6.425  -7.889  -8.211  1.00 12.35 ? 152 ALA A N   1 
ATOM   81  C CA  . ALA A 1 10 ? -5.494  -7.658  -9.322  1.00 12.61 ? 152 ALA A CA  1 
ATOM   82  C C   . ALA A 1 10 ? -4.984  -6.211  -9.356  1.00 12.55 ? 152 ALA A C   1 
ATOM   83  O O   . ALA A 1 10 ? -3.994  -5.875  -10.026 1.00 14.53 ? 152 ALA A O   1 
ATOM   84  C CB  . ALA A 1 10 ? -6.174  -8.002  -10.612 1.00 13.38 ? 152 ALA A CB  1 
ATOM   85  N N   . ARG A 1 11 ? -5.692  -5.321  -8.668  1.00 10.27 ? 153 ARG A N   1 
ATOM   86  C CA  . ARG A 1 11 ? -5.388  -3.898  -8.558  1.00 10.98 ? 153 ARG A CA  1 
ATOM   87  C C   . ARG A 1 11 ? -4.804  -3.495  -7.201  1.00 11.13 ? 153 ARG A C   1 
ATOM   88  O O   . ARG A 1 11 ? -4.579  -2.320  -6.962  1.00 12.19 ? 153 ARG A O   1 
ATOM   89  C CB  . ARG A 1 11 ? -6.662  -3.067  -8.797  1.00 11.94 ? 153 ARG A CB  1 
ATOM   90  C CG  . ARG A 1 11 ? -7.096  -3.112  -10.287 1.00 12.15 ? 153 ARG A CG  1 
ATOM   91  C CD  . ARG A 1 11 ? -8.540  -2.707  -10.467 1.00 11.38 ? 153 ARG A CD  1 
ATOM   92  N NE  . ARG A 1 11 ? -8.914  -2.635  -11.876 1.00 13.18 ? 153 ARG A NE  1 
ATOM   93  C CZ  . ARG A 1 11 ? -9.182  -3.705  -12.613 1.00 11.96 ? 153 ARG A CZ  1 
ATOM   94  N NH1 . ARG A 1 11 ? -9.149  -4.929  -12.114 1.00 12.10 ? 153 ARG A NH1 1 
ATOM   95  N NH2 . ARG A 1 11 ? -9.415  -3.559  -13.899 1.00 13.91 ? 153 ARG A NH2 1 
ATOM   96  N N   . THR A 1 12 ? -4.551  -4.472  -6.328  1.00 10.59 ? 154 THR A N   1 
ATOM   97  C CA  . THR A 1 12 ? -4.179  -4.173  -4.949  1.00 11.56 ? 154 THR A CA  1 
ATOM   98  C C   . THR A 1 12 ? -2.784  -4.674  -4.643  1.00 9.91  ? 154 THR A C   1 
ATOM   99  O O   . THR A 1 12 ? -2.374  -5.762  -5.061  1.00 11.81 ? 154 THR A O   1 
ATOM   100 C CB  . THR A 1 12 ? -5.212  -4.798  -3.966  1.00 11.68 ? 154 THR A CB  1 
ATOM   101 O OG1 . THR A 1 12 ? -6.509  -4.299  -4.275  1.00 11.97 ? 154 THR A OG1 1 
ATOM   102 C CG2 . THR A 1 12 ? -4.933  -4.499  -2.523  1.00 12.91 ? 154 THR A CG2 1 
ATOM   103 N N   . VAL A 1 13 ? -2.064  -3.864  -3.880  1.00 10.59 ? 155 VAL A N   1 
ATOM   104 C CA  . VAL A 1 13 ? -0.781  -4.269  -3.307  1.00 10.41 ? 155 VAL A CA  1 
ATOM   105 C C   . VAL A 1 13 ? -0.949  -4.410  -1.786  1.00 10.28 ? 155 VAL A C   1 
ATOM   106 O O   . VAL A 1 13 ? -1.723  -3.695  -1.157  1.00 10.24 ? 155 VAL A O   1 
ATOM   107 C CB  . VAL A 1 13 ? 0.386   -3.307  -3.659  1.00 11.15 ? 155 VAL A CB  1 
ATOM   108 C CG1 . VAL A 1 13 ? 0.695   -3.379  -5.179  1.00 14.33 ? 155 VAL A CG1 1 
ATOM   109 C CG2 . VAL A 1 13 ? 0.124   -1.874  -3.170  1.00 11.64 ? 155 VAL A CG2 1 
ATOM   110 N N   . PHE A 1 14 ? -0.171  -5.335  -1.244  1.00 10.69 ? 156 PHE A N   1 
ATOM   111 C CA  . PHE A 1 14 ? -0.019  -5.568  0.188   1.00 9.70  ? 156 PHE A CA  1 
ATOM   112 C C   . PHE A 1 14 ? 1.317   -4.945  0.601   1.00 10.08 ? 156 PHE A C   1 
ATOM   113 O O   . PHE A 1 14 ? 2.354   -5.262  0.042   1.00 10.72 ? 156 PHE A O   1 
ATOM   114 C CB  . PHE A 1 14 ? -0.072  -7.048  0.466   1.00 10.45 ? 156 PHE A CB  1 
ATOM   115 C CG  . PHE A 1 14 ? 0.146   -7.429  1.909   1.00 11.56 ? 156 PHE A CG  1 
ATOM   116 C CD1 . PHE A 1 14 ? -0.724  -7.027  2.891   1.00 13.16 ? 156 PHE A CD1 1 
ATOM   117 C CD2 . PHE A 1 14 ? 1.264   -8.146  2.285   1.00 13.75 ? 156 PHE A CD2 1 
ATOM   118 C CE1 . PHE A 1 14 ? -0.490  -7.368  4.202   1.00 14.99 ? 156 PHE A CE1 1 
ATOM   119 C CE2 . PHE A 1 14 ? 1.461   -8.482  3.596   1.00 14.57 ? 156 PHE A CE2 1 
ATOM   120 C CZ  . PHE A 1 14 ? 0.599   -8.086  4.530   1.00 15.68 ? 156 PHE A CZ  1 
ATOM   121 N N   . CYS A 1 15 ? 1.240   -4.097  1.609   1.00 9.92  ? 157 CYS A N   1 
ATOM   122 C CA  . CYS A 1 15 ? 2.391   -3.341  2.111   1.00 10.11 ? 157 CYS A CA  1 
ATOM   123 C C   . CYS A 1 15 ? 2.754   -3.779  3.509   1.00 10.18 ? 157 CYS A C   1 
ATOM   124 O O   . CYS A 1 15 ? 1.872   -3.986  4.345   1.00 11.30 ? 157 CYS A O   1 
ATOM   125 C CB  . CYS A 1 15 ? 2.080   -1.836  2.128   1.00 10.19 ? 157 CYS A CB  1 
ATOM   126 S SG  . CYS A 1 15 ? 1.617   -1.119  0.570   1.00 12.96 ? 157 CYS A SG  1 
ATOM   127 N N   . MET A 1 16 ? 4.043   -3.935  3.728   1.00 10.64 ? 158 MET A N   1 
ATOM   128 C CA  . MET A 1 16 ? 4.614   -4.314  4.995   1.00 10.85 ? 158 MET A CA  1 
ATOM   129 C C   . MET A 1 16 ? 5.717   -3.324  5.383   1.00 10.52 ? 158 MET A C   1 
ATOM   130 O O   . MET A 1 16 ? 6.154   -2.502  4.572   1.00 10.85 ? 158 MET A O   1 
ATOM   131 C CB  . MET A 1 16 ? 5.237   -5.722  4.900   1.00 15.23 ? 158 MET A CB  1 
ATOM   132 C CG  . MET A 1 16 ? 4.254   -6.867  4.780   1.00 18.57 ? 158 MET A CG  1 
ATOM   133 S SD  . MET A 1 16 ? 5.177   -8.449  4.566   1.00 24.50 ? 158 MET A SD  1 
ATOM   134 C CE  . MET A 1 16 ? 6.505   -8.361  5.809   1.00 31.01 ? 158 MET A CE  1 
ATOM   135 N N   . GLN A 1 17 ? 6.183   -3.470  6.619   1.00 11.63 ? 159 GLN A N   1 
ATOM   136 C CA  . GLN A 1 17 ? 7.228   -2.644  7.194   1.00 12.69 ? 159 GLN A CA  1 
ATOM   137 C C   . GLN A 1 17 ? 6.843   -1.162  7.182   1.00 12.52 ? 159 GLN A C   1 
ATOM   138 O O   . GLN A 1 17 ? 7.628   -0.274  6.880   1.00 13.91 ? 159 GLN A O   1 
ATOM   139 C CB  . GLN A 1 17 ? 8.565   -2.942  6.571   1.00 13.92 ? 159 GLN A CB  1 
ATOM   140 C CG  . GLN A 1 17 ? 9.724   -2.411  7.365   1.00 15.16 ? 159 GLN A CG  1 
ATOM   141 C CD  . GLN A 1 17 ? 10.953  -3.124  6.996   1.00 14.58 ? 159 GLN A CD  1 
ATOM   142 O OE1 . GLN A 1 17 ? 11.353  -4.080  7.675   1.00 18.45 ? 159 GLN A OE1 1 
ATOM   143 N NE2 . GLN A 1 17 ? 11.558  -2.735  5.880   1.00 14.80 ? 159 GLN A NE2 1 
ATOM   144 N N   . LEU A 1 18 ? 5.617   -0.902  7.621   1.00 12.69 ? 160 LEU A N   1 
ATOM   145 C CA  . LEU A 1 18 ? 5.135   0.471   7.732   1.00 12.61 ? 160 LEU A CA  1 
ATOM   146 C C   . LEU A 1 18 ? 5.456   1.021   9.132   1.00 14.71 ? 160 LEU A C   1 
ATOM   147 O O   . LEU A 1 18 ? 5.328   0.333   10.134  1.00 14.87 ? 160 LEU A O   1 
ATOM   148 C CB  . LEU A 1 18 ? 3.635   0.606   7.455   1.00 13.25 ? 160 LEU A CB  1 
ATOM   149 C CG  . LEU A 1 18 ? 3.177   0.061   6.089   1.00 11.74 ? 160 LEU A CG  1 
ATOM   150 C CD1 . LEU A 1 18 ? 1.677   0.171   5.968   1.00 13.55 ? 160 LEU A CD1 1 
ATOM   151 C CD2 . LEU A 1 18 ? 3.882   0.840   4.975   1.00 12.90 ? 160 LEU A CD2 1 
ATOM   152 N N   . ALA A 1 19 ? 5.894   2.272   9.164   1.00 14.91 ? 161 ALA A N   1 
ATOM   153 C CA  . ALA A 1 19 ? 6.121   3.006   10.412  1.00 16.10 ? 161 ALA A CA  1 
ATOM   154 C C   . ALA A 1 19 ? 4.878   2.960   11.284  1.00 18.65 ? 161 ALA A C   1 
ATOM   155 O O   . ALA A 1 19 ? 3.744   3.002   10.786  1.00 18.83 ? 161 ALA A O   1 
ATOM   156 C CB  . ALA A 1 19 ? 6.467   4.413   10.105  1.00 18.25 ? 161 ALA A CB  1 
ATOM   157 N N   . ALA A 1 20 ? 5.105   2.864   12.594  1.00 21.91 ? 162 ALA A N   1 
ATOM   158 C CA  . ALA A 1 20 ? 4.021   2.859   13.580  1.00 25.51 ? 162 ALA A CA  1 
ATOM   159 C C   . ALA A 1 20 ? 3.036   4.023   13.425  1.00 24.24 ? 162 ALA A C   1 
ATOM   160 O O   . ALA A 1 20 ? 1.826   3.846   13.602  1.00 27.21 ? 162 ALA A O   1 
ATOM   161 C CB  . ALA A 1 20 ? 4.605   2.875   15.015  1.00 27.30 ? 162 ALA A CB  1 
ATOM   162 N N   . ARG A 1 21 ? 3.549   5.209   13.079  1.00 23.53 ? 163 ARG A N   1 
ATOM   163 C CA  . ARG A 1 21 ? 2.729   6.422   12.980  1.00 24.46 ? 163 ARG A CA  1 
ATOM   164 C C   . ARG A 1 21 ? 2.102   6.644   11.598  1.00 23.33 ? 163 ARG A C   1 
ATOM   165 O O   . ARG A 1 21 ? 1.468   7.663   11.342  1.00 22.07 ? 163 ARG A O   1 
ATOM   166 C CB  . ARG A 1 21 ? 3.584   7.659   13.343  1.00 27.45 ? 163 ARG A CB  1 
ATOM   167 C CG  . ARG A 1 21 ? 4.530   8.189   12.237  1.00 33.81 ? 163 ARG A CG  1 
ATOM   168 C CD  . ARG A 1 21 ? 5.410   9.345   12.791  1.00 37.85 ? 163 ARG A CD  1 
ATOM   169 N NE  . ARG A 1 21 ? 6.377   9.858   11.814  1.00 37.61 ? 163 ARG A NE  1 
ATOM   170 C CZ  . ARG A 1 21 ? 7.487   9.214   11.446  1.00 39.97 ? 163 ARG A CZ  1 
ATOM   171 N NH1 . ARG A 1 21 ? 7.780   7.999   11.931  1.00 38.18 ? 163 ARG A NH1 1 
ATOM   172 N NH2 . ARG A 1 21 ? 8.306   9.771   10.560  1.00 42.55 ? 163 ARG A NH2 1 
ATOM   173 N N   . ILE A 1 22 ? 2.260   5.681   10.695  1.00 18.95 ? 164 ILE A N   1 
ATOM   174 C CA  . ILE A 1 22 ? 1.712   5.869   9.360   1.00 19.87 ? 164 ILE A CA  1 
ATOM   175 C C   . ILE A 1 22 ? 0.212   6.153   9.328   1.00 19.54 ? 164 ILE A C   1 
ATOM   176 O O   . ILE A 1 22 ? -0.523  5.663   10.178  1.00 20.46 ? 164 ILE A O   1 
ATOM   177 C CB  . ILE A 1 22 ? 2.065   4.662   8.469   1.00 20.20 ? 164 ILE A CB  1 
ATOM   178 C CG1 . ILE A 1 22 ? 1.864   5.062   7.002   1.00 24.10 ? 164 ILE A CG1 1 
ATOM   179 C CG2 . ILE A 1 22 ? 1.169   3.454   8.847   1.00 20.22 ? 164 ILE A CG2 1 
ATOM   180 C CD1 . ILE A 1 22 ? 2.868   4.632   6.046   1.00 21.24 ? 164 ILE A CD1 1 
ATOM   181 N N   . ARG A 1 23 ? -0.191  7.009   8.400   1.00 19.30 ? 165 ARG A N   1 
ATOM   182 C CA  A ARG A 1 23 ? -1.598  7.395   8.140   0.67 19.60 ? 165 ARG A CA  1 
ATOM   183 C CA  B ARG A 1 23 ? -1.607  7.281   8.188   0.33 21.05 ? 165 ARG A CA  1 
ATOM   184 C C   . ARG A 1 23 ? -1.981  6.990   6.729   1.00 19.59 ? 165 ARG A C   1 
ATOM   185 O O   . ARG A 1 23 ? -1.117  6.932   5.847   1.00 17.73 ? 165 ARG A O   1 
ATOM   186 C CB  A ARG A 1 23 ? -1.785  8.930   8.215   0.67 20.36 ? 165 ARG A CB  1 
ATOM   187 C CB  B ARG A 1 23 ? -1.943  8.705   8.632   0.33 23.37 ? 165 ARG A CB  1 
ATOM   188 C CG  A ARG A 1 23 ? -1.464  9.559   9.563   0.67 22.79 ? 165 ARG A CG  1 
ATOM   189 C CG  B ARG A 1 23 ? -1.744  8.897   10.145  0.33 29.21 ? 165 ARG A CG  1 
ATOM   190 C CD  A ARG A 1 23 ? -1.537  11.102  9.513   0.67 26.00 ? 165 ARG A CD  1 
ATOM   191 C CD  B ARG A 1 23 ? -1.802  10.357  10.556  0.33 32.17 ? 165 ARG A CD  1 
ATOM   192 N NE  A ARG A 1 23 ? -1.583  11.700  10.858  0.67 33.33 ? 165 ARG A NE  1 
ATOM   193 N NE  B ARG A 1 23 ? -3.085  10.986  10.256  0.33 33.93 ? 165 ARG A NE  1 
ATOM   194 C CZ  A ARG A 1 23 ? -0.521  12.031  11.592  0.67 34.87 ? 165 ARG A CZ  1 
ATOM   195 C CZ  B ARG A 1 23 ? -3.403  11.523  9.086   0.33 32.53 ? 165 ARG A CZ  1 
ATOM   196 N NH1 A ARG A 1 23 ? 0.718   11.845  11.143  0.67 31.23 ? 165 ARG A NH1 1 
ATOM   197 N NH1 B ARG A 1 23 ? -2.551  11.500  8.085   0.33 34.32 ? 165 ARG A NH1 1 
ATOM   198 N NH2 A ARG A 1 23 ? -0.709  12.557  12.799  0.67 37.50 ? 165 ARG A NH2 1 
ATOM   199 N NH2 B ARG A 1 23 ? -4.590  12.078  8.919   0.33 32.20 ? 165 ARG A NH2 1 
ATOM   200 N N   . PRO A 1 24 ? -3.290  6.758   6.455   1.00 19.08 ? 166 PRO A N   1 
ATOM   201 C CA  . PRO A 1 24 ? -3.675  6.441   5.074   1.00 20.39 ? 166 PRO A CA  1 
ATOM   202 C C   . PRO A 1 24 ? -3.213  7.518   4.087   1.00 17.35 ? 166 PRO A C   1 
ATOM   203 O O   . PRO A 1 24 ? -2.811  7.215   2.974   1.00 18.28 ? 166 PRO A O   1 
ATOM   204 C CB  . PRO A 1 24 ? -5.207  6.290   5.151   1.00 21.85 ? 166 PRO A CB  1 
ATOM   205 C CG  . PRO A 1 24 ? -5.443  5.911   6.537   1.00 22.82 ? 166 PRO A CG  1 
ATOM   206 C CD  . PRO A 1 24 ? -4.434  6.632   7.365   1.00 22.28 ? 166 PRO A CD  1 
ATOM   207 N N   . ARG A 1 25 ? -3.265  8.781   4.510   1.00 17.94 ? 167 ARG A N   1 
ATOM   208 C CA  . ARG A 1 25 ? -2.802  9.877   3.700   1.00 19.76 ? 167 ARG A CA  1 
ATOM   209 C C   . ARG A 1 25 ? -1.367  9.666   3.207   1.00 17.07 ? 167 ARG A C   1 
ATOM   210 O O   . ARG A 1 25 ? -1.031  9.998   2.079   1.00 17.97 ? 167 ARG A O   1 
ATOM   211 C CB  . ARG A 1 25 ? -2.922  11.202  4.506   1.00 21.75 ? 167 ARG A CB  1 
ATOM   212 C CG  . ARG A 1 25 ? -2.185  12.316  3.889   1.00 29.58 ? 167 ARG A CG  1 
ATOM   213 C CD  . ARG A 1 25 ? -2.332  13.636  4.608   1.00 37.41 ? 167 ARG A CD  1 
ATOM   214 N NE  . ARG A 1 25 ? -1.939  13.732  6.021   1.00 40.98 ? 167 ARG A NE  1 
ATOM   215 C CZ  . ARG A 1 25 ? -0.703  13.613  6.529   1.00 40.72 ? 167 ARG A CZ  1 
ATOM   216 N NH1 . ARG A 1 25 ? 0.330   13.211  5.790   1.00 44.13 ? 167 ARG A NH1 1 
ATOM   217 N NH2 . ARG A 1 25 ? -0.525  13.833  7.827   1.00 26.91 ? 167 ARG A NH2 1 
ATOM   218 N N   . ASP A 1 26 ? -0.521  9.124   4.070   1.00 17.56 ? 168 ASP A N   1 
ATOM   219 C CA  . ASP A 1 26 ? 0.866   8.896   3.702   1.00 15.78 ? 168 ASP A CA  1 
ATOM   220 C C   . ASP A 1 26 ? 1.013   7.889   2.544   1.00 13.89 ? 168 ASP A C   1 
ATOM   221 O O   . ASP A 1 26 ? 1.830   8.094   1.649   1.00 15.13 ? 168 ASP A O   1 
ATOM   222 C CB  . ASP A 1 26 ? 1.669   8.435   4.909   1.00 16.30 ? 168 ASP A CB  1 
ATOM   223 C CG  . ASP A 1 26 ? 1.652   9.448   6.040   1.00 16.35 ? 168 ASP A CG  1 
ATOM   224 O OD1 . ASP A 1 26 ? 1.914   10.632  5.753   1.00 21.84 ? 168 ASP A OD1 1 
ATOM   225 O OD2 . ASP A 1 26 ? 1.470   9.004   7.181   1.00 18.66 ? 168 ASP A OD2 1 
ATOM   226 N N   . LEU A 1 27 ? 0.190   6.850   2.567   1.00 14.42 ? 169 LEU A N   1 
ATOM   227 C CA  . LEU A 1 27 ? 0.179   5.849   1.514   1.00 14.00 ? 169 LEU A CA  1 
ATOM   228 C C   . LEU A 1 27 ? -0.460  6.375   0.241   1.00 15.64 ? 169 LEU A C   1 
ATOM   229 O O   . LEU A 1 27 ? 0.042   6.093   -0.865  1.00 16.07 ? 169 LEU A O   1 
ATOM   230 C CB  . LEU A 1 27 ? -0.506  4.582   1.996   1.00 15.05 ? 169 LEU A CB  1 
ATOM   231 C CG  . LEU A 1 27 ? 0.289   3.887   3.103   1.00 14.21 ? 169 LEU A CG  1 
ATOM   232 C CD1 . LEU A 1 27 ? -0.438  2.662   3.601   1.00 20.11 ? 169 LEU A CD1 1 
ATOM   233 C CD2 . LEU A 1 27 ? 1.708   3.496   2.662   1.00 18.85 ? 169 LEU A CD2 1 
ATOM   234 N N   . GLU A 1 28 ? -1.548  7.132   0.398   1.00 17.70 ? 170 GLU A N   1 
ATOM   235 C CA  A GLU A 1 28 ? -2.206  7.750   -0.755  0.33 20.06 ? 170 GLU A CA  1 
ATOM   236 C CA  B GLU A 1 28 ? -2.210  7.745   -0.752  0.67 20.48 ? 170 GLU A CA  1 
ATOM   237 C C   . GLU A 1 28 ? -1.193  8.604   -1.515  1.00 19.25 ? 170 GLU A C   1 
ATOM   238 O O   . GLU A 1 28 ? -1.049  8.516   -2.736  1.00 21.24 ? 170 GLU A O   1 
ATOM   239 C CB  A GLU A 1 28 ? -3.385  8.643   -0.315  0.33 21.70 ? 170 GLU A CB  1 
ATOM   240 C CB  B GLU A 1 28 ? -3.381  8.655   -0.306  0.67 22.67 ? 170 GLU A CB  1 
ATOM   241 C CG  A GLU A 1 28 ? -4.623  7.899   0.158   0.33 25.07 ? 170 GLU A CG  1 
ATOM   242 C CG  B GLU A 1 28 ? -4.550  7.990   0.395   0.67 26.79 ? 170 GLU A CG  1 
ATOM   243 C CD  A GLU A 1 28 ? -5.754  8.809   0.663   0.33 27.65 ? 170 GLU A CD  1 
ATOM   244 C CD  B GLU A 1 28 ? -5.544  8.969   1.067   0.67 30.74 ? 170 GLU A CD  1 
ATOM   245 O OE1 A GLU A 1 28 ? -5.493  9.769   1.435   0.33 24.17 ? 170 GLU A OE1 1 
ATOM   246 O OE1 B GLU A 1 28 ? -5.769  10.094  0.543   0.67 34.20 ? 170 GLU A OE1 1 
ATOM   247 O OE2 A GLU A 1 28 ? -6.918  8.521   0.309   0.33 29.06 ? 170 GLU A OE2 1 
ATOM   248 O OE2 B GLU A 1 28 ? -6.110  8.566   2.113   0.67 30.09 ? 170 GLU A OE2 1 
ATOM   249 N N   . GLU A 1 29 ? -0.458  9.411   -0.771  1.00 18.32 ? 171 GLU A N   1 
ATOM   250 C CA  A GLU A 1 29 ? 0.518   10.352  -1.352  0.50 18.89 ? 171 GLU A CA  1 
ATOM   251 C CA  B GLU A 1 29 ? 0.476   10.332  -1.379  0.50 18.65 ? 171 GLU A CA  1 
ATOM   252 C C   . GLU A 1 29 ? 1.681   9.621   -1.995  1.00 17.62 ? 171 GLU A C   1 
ATOM   253 O O   . GLU A 1 29 ? 2.087   9.931   -3.120  1.00 18.48 ? 171 GLU A O   1 
ATOM   254 C CB  A GLU A 1 29 ? 1.038   11.334  -0.284  0.50 19.53 ? 171 GLU A CB  1 
ATOM   255 C CB  B GLU A 1 29 ? 0.807   11.423  -0.363  0.50 18.83 ? 171 GLU A CB  1 
ATOM   256 C CG  A GLU A 1 29 ? 2.053   12.405  -0.776  0.50 22.54 ? 171 GLU A CG  1 
ATOM   257 C CG  B GLU A 1 29 ? -0.476  12.270  -0.093  0.50 19.74 ? 171 GLU A CG  1 
ATOM   258 C CD  A GLU A 1 29 ? 1.453   13.530  -1.652  0.50 27.40 ? 171 GLU A CD  1 
ATOM   259 C CD  B GLU A 1 29 ? -0.335  13.300  1.006   0.50 22.42 ? 171 GLU A CD  1 
ATOM   260 O OE1 A GLU A 1 29 ? 0.243   13.805  -1.574  0.50 30.14 ? 171 GLU A OE1 1 
ATOM   261 O OE1 B GLU A 1 29 ? 0.656   13.226  1.774   0.50 30.93 ? 171 GLU A OE1 1 
ATOM   262 O OE2 A GLU A 1 29 ? 2.213   14.171  -2.405  0.50 29.59 ? 171 GLU A OE2 1 
ATOM   263 O OE2 B GLU A 1 29 ? -1.245  14.177  1.084   0.50 20.41 ? 171 GLU A OE2 1 
ATOM   264 N N   . PHE A 1 30 ? 2.206   8.622   -1.293  1.00 15.56 ? 172 PHE A N   1 
ATOM   265 C CA  . PHE A 1 30 ? 3.334   7.869   -1.774  1.00 14.12 ? 172 PHE A CA  1 
ATOM   266 C C   . PHE A 1 30 ? 3.018   7.147   -3.101  1.00 14.70 ? 172 PHE A C   1 
ATOM   267 O O   . PHE A 1 30 ? 3.799   7.221   -4.065  1.00 16.63 ? 172 PHE A O   1 
ATOM   268 C CB  . PHE A 1 30 ? 3.773   6.880   -0.697  1.00 14.16 ? 172 PHE A CB  1 
ATOM   269 C CG  . PHE A 1 30 ? 4.916   6.062   -1.095  1.00 12.81 ? 172 PHE A CG  1 
ATOM   270 C CD1 . PHE A 1 30 ? 6.190   6.601   -1.167  1.00 15.33 ? 172 PHE A CD1 1 
ATOM   271 C CD2 . PHE A 1 30 ? 4.751   4.697   -1.357  1.00 13.08 ? 172 PHE A CD2 1 
ATOM   272 C CE1 . PHE A 1 30 ? 7.263   5.802   -1.523  1.00 14.21 ? 172 PHE A CE1 1 
ATOM   273 C CE2 . PHE A 1 30 ? 5.838   3.922   -1.690  1.00 12.93 ? 172 PHE A CE2 1 
ATOM   274 C CZ  . PHE A 1 30 ? 7.099   4.496   -1.799  1.00 12.75 ? 172 PHE A CZ  1 
ATOM   275 N N   . PHE A 1 31 ? 1.870   6.469   -3.143  1.00 15.16 ? 173 PHE A N   1 
ATOM   276 C CA  . PHE A 1 31 ? 1.517   5.675   -4.312  1.00 14.91 ? 173 PHE A CA  1 
ATOM   277 C C   . PHE A 1 31 ? 0.898   6.468   -5.471  1.00 16.30 ? 173 PHE A C   1 
ATOM   278 O O   . PHE A 1 31 ? 0.779   5.959   -6.573  1.00 17.83 ? 173 PHE A O   1 
ATOM   279 C CB  . PHE A 1 31 ? 0.630   4.501   -3.907  1.00 14.41 ? 173 PHE A CB  1 
ATOM   280 C CG  . PHE A 1 31 ? 1.370   3.438   -3.195  1.00 13.13 ? 173 PHE A CG  1 
ATOM   281 C CD1 . PHE A 1 31 ? 2.378   2.703   -3.837  1.00 12.88 ? 173 PHE A CD1 1 
ATOM   282 C CD2 . PHE A 1 31 ? 1.116   3.156   -1.858  1.00 13.42 ? 173 PHE A CD2 1 
ATOM   283 C CE1 . PHE A 1 31 ? 3.080   1.747   -3.159  1.00 12.00 ? 173 PHE A CE1 1 
ATOM   284 C CE2 . PHE A 1 31 ? 1.850   2.176   -1.197  1.00 12.82 ? 173 PHE A CE2 1 
ATOM   285 C CZ  . PHE A 1 31 ? 2.803   1.468   -1.867  1.00 12.29 ? 173 PHE A CZ  1 
ATOM   286 N N   . SER A 1 32 ? 0.530   7.721   -5.214  1.00 18.97 ? 174 SER A N   1 
ATOM   287 C CA  . SER A 1 32 ? -0.057  8.592   -6.246  1.00 19.28 ? 174 SER A CA  1 
ATOM   288 C C   . SER A 1 32 ? 0.878   8.810   -7.443  1.00 20.02 ? 174 SER A C   1 
ATOM   289 O O   . SER A 1 32 ? 0.412   9.175   -8.516  1.00 23.95 ? 174 SER A O   1 
ATOM   290 C CB  . SER A 1 32 ? -0.424  9.976   -5.662  1.00 22.29 ? 174 SER A CB  1 
ATOM   291 O OG  . SER A 1 32 ? 0.737   10.754  -5.395  1.00 26.05 ? 174 SER A OG  1 
ATOM   292 N N   . THR A 1 33 ? 2.171   8.582   -7.288  1.00 20.29 ? 175 THR A N   1 
ATOM   293 C CA  . THR A 1 33 ? 3.113   8.818   -8.360  1.00 23.68 ? 175 THR A CA  1 
ATOM   294 C C   . THR A 1 33 ? 3.106   7.687   -9.418  1.00 22.79 ? 175 THR A C   1 
ATOM   295 O O   . THR A 1 33 ? 3.658   7.849   -10.523 1.00 26.63 ? 175 THR A O   1 
ATOM   296 C CB  . THR A 1 33 ? 4.556   8.970   -7.777  1.00 24.28 ? 175 THR A CB  1 
ATOM   297 O OG1 . THR A 1 33 ? 4.963   7.740   -7.177  1.00 26.41 ? 175 THR A OG1 1 
ATOM   298 C CG2 . THR A 1 33 ? 4.606   10.063  -6.711  1.00 29.51 ? 175 THR A CG2 1 
ATOM   299 N N   . VAL A 1 34 ? 2.500   6.533   -9.089  1.00 19.43 ? 176 VAL A N   1 
ATOM   300 C CA  . VAL A 1 34 ? 2.442   5.390   -9.991  1.00 22.04 ? 176 VAL A CA  1 
ATOM   301 C C   . VAL A 1 34 ? 1.000   5.047   -10.423 1.00 23.04 ? 176 VAL A C   1 
ATOM   302 O O   . VAL A 1 34 ? 0.778   4.100   -11.200 1.00 27.03 ? 176 VAL A O   1 
ATOM   303 C CB  . VAL A 1 34 ? 3.146   4.151   -9.357  1.00 20.93 ? 176 VAL A CB  1 
ATOM   304 C CG1 . VAL A 1 34 ? 4.642   4.438   -9.125  1.00 23.03 ? 176 VAL A CG1 1 
ATOM   305 C CG2 . VAL A 1 34 ? 2.454   3.679   -8.048  1.00 22.88 ? 176 VAL A CG2 1 
ATOM   306 N N   . GLY A 1 35 ? 0.011   5.782   -9.951  1.00 20.96 ? 177 GLY A N   1 
ATOM   307 C CA  . GLY A 1 35 ? -1.349  5.505   -10.375 1.00 21.56 ? 177 GLY A CA  1 
ATOM   308 C C   . GLY A 1 35 ? -2.357  6.148   -9.493  1.00 21.02 ? 177 GLY A C   1 
ATOM   309 O O   . GLY A 1 35 ? -2.010  6.763   -8.509  1.00 26.16 ? 177 GLY A O   1 
ATOM   310 N N   . LYS A 1 36 ? -3.617  6.036   -9.867  1.00 21.90 ? 178 LYS A N   1 
ATOM   311 C CA  . LYS A 1 36 ? -4.696  6.619   -9.083  1.00 19.55 ? 178 LYS A CA  1 
ATOM   312 C C   . LYS A 1 36 ? -5.089  5.593   -8.026  1.00 17.98 ? 178 LYS A C   1 
ATOM   313 O O   . LYS A 1 36 ? -5.424  4.445   -8.351  1.00 20.09 ? 178 LYS A O   1 
ATOM   314 C CB  . LYS A 1 36 ? -5.897  7.014   -9.982  1.00 22.78 ? 178 LYS A CB  1 
ATOM   315 C CG  . LYS A 1 36 ? -7.157  7.515   -9.245  1.00 32.86 ? 178 LYS A CG  1 
ATOM   316 C CD  . LYS A 1 36 ? -6.920  8.706   -8.310  1.00 44.03 ? 178 LYS A CD  1 
ATOM   317 C CE  . LYS A 1 36 ? -8.168  8.990   -7.445  1.00 50.93 ? 178 LYS A CE  1 
ATOM   318 N NZ  . LYS A 1 36 ? -7.916  9.957   -6.329  1.00 55.16 ? 178 LYS A NZ  1 
ATOM   319 N N   . VAL A 1 37 ? -5.071  6.020   -6.782  1.00 18.60 ? 179 VAL A N   1 
ATOM   320 C CA  . VAL A 1 37 ? -5.386  5.141   -5.670  1.00 19.11 ? 179 VAL A CA  1 
ATOM   321 C C   . VAL A 1 37 ? -6.900  5.213   -5.437  1.00 22.46 ? 179 VAL A C   1 
ATOM   322 O O   . VAL A 1 37 ? -7.472  6.330   -5.320  1.00 26.95 ? 179 VAL A O   1 
ATOM   323 C CB  . VAL A 1 37 ? -4.592  5.574   -4.392  1.00 18.10 ? 179 VAL A CB  1 
ATOM   324 C CG1 . VAL A 1 37 ? -5.026  4.801   -3.131  1.00 18.10 ? 179 VAL A CG1 1 
ATOM   325 C CG2 . VAL A 1 37 ? -3.076  5.441   -4.642  1.00 21.30 ? 179 VAL A CG2 1 
ATOM   326 N N   . ARG A 1 38 ? -7.539  4.030   -5.381  1.00 19.40 ? 180 ARG A N   1 
ATOM   327 C CA  . ARG A 1 38 ? -8.998  3.894   -5.128  1.00 19.45 ? 180 ARG A CA  1 
ATOM   328 C C   . ARG A 1 38 ? -9.314  3.730   -3.634  1.00 19.27 ? 180 ARG A C   1 
ATOM   329 O O   . ARG A 1 38 ? -10.305 4.234   -3.139  1.00 23.82 ? 180 ARG A O   1 
ATOM   330 C CB  . ARG A 1 38 ? -9.546  2.669   -5.876  1.00 21.75 ? 180 ARG A CB  1 
ATOM   331 C CG  . ARG A 1 38 ? -11.088 2.458   -5.786  1.00 27.74 ? 180 ARG A CG  1 
ATOM   332 C CD  . ARG A 1 38 ? -11.798 2.828   -7.057  1.00 34.77 ? 180 ARG A CD  1 
ATOM   333 N NE  . ARG A 1 38 ? -11.522 1.818   -8.079  1.00 41.53 ? 180 ARG A NE  1 
ATOM   334 C CZ  . ARG A 1 38 ? -11.783 1.923   -9.388  1.00 44.73 ? 180 ARG A CZ  1 
ATOM   335 N NH1 . ARG A 1 38 ? -12.328 3.038   -9.889  1.00 43.36 ? 180 ARG A NH1 1 
ATOM   336 N NH2 . ARG A 1 38 ? -11.462 0.905   -10.208 1.00 40.61 ? 180 ARG A NH2 1 
ATOM   337 N N   . ASP A 1 39 ? -8.475  2.981   -2.905  1.00 16.19 ? 181 ASP A N   1 
ATOM   338 C CA  . ASP A 1 39 ? -8.729  2.720   -1.480  1.00 15.97 ? 181 ASP A CA  1 
ATOM   339 C C   . ASP A 1 39 ? -7.428  2.366   -0.763  1.00 14.20 ? 181 ASP A C   1 
ATOM   340 O O   . ASP A 1 39 ? -6.531  1.772   -1.369  1.00 15.65 ? 181 ASP A O   1 
ATOM   341 C CB  . ASP A 1 39 ? -9.702  1.525   -1.350  1.00 17.47 ? 181 ASP A CB  1 
ATOM   342 C CG  . ASP A 1 39 ? -10.365 1.355   0.054   1.00 21.34 ? 181 ASP A CG  1 
ATOM   343 O OD1 . ASP A 1 39 ? -10.389 2.261   0.896   1.00 28.63 ? 181 ASP A OD1 1 
ATOM   344 O OD2 . ASP A 1 39 ? -10.887 0.245   0.312   1.00 23.92 ? 181 ASP A OD2 1 
ATOM   345 N N   . VAL A 1 40 ? -7.338  2.769   0.499   1.00 14.29 ? 182 VAL A N   1 
ATOM   346 C CA  . VAL A 1 40 ? -6.260  2.395   1.406   1.00 12.55 ? 182 VAL A CA  1 
ATOM   347 C C   . VAL A 1 40 ? -6.877  1.802   2.643   1.00 14.45 ? 182 VAL A C   1 
ATOM   348 O O   . VAL A 1 40 ? -7.725  2.444   3.262   1.00 16.58 ? 182 VAL A O   1 
ATOM   349 C CB  . VAL A 1 40 ? -5.370  3.581   1.787   1.00 14.56 ? 182 VAL A CB  1 
ATOM   350 C CG1 . VAL A 1 40 ? -4.267  3.125   2.781   1.00 17.36 ? 182 VAL A CG1 1 
ATOM   351 C CG2 . VAL A 1 40 ? -4.779  4.237   0.516   1.00 16.06 ? 182 VAL A CG2 1 
ATOM   352 N N   . ARG A 1 41 ? -6.483  0.588   3.000   1.00 12.77 ? 183 ARG A N   1 
ATOM   353 C CA  . ARG A 1 41 ? -6.993  -0.073  4.206   1.00 13.40 ? 183 ARG A CA  1 
ATOM   354 C C   . ARG A 1 41 ? -5.841  -0.487  5.113   1.00 13.23 ? 183 ARG A C   1 
ATOM   355 O O   . ARG A 1 41 ? -5.041  -1.298  4.740   1.00 14.03 ? 183 ARG A O   1 
ATOM   356 C CB  . ARG A 1 41 ? -7.821  -1.326  3.836   1.00 13.51 ? 183 ARG A CB  1 
ATOM   357 C CG  . ARG A 1 41 ? -9.031  -1.007  2.962   1.00 14.96 ? 183 ARG A CG  1 
ATOM   358 C CD  . ARG A 1 41 ? -9.958  -2.201  2.786   1.00 17.59 ? 183 ARG A CD  1 
ATOM   359 N NE  . ARG A 1 41 ? -9.311  -3.301  2.068   1.00 18.17 ? 183 ARG A NE  1 
ATOM   360 C CZ  . ARG A 1 41 ? -9.149  -3.338  0.745   1.00 17.51 ? 183 ARG A CZ  1 
ATOM   361 N NH1 . ARG A 1 41 ? -9.573  -2.335  -0.036  1.00 21.68 ? 183 ARG A NH1 1 
ATOM   362 N NH2 . ARG A 1 41 ? -8.560  -4.401  0.196   1.00 18.18 ? 183 ARG A NH2 1 
ATOM   363 N N   . MET A 1 42 ? -5.737  0.129   6.288   1.00 16.56 ? 184 MET A N   1 
ATOM   364 C CA  A MET A 1 42 ? -4.718  -0.261  7.269   0.50 18.79 ? 184 MET A CA  1 
ATOM   365 C CA  B MET A 1 42 ? -4.726  -0.277  7.289   0.50 19.23 ? 184 MET A CA  1 
ATOM   366 C C   . MET A 1 42 ? -5.218  -1.573  7.880   1.00 23.63 ? 184 MET A C   1 
ATOM   367 O O   . MET A 1 42 ? -6.381  -1.683  8.221   1.00 28.42 ? 184 MET A O   1 
ATOM   368 C CB  A MET A 1 42 ? -4.584  0.828   8.331   0.50 19.17 ? 184 MET A CB  1 
ATOM   369 C CB  B MET A 1 42 ? -4.620  0.739   8.415   0.50 19.86 ? 184 MET A CB  1 
ATOM   370 C CG  A MET A 1 42 ? -4.532  2.249   7.755   0.50 18.72 ? 184 MET A CG  1 
ATOM   371 C CG  B MET A 1 42 ? -4.071  2.054   7.984   0.50 21.30 ? 184 MET A CG  1 
ATOM   372 S SD  A MET A 1 42 ? -3.235  2.477   6.515   0.50 22.38 ? 184 MET A SD  1 
ATOM   373 S SD  B MET A 1 42 ? -2.409  1.881   7.355   0.50 24.17 ? 184 MET A SD  1 
ATOM   374 C CE  A MET A 1 42 ? -1.809  1.820   7.395   0.50 18.44 ? 184 MET A CE  1 
ATOM   375 C CE  B MET A 1 42 ? -1.941  3.603   7.268   0.50 24.43 ? 184 MET A CE  1 
ATOM   376 N N   . ILE A 1 43 ? -4.362  -2.562  8.015   1.00 27.08 ? 185 ILE A N   1 
ATOM   377 C CA  . ILE A 1 43 ? -4.822  -3.860  8.546   1.00 31.50 ? 185 ILE A CA  1 
ATOM   378 C C   . ILE A 1 43 ? -4.317  -4.006  9.974   1.00 40.53 ? 185 ILE A C   1 
ATOM   379 O O   . ILE A 1 43 ? -4.967  -4.586  10.827  1.00 41.56 ? 185 ILE A O   1 
ATOM   380 C CB  . ILE A 1 43 ? -4.279  -5.025  7.682   1.00 26.54 ? 185 ILE A CB  1 
ATOM   381 C CG1 . ILE A 1 43 ? -4.584  -4.837  6.198   1.00 22.40 ? 185 ILE A CG1 1 
ATOM   382 C CG2 . ILE A 1 43 ? -4.768  -6.390  8.177   1.00 26.19 ? 185 ILE A CG2 1 
ATOM   383 C CD1 . ILE A 1 43 ? -3.519  -5.533  5.327   1.00 20.33 ? 185 ILE A CD1 1 
ATOM   384 N N   . SER A 1 44 ? -3.148  -3.429  10.217  1.00 51.98 ? 186 SER A N   1 
ATOM   385 C CA  . SER A 1 44 ? -2.498  -3.532  11.496  1.00 60.68 ? 186 SER A CA  1 
ATOM   386 C C   . SER A 1 44 ? -3.153  -2.682  12.578  1.00 67.89 ? 186 SER A C   1 
ATOM   387 O O   . SER A 1 44 ? -3.557  -1.541  12.338  1.00 68.25 ? 186 SER A O   1 
ATOM   388 C CB  . SER A 1 44 ? -1.024  -3.131  11.340  1.00 60.43 ? 186 SER A CB  1 
ATOM   389 O OG  . SER A 1 44 ? -0.927  -1.920  10.612  1.00 57.27 ? 186 SER A OG  1 
ATOM   390 N N   . ASP A 1 45 ? -3.287  -3.293  13.756  1.00 75.36 ? 187 ASP A N   1 
ATOM   391 C CA  . ASP A 1 45 ? -3.669  -2.585  14.960  1.00 79.76 ? 187 ASP A CA  1 
ATOM   392 C C   . ASP A 1 45 ? -2.266  -2.122  15.352  1.00 78.27 ? 187 ASP A C   1 
ATOM   393 O O   . ASP A 1 45 ? -1.413  -2.947  15.696  1.00 78.53 ? 187 ASP A O   1 
ATOM   394 C CB  . ASP A 1 45 ? -4.263  -3.510  16.035  1.00 82.76 ? 187 ASP A CB  1 
ATOM   395 C CG  . ASP A 1 45 ? -5.410  -4.375  15.520  1.00 87.73 ? 187 ASP A CG  1 
ATOM   396 O OD1 . ASP A 1 45 ? -5.442  -4.696  14.309  1.00 91.12 ? 187 ASP A OD1 1 
ATOM   397 O OD2 . ASP A 1 45 ? -6.266  -4.762  16.348  1.00 90.33 ? 187 ASP A OD2 1 
ATOM   398 N N   . ARG A 1 46 ? -2.011  -0.825  15.241  1.00 75.14 ? 188 ARG A N   1 
ATOM   399 C CA  . ARG A 1 46 ? -0.678  -0.272  15.491  1.00 71.33 ? 188 ARG A CA  1 
ATOM   400 C C   . ARG A 1 46 ? 0.106   -0.802  16.718  1.00 65.21 ? 188 ARG A C   1 
ATOM   401 O O   . ARG A 1 46 ? -0.370  -0.680  17.851  1.00 66.08 ? 188 ARG A O   1 
ATOM   402 C CB  . ARG A 1 46 ? -0.768  1.261   15.589  1.00 72.22 ? 188 ARG A CB  1 
ATOM   403 N N   . ASN A 1 47 ? 1.276   -1.423  16.471  1.00 56.72 ? 189 ASN A N   1 
ATOM   404 C CA  . ASN A 1 47 ? 2.235   -1.774  17.544  1.00 48.84 ? 189 ASN A CA  1 
ATOM   405 C C   . ASN A 1 47 ? 3.266   -0.630  17.512  1.00 44.30 ? 189 ASN A C   1 
ATOM   406 O O   . ASN A 1 47 ? 4.156   -0.599  16.644  1.00 42.08 ? 189 ASN A O   1 
ATOM   407 C CB  . ASN A 1 47 ? 2.919   -3.146  17.362  1.00 46.64 ? 189 ASN A CB  1 
ATOM   408 C CG  . ASN A 1 47 ? 3.915   -3.480  18.504  1.00 42.15 ? 189 ASN A CG  1 
ATOM   409 O OD1 . ASN A 1 47 ? 4.414   -2.582  19.191  1.00 39.15 ? 189 ASN A OD1 1 
ATOM   410 N ND2 . ASN A 1 47 ? 4.196   -4.784  18.712  1.00 33.65 ? 189 ASN A ND2 1 
ATOM   411 N N   . SER A 1 48 ? 3.117   0.314   18.439  1.00 39.33 ? 190 SER A N   1 
ATOM   412 C CA  . SER A 1 48 ? 3.984   1.506   18.530  1.00 37.87 ? 190 SER A CA  1 
ATOM   413 C C   . SER A 1 48 ? 5.480   1.212   18.703  1.00 36.52 ? 190 SER A C   1 
ATOM   414 O O   . SER A 1 48 ? 6.321   2.086   18.443  1.00 36.48 ? 190 SER A O   1 
ATOM   415 C CB  . SER A 1 48 ? 3.519   2.418   19.690  1.00 38.43 ? 190 SER A CB  1 
ATOM   416 N N   . ARG A 1 49 ? 5.810   0.002   19.152  1.00 35.17 ? 191 ARG A N   1 
ATOM   417 C CA  . ARG A 1 49 ? 7.204   -0.393  19.393  1.00 33.78 ? 191 ARG A CA  1 
ATOM   418 C C   . ARG A 1 49 ? 7.851   -1.032  18.155  1.00 32.06 ? 191 ARG A C   1 
ATOM   419 O O   . ARG A 1 49 ? 9.044   -1.452  18.214  1.00 29.59 ? 191 ARG A O   1 
ATOM   420 C CB  . ARG A 1 49 ? 7.273   -1.383  20.567  1.00 35.01 ? 191 ARG A CB  1 
ATOM   421 N N   . ARG A 1 50 ? 7.084   -1.104  17.052  1.00 27.34 ? 192 ARG A N   1 
ATOM   422 C CA  . ARG A 1 50 ? 7.556   -1.757  15.851  1.00 22.15 ? 192 ARG A CA  1 
ATOM   423 C C   . ARG A 1 50 ? 7.172   -1.025  14.549  1.00 22.54 ? 192 ARG A C   1 
ATOM   424 O O   . ARG A 1 50 ? 6.064   -0.468  14.403  1.00 28.50 ? 192 ARG A O   1 
ATOM   425 C CB  . ARG A 1 50 ? 7.009   -3.203  15.771  1.00 19.92 ? 192 ARG A CB  1 
ATOM   426 C CG  . ARG A 1 50 ? 7.315   -4.083  16.995  1.00 17.53 ? 192 ARG A CG  1 
ATOM   427 C CD  . ARG A 1 50 ? 6.890   -5.555  16.787  1.00 18.24 ? 192 ARG A CD  1 
ATOM   428 N NE  . ARG A 1 50 ? 7.743   -6.283  15.841  1.00 18.63 ? 192 ARG A NE  1 
ATOM   429 C CZ  . ARG A 1 50 ? 7.354   -7.254  15.014  1.00 17.59 ? 192 ARG A CZ  1 
ATOM   430 N NH1 . ARG A 1 50 ? 6.080   -7.629  14.931  1.00 22.67 ? 192 ARG A NH1 1 
ATOM   431 N NH2 . ARG A 1 50 ? 8.230   -7.811  14.198  1.00 19.61 ? 192 ARG A NH2 1 
ATOM   432 N N   . SER A 1 51 ? 8.096   -1.035  13.603  1.00 19.66 ? 193 SER A N   1 
ATOM   433 C CA  A SER A 1 51 ? 7.854   -0.496  12.259  0.50 17.40 ? 193 SER A CA  1 
ATOM   434 C CA  B SER A 1 51 ? 7.827   -0.485  12.267  0.50 18.25 ? 193 SER A CA  1 
ATOM   435 C C   . SER A 1 51 ? 7.498   -1.685  11.367  1.00 17.05 ? 193 SER A C   1 
ATOM   436 O O   . SER A 1 51 ? 8.192   -1.996  10.417  1.00 20.08 ? 193 SER A O   1 
ATOM   437 C CB  A SER A 1 51 ? 9.089   0.257   11.734  0.50 19.03 ? 193 SER A CB  1 
ATOM   438 C CB  B SER A 1 51 ? 9.015   0.344   11.753  0.50 20.35 ? 193 SER A CB  1 
ATOM   439 O OG  A SER A 1 51 ? 10.264  -0.545  11.782  0.50 18.33 ? 193 SER A OG  1 
ATOM   440 O OG  B SER A 1 51 ? 9.323   1.413   12.647  0.50 24.62 ? 193 SER A OG  1 
ATOM   441 N N   . LYS A 1 52 ? 6.424   -2.368  11.729  1.00 16.48 ? 194 LYS A N   1 
ATOM   442 C CA  . LYS A 1 52 ? 5.951   -3.544  11.036  1.00 16.35 ? 194 LYS A CA  1 
ATOM   443 C C   . LYS A 1 52 ? 4.444   -3.450  10.738  1.00 16.04 ? 194 LYS A C   1 
ATOM   444 O O   . LYS A 1 52 ? 3.754   -4.476  10.631  1.00 17.03 ? 194 LYS A O   1 
ATOM   445 C CB  . LYS A 1 52 ? 6.342   -4.819  11.828  1.00 16.52 ? 194 LYS A CB  1 
ATOM   446 C CG  . LYS A 1 52 ? 7.881   -5.024  11.988  1.00 17.93 ? 194 LYS A CG  1 
ATOM   447 C CD  . LYS A 1 52 ? 8.619   -5.375  10.679  1.00 19.55 ? 194 LYS A CD  1 
ATOM   448 C CE  . LYS A 1 52 ? 10.154  -5.527  10.842  1.00 21.57 ? 194 LYS A CE  1 
ATOM   449 N NZ  . LYS A 1 52 ? 10.840  -4.235  11.083  1.00 24.68 ? 194 LYS A NZ  1 
ATOM   450 N N   . GLY A 1 53 ? 3.918   -2.227  10.552  1.00 14.87 ? 195 GLY A N   1 
ATOM   451 C CA  . GLY A 1 53 ? 2.526   -2.068  10.129  1.00 14.50 ? 195 GLY A CA  1 
ATOM   452 C C   . GLY A 1 53 ? 2.301   -2.597  8.719   1.00 12.84 ? 195 GLY A C   1 
ATOM   453 O O   . GLY A 1 53 ? 3.251   -2.788  7.961   1.00 12.29 ? 195 GLY A O   1 
ATOM   454 N N   . ILE A 1 54 ? 1.039   -2.869  8.423   1.00 11.77 ? 196 ILE A N   1 
ATOM   455 C CA  . ILE A 1 54 ? 0.645   -3.439  7.155   1.00 11.59 ? 196 ILE A CA  1 
ATOM   456 C C   . ILE A 1 54 ? -0.578  -2.706  6.608   1.00 11.39 ? 196 ILE A C   1 
ATOM   457 O O   . ILE A 1 54 ? -1.360  -2.118  7.356   1.00 14.17 ? 196 ILE A O   1 
ATOM   458 C CB  . ILE A 1 54 ? 0.419   -4.988  7.274   1.00 12.19 ? 196 ILE A CB  1 
ATOM   459 C CG1 . ILE A 1 54 ? -0.687  -5.271  8.325   1.00 16.65 ? 196 ILE A CG1 1 
ATOM   460 C CG2 . ILE A 1 54 ? 1.703   -5.694  7.635   1.00 14.41 ? 196 ILE A CG2 1 
ATOM   461 C CD1 . ILE A 1 54 ? -1.162  -6.748  8.398   1.00 17.40 ? 196 ILE A CD1 1 
ATOM   462 N N   . ALA A 1 55 ? -0.791  -2.786  5.300   1.00 10.79 ? 197 ALA A N   1 
ATOM   463 C CA  . ALA A 1 55 ? -1.897  -2.124  4.644   1.00 10.55 ? 197 ALA A CA  1 
ATOM   464 C C   . ALA A 1 55 ? -2.136  -2.727  3.273   1.00 10.36 ? 197 ALA A C   1 
ATOM   465 O O   . ALA A 1 55 ? -1.234  -3.305  2.673   1.00 10.69 ? 197 ALA A O   1 
ATOM   466 C CB  . ALA A 1 55 ? -1.587  -0.649  4.462   1.00 12.08 ? 197 ALA A CB  1 
ATOM   467 N N   . TYR A 1 56 ? -3.365  -2.561  2.784   1.00 10.02 ? 198 TYR A N   1 
ATOM   468 C CA  . TYR A 1 56 ? -3.680  -2.788  1.410   1.00 9.77  ? 198 TYR A CA  1 
ATOM   469 C C   . TYR A 1 56 ? -3.873  -1.424  0.723   1.00 10.24 ? 198 TYR A C   1 
ATOM   470 O O   . TYR A 1 56 ? -4.486  -0.485  1.280   1.00 10.88 ? 198 TYR A O   1 
ATOM   471 C CB  . TYR A 1 56 ? -4.972  -3.579  1.231   1.00 10.27 ? 198 TYR A CB  1 
ATOM   472 C CG  . TYR A 1 56 ? -4.897  -5.007  1.638   1.00 10.49 ? 198 TYR A CG  1 
ATOM   473 C CD1 . TYR A 1 56 ? -4.156  -5.912  0.944   1.00 10.88 ? 198 TYR A CD1 1 
ATOM   474 C CD2 . TYR A 1 56 ? -5.582  -5.456  2.742   1.00 15.06 ? 198 TYR A CD2 1 
ATOM   475 C CE1 . TYR A 1 56 ? -4.055  -7.254  1.351   1.00 13.08 ? 198 TYR A CE1 1 
ATOM   476 C CE2 . TYR A 1 56 ? -5.525  -6.793  3.120   1.00 15.55 ? 198 TYR A CE2 1 
ATOM   477 C CZ  . TYR A 1 56 ? -4.731  -7.690  2.449   1.00 12.51 ? 198 TYR A CZ  1 
ATOM   478 O OH  . TYR A 1 56 ? -4.737  -9.017  2.855   1.00 15.93 ? 198 TYR A OH  1 
ATOM   479 N N   . VAL A 1 57 ? -3.350  -1.322  -0.499  1.00 9.77  ? 199 VAL A N   1 
ATOM   480 C CA  . VAL A 1 57 ? -3.580  -0.131  -1.342  1.00 11.62 ? 199 VAL A CA  1 
ATOM   481 C C   . VAL A 1 57 ? -4.131  -0.641  -2.672  1.00 11.31 ? 199 VAL A C   1 
ATOM   482 O O   . VAL A 1 57 ? -3.474  -1.424  -3.375  1.00 11.62 ? 199 VAL A O   1 
ATOM   483 C CB  . VAL A 1 57 ? -2.309  0.708   -1.550  1.00 11.34 ? 199 VAL A CB  1 
ATOM   484 C CG1 . VAL A 1 57 ? -2.568  1.844   -2.544  1.00 15.16 ? 199 VAL A CG1 1 
ATOM   485 C CG2 . VAL A 1 57 ? -1.807  1.229   -0.185  1.00 13.18 ? 199 VAL A CG2 1 
ATOM   486 N N   . GLU A 1 58 ? -5.343  -0.203  -2.986  1.00 11.86 ? 200 GLU A N   1 
ATOM   487 C CA  . GLU A 1 58 ? -6.042  -0.615  -4.197  1.00 12.66 ? 200 GLU A CA  1 
ATOM   488 C C   . GLU A 1 58 ? -6.009  0.531   -5.187  1.00 13.58 ? 200 GLU A C   1 
ATOM   489 O O   . GLU A 1 58 ? -6.398  1.645   -4.857  1.00 13.75 ? 200 GLU A O   1 
ATOM   490 C CB  . GLU A 1 58 ? -7.499  -0.951  -3.871  1.00 13.79 ? 200 GLU A CB  1 
ATOM   491 C CG  . GLU A 1 58 ? -8.302  -1.460  -5.082  1.00 14.68 ? 200 GLU A CG  1 
ATOM   492 C CD  . GLU A 1 58 ? -9.759  -1.685  -4.780  1.00 20.04 ? 200 GLU A CD  1 
ATOM   493 O OE1 . GLU A 1 58 ? -10.063 -2.016  -3.601  1.00 21.57 ? 200 GLU A OE1 1 
ATOM   494 O OE2 . GLU A 1 58 ? -10.572 -1.565  -5.742  1.00 21.55 ? 200 GLU A OE2 1 
ATOM   495 N N   . PHE A 1 59 ? -5.521  0.252   -6.384  1.00 13.71 ? 201 PHE A N   1 
ATOM   496 C CA  . PHE A 1 59 ? -5.448  1.216   -7.468  1.00 13.89 ? 201 PHE A CA  1 
ATOM   497 C C   . PHE A 1 59 ? -6.644  1.083   -8.402  1.00 14.59 ? 201 PHE A C   1 
ATOM   498 O O   . PHE A 1 59 ? -7.382  0.104   -8.382  1.00 14.29 ? 201 PHE A O   1 
ATOM   499 C CB  . PHE A 1 59 ? -4.188  0.916   -8.273  1.00 15.12 ? 201 PHE A CB  1 
ATOM   500 C CG  . PHE A 1 59 ? -2.919  1.220   -7.536  1.00 13.30 ? 201 PHE A CG  1 
ATOM   501 C CD1 . PHE A 1 59 ? -2.463  2.536   -7.483  1.00 15.24 ? 201 PHE A CD1 1 
ATOM   502 C CD2 . PHE A 1 59 ? -2.183  0.231   -6.945  1.00 12.94 ? 201 PHE A CD2 1 
ATOM   503 C CE1 . PHE A 1 59 ? -1.298  2.829   -6.797  1.00 13.80 ? 201 PHE A CE1 1 
ATOM   504 C CE2 . PHE A 1 59 ? -1.038  0.512   -6.267  1.00 13.74 ? 201 PHE A CE2 1 
ATOM   505 C CZ  . PHE A 1 59 ? -0.575  1.788   -6.217  1.00 13.53 ? 201 PHE A CZ  1 
ATOM   506 N N   . VAL A 1 60 ? -6.818  2.077   -9.246  1.00 15.06 ? 202 VAL A N   1 
ATOM   507 C CA  . VAL A 1 60 ? -7.861  2.037   -10.264 1.00 15.17 ? 202 VAL A CA  1 
ATOM   508 C C   . VAL A 1 60 ? -7.517  1.030   -11.348 1.00 15.15 ? 202 VAL A C   1 
ATOM   509 O O   . VAL A 1 60 ? -8.389  0.301   -11.824 1.00 15.45 ? 202 VAL A O   1 
ATOM   510 C CB  . VAL A 1 60 ? -8.080  3.459   -10.870 1.00 16.39 ? 202 VAL A CB  1 
ATOM   511 C CG1 . VAL A 1 60 ? -8.916  3.390   -12.146 1.00 17.05 ? 202 VAL A CG1 1 
ATOM   512 C CG2 . VAL A 1 60 ? -8.648  4.385   -9.806  1.00 18.68 ? 202 VAL A CG2 1 
ATOM   513 N N   . ASP A 1 61 ? -6.258  1.024   -11.781 1.00 14.72 ? 203 ASP A N   1 
ATOM   514 C CA  . ASP A 1 61 ? -5.822  0.186   -12.881 1.00 16.98 ? 203 ASP A CA  1 
ATOM   515 C C   . ASP A 1 61 ? -4.793  -0.864  -12.479 1.00 14.10 ? 203 ASP A C   1 
ATOM   516 O O   . ASP A 1 61 ? -3.895  -0.603  -11.674 1.00 15.09 ? 203 ASP A O   1 
ATOM   517 C CB  . ASP A 1 61 ? -5.229  1.084   -13.991 1.00 21.40 ? 203 ASP A CB  1 
ATOM   518 C CG  . ASP A 1 61 ? -6.291  1.753   -14.853 1.00 27.24 ? 203 ASP A CG  1 
ATOM   519 O OD1 . ASP A 1 61 ? -7.326  1.122   -15.167 1.00 29.47 ? 203 ASP A OD1 1 
ATOM   520 O OD2 . ASP A 1 61 ? -6.059  2.905   -15.251 1.00 31.80 ? 203 ASP A OD2 1 
ATOM   521 N N   . VAL A 1 62 ? -4.831  -2.004  -13.146 1.00 13.72 ? 204 VAL A N   1 
ATOM   522 C CA  . VAL A 1 62 ? -3.908  -3.103  -12.940 1.00 13.36 ? 204 VAL A CA  1 
ATOM   523 C C   . VAL A 1 62 ? -2.478  -2.680  -13.257 1.00 13.77 ? 204 VAL A C   1 
ATOM   524 O O   . VAL A 1 62 ? -1.543  -3.228  -12.671 1.00 15.27 ? 204 VAL A O   1 
ATOM   525 C CB  . VAL A 1 62 ? -4.259  -4.441  -13.723 1.00 13.86 ? 204 VAL A CB  1 
ATOM   526 C CG1 . VAL A 1 62 ? -5.647  -4.954  -13.315 1.00 16.63 ? 204 VAL A CG1 1 
ATOM   527 C CG2 . VAL A 1 62 ? -4.138  -4.342  -15.244 1.00 16.75 ? 204 VAL A CG2 1 
ATOM   528 N N   . SER A 1 63 ? -2.324  -1.733  -14.183 1.00 15.34 ? 205 SER A N   1 
ATOM   529 C CA  . SER A 1 63 ? -1.012  -1.211  -14.624 1.00 16.00 ? 205 SER A CA  1 
ATOM   530 C C   . SER A 1 63 ? -0.164  -0.703  -13.467 1.00 15.17 ? 205 SER A C   1 
ATOM   531 O O   . SER A 1 63 ? 1.077   -0.738  -13.506 1.00 16.44 ? 205 SER A O   1 
ATOM   532 C CB  . SER A 1 63 ? -1.231  -0.054  -15.670 1.00 15.83 ? 205 SER A CB  1 
ATOM   533 O OG  . SER A 1 63 ? -1.899  1.042   -15.073 1.00 23.97 ? 205 SER A OG  1 
ATOM   534 N N   . SER A 1 64 ? -0.834  -0.205  -12.426 1.00 14.37 ? 206 SER A N   1 
ATOM   535 C CA  . SER A 1 64 ? -0.117  0.420   -11.311 1.00 15.71 ? 206 SER A CA  1 
ATOM   536 C C   . SER A 1 64 ? 0.572   -0.586  -10.412 1.00 13.52 ? 206 SER A C   1 
ATOM   537 O O   . SER A 1 64 ? 1.529   -0.235  -9.735  1.00 14.42 ? 206 SER A O   1 
ATOM   538 C CB  . SER A 1 64 ? -1.109  1.235   -10.471 1.00 15.48 ? 206 SER A CB  1 
ATOM   539 O OG  . SER A 1 64 ? -1.656  2.300   -11.239 1.00 17.73 ? 206 SER A OG  1 
ATOM   540 N N   . VAL A 1 65 ? 0.078   -1.815  -10.362 1.00 13.05 ? 207 VAL A N   1 
ATOM   541 C CA  . VAL A 1 65 ? 0.613   -2.809  -9.443  1.00 12.91 ? 207 VAL A CA  1 
ATOM   542 C C   . VAL A 1 65 ? 2.119   -3.076  -9.616  1.00 12.65 ? 207 VAL A C   1 
ATOM   543 O O   . VAL A 1 65 ? 2.874   -2.951  -8.632  1.00 12.74 ? 207 VAL A O   1 
ATOM   544 C CB  . VAL A 1 65 ? -0.264  -4.095  -9.437  1.00 12.77 ? 207 VAL A CB  1 
ATOM   545 C CG1 . VAL A 1 65 ? 0.422   -5.242  -8.702  1.00 14.79 ? 207 VAL A CG1 1 
ATOM   546 C CG2 . VAL A 1 65 ? -1.639  -3.762  -8.859  1.00 15.94 ? 207 VAL A CG2 1 
ATOM   547 N N   . PRO A 1 66 ? 2.593   -3.415  -10.828 1.00 14.12 ? 208 PRO A N   1 
ATOM   548 C CA  . PRO A 1 66 ? 4.051   -3.642  -10.944 1.00 13.81 ? 208 PRO A CA  1 
ATOM   549 C C   . PRO A 1 66 ? 4.886   -2.390  -10.622 1.00 14.28 ? 208 PRO A C   1 
ATOM   550 O O   . PRO A 1 66 ? 6.003   -2.487  -10.091 1.00 14.45 ? 208 PRO A O   1 
ATOM   551 C CB  . PRO A 1 66 ? 4.239   -4.088  -12.407 1.00 16.18 ? 208 PRO A CB  1 
ATOM   552 C CG  . PRO A 1 66 ? 2.965   -3.728  -13.106 1.00 17.24 ? 208 PRO A CG  1 
ATOM   553 C CD  . PRO A 1 66 ? 1.866   -3.743  -12.074 1.00 14.51 ? 208 PRO A CD  1 
ATOM   554 N N   . LEU A 1 67 ? 4.337   -1.227  -10.943 1.00 13.85 ? 209 LEU A N   1 
ATOM   555 C CA  . LEU A 1 67 ? 5.019   0.035   -10.635 1.00 13.98 ? 209 LEU A CA  1 
ATOM   556 C C   . LEU A 1 67 ? 5.132   0.229   -9.126  1.00 14.34 ? 209 LEU A C   1 
ATOM   557 O O   . LEU A 1 67 ? 6.186   0.621   -8.616  1.00 15.11 ? 209 LEU A O   1 
ATOM   558 C CB  . LEU A 1 67 ? 4.320   1.240   -11.289 1.00 15.13 ? 209 LEU A CB  1 
ATOM   559 C CG  . LEU A 1 67 ? 4.114   1.116   -12.816 1.00 15.91 ? 209 LEU A CG  1 
ATOM   560 C CD1 . LEU A 1 67 ? 3.335   2.337   -13.297 1.00 18.51 ? 209 LEU A CD1 1 
ATOM   561 C CD2 . LEU A 1 67 ? 5.399   0.852   -13.626 1.00 21.50 ? 209 LEU A CD2 1 
ATOM   562 N N   . ALA A 1 68 ? 4.046   -0.031  -8.415  1.00 12.91 ? 210 ALA A N   1 
ATOM   563 C CA  . ALA A 1 68 ? 4.025   0.086   -6.946  1.00 12.41 ? 210 ALA A CA  1 
ATOM   564 C C   . ALA A 1 68 ? 4.989   -0.899  -6.288  1.00 11.83 ? 210 ALA A C   1 
ATOM   565 O O   . ALA A 1 68 ? 5.722   -0.520  -5.374  1.00 12.44 ? 210 ALA A O   1 
ATOM   566 C CB  . ALA A 1 68 ? 2.619   -0.111  -6.452  1.00 12.53 ? 210 ALA A CB  1 
ATOM   567 N N   . ILE A 1 69 ? 5.026   -2.136  -6.769  1.00 12.30 ? 211 ILE A N   1 
ATOM   568 C CA  . ILE A 1 69 ? 5.943   -3.174  -6.275  1.00 12.31 ? 211 ILE A CA  1 
ATOM   569 C C   . ILE A 1 69 ? 7.380   -2.634  -6.411  1.00 13.44 ? 211 ILE A C   1 
ATOM   570 O O   . ILE A 1 69 ? 8.226   -2.837  -5.525  1.00 13.82 ? 211 ILE A O   1 
ATOM   571 C CB  . ILE A 1 69 ? 5.736   -4.511  -6.993  1.00 13.50 ? 211 ILE A CB  1 
ATOM   572 C CG1 . ILE A 1 69 ? 4.382   -5.110  -6.548  1.00 14.56 ? 211 ILE A CG1 1 
ATOM   573 C CG2 . ILE A 1 69 ? 6.865   -5.499  -6.671  1.00 16.15 ? 211 ILE A CG2 1 
ATOM   574 C CD1 . ILE A 1 69 ? 3.909   -6.215  -7.419  1.00 16.83 ? 211 ILE A CD1 1 
ATOM   575 N N   . GLY A 1 70 ? 7.660   -1.942  -7.528  1.00 13.62 ? 212 GLY A N   1 
ATOM   576 C CA  . GLY A 1 70 ? 8.973   -1.381  -7.783  1.00 13.96 ? 212 GLY A CA  1 
ATOM   577 C C   . GLY A 1 70 ? 9.412   -0.297  -6.830  1.00 15.06 ? 212 GLY A C   1 
ATOM   578 O O   . GLY A 1 70 ? 10.597  0.056   -6.822  1.00 16.31 ? 212 GLY A O   1 
ATOM   579 N N   . LEU A 1 71 ? 8.494   0.227   -6.020  1.00 13.51 ? 213 LEU A N   1 
ATOM   580 C CA  . LEU A 1 71 ? 8.824   1.260   -5.013  1.00 13.22 ? 213 LEU A CA  1 
ATOM   581 C C   . LEU A 1 71 ? 9.407   0.638   -3.732  1.00 12.81 ? 213 LEU A C   1 
ATOM   582 O O   . LEU A 1 71 ? 9.823   1.360   -2.815  1.00 12.93 ? 213 LEU A O   1 
ATOM   583 C CB  . LEU A 1 71 ? 7.635   2.144   -4.686  1.00 12.83 ? 213 LEU A CB  1 
ATOM   584 C CG  . LEU A 1 71 ? 7.034   2.904   -5.873  1.00 14.50 ? 213 LEU A CG  1 
ATOM   585 C CD1 . LEU A 1 71 ? 5.812   3.719   -5.393  1.00 17.42 ? 213 LEU A CD1 1 
ATOM   586 C CD2 . LEU A 1 71 ? 8.081   3.796   -6.604  1.00 17.86 ? 213 LEU A CD2 1 
ATOM   587 N N   . THR A 1 72 ? 9.383   -0.698  -3.643  1.00 11.81 ? 214 THR A N   1 
ATOM   588 C CA  . THR A 1 72 ? 9.957   -1.423  -2.515  1.00 12.33 ? 214 THR A CA  1 
ATOM   589 C C   . THR A 1 72 ? 11.339  -0.895  -2.192  1.00 12.77 ? 214 THR A C   1 
ATOM   590 O O   . THR A 1 72 ? 12.170  -0.678  -3.073  1.00 13.77 ? 214 THR A O   1 
ATOM   591 C CB  . THR A 1 72 ? 9.970   -2.925  -2.760  1.00 12.18 ? 214 THR A CB  1 
ATOM   592 O OG1 . THR A 1 72 ? 8.621   -3.402  -2.790  1.00 12.51 ? 214 THR A OG1 1 
ATOM   593 C CG2 . THR A 1 72 ? 10.739  -3.676  -1.672  1.00 13.75 ? 214 THR A CG2 1 
ATOM   594 N N   . GLY A 1 73 ? 11.549  -0.649  -0.915  1.00 12.36 ? 215 GLY A N   1 
ATOM   595 C CA  . GLY A 1 73 ? 12.826  -0.135  -0.406  1.00 12.78 ? 215 GLY A CA  1 
ATOM   596 C C   . GLY A 1 73 ? 12.874  1.354   -0.203  1.00 13.49 ? 215 GLY A C   1 
ATOM   597 O O   . GLY A 1 73 ? 13.715  1.837   0.530   1.00 16.50 ? 215 GLY A O   1 
ATOM   598 N N   . GLN A 1 74 ? 12.029  2.108   -0.875  1.00 12.68 ? 216 GLN A N   1 
ATOM   599 C CA  . GLN A 1 74 ? 11.974  3.540   -0.686  1.00 13.74 ? 216 GLN A CA  1 
ATOM   600 C C   . GLN A 1 74 ? 11.416  3.860   0.704   1.00 13.90 ? 216 GLN A C   1 
ATOM   601 O O   . GLN A 1 74 ? 10.605  3.129   1.286   1.00 13.32 ? 216 GLN A O   1 
ATOM   602 C CB  . GLN A 1 74 ? 11.191  4.220   -1.795  1.00 13.03 ? 216 GLN A CB  1 
ATOM   603 C CG  . GLN A 1 74 ? 11.848  3.980   -3.149  1.00 15.84 ? 216 GLN A CG  1 
ATOM   604 C CD  . GLN A 1 74 ? 11.246  4.768   -4.256  1.00 17.25 ? 216 GLN A CD  1 
ATOM   605 O OE1 . GLN A 1 74 ? 10.627  5.809   -4.035  1.00 19.75 ? 216 GLN A OE1 1 
ATOM   606 N NE2 . GLN A 1 74 ? 11.487  4.307   -5.479  1.00 18.89 ? 216 GLN A NE2 1 
ATOM   607 N N   . ARG A 1 75 ? 11.919  4.952   1.252   1.00 15.99 ? 217 ARG A N   1 
ATOM   608 C CA  A ARG A 1 75 ? 11.583  5.385   2.612   0.50 15.77 ? 217 ARG A CA  1 
ATOM   609 C CA  B ARG A 1 75 ? 11.561  5.334   2.613   0.50 16.76 ? 217 ARG A CA  1 
ATOM   610 C C   . ARG A 1 75 ? 10.272  6.144   2.711   1.00 15.57 ? 217 ARG A C   1 
ATOM   611 O O   . ARG A 1 75 ? 10.098  7.203   2.078   1.00 17.83 ? 217 ARG A O   1 
ATOM   612 C CB  A ARG A 1 75 ? 12.718  6.263   3.177   0.50 15.51 ? 217 ARG A CB  1 
ATOM   613 C CB  B ARG A 1 75 ? 12.741  6.036   3.305   0.50 18.53 ? 217 ARG A CB  1 
ATOM   614 C CG  A ARG A 1 75 ? 14.027  5.500   3.431   0.50 18.20 ? 217 ARG A CG  1 
ATOM   615 C CG  B ARG A 1 75 ? 13.942  5.094   3.501   0.50 22.32 ? 217 ARG A CG  1 
ATOM   616 C CD  A ARG A 1 75 ? 15.256  6.404   3.714   0.50 17.27 ? 217 ARG A CD  1 
ATOM   617 C CD  B ARG A 1 75 ? 15.117  5.718   4.290   0.50 25.39 ? 217 ARG A CD  1 
ATOM   618 N NE  A ARG A 1 75 ? 15.086  7.287   4.858   0.50 19.83 ? 217 ARG A NE  1 
ATOM   619 N NE  B ARG A 1 75 ? 16.250  4.792   4.303   0.50 31.99 ? 217 ARG A NE  1 
ATOM   620 C CZ  A ARG A 1 75 ? 15.630  7.115   6.062   0.50 24.97 ? 217 ARG A CZ  1 
ATOM   621 C CZ  B ARG A 1 75 ? 16.468  3.886   5.247   0.50 34.34 ? 217 ARG A CZ  1 
ATOM   622 N NH1 A ARG A 1 75 ? 16.428  6.087   6.326   0.50 23.76 ? 217 ARG A NH1 1 
ATOM   623 N NH1 B ARG A 1 75 ? 15.675  3.807   6.301   0.50 32.36 ? 217 ARG A NH1 1 
ATOM   624 N NH2 A ARG A 1 75 ? 15.382  8.001   7.010   0.50 28.83 ? 217 ARG A NH2 1 
ATOM   625 N NH2 B ARG A 1 75 ? 17.514  3.084   5.157   0.50 39.19 ? 217 ARG A NH2 1 
ATOM   626 N N   . VAL A 1 76 ? 9.347   5.604   3.506   1.00 14.18 ? 218 VAL A N   1 
ATOM   627 C CA  . VAL A 1 76 ? 8.087   6.240   3.780   1.00 13.82 ? 218 VAL A CA  1 
ATOM   628 C C   . VAL A 1 76 ? 8.116   6.515   5.293   1.00 14.27 ? 218 VAL A C   1 
ATOM   629 O O   . VAL A 1 76 ? 8.305   5.615   6.098   1.00 13.56 ? 218 VAL A O   1 
ATOM   630 C CB  . VAL A 1 76 ? 6.929   5.359   3.336   1.00 14.15 ? 218 VAL A CB  1 
ATOM   631 C CG1 . VAL A 1 76 ? 5.631   6.005   3.729   1.00 16.06 ? 218 VAL A CG1 1 
ATOM   632 C CG2 . VAL A 1 76 ? 7.048   5.005   1.806   1.00 16.61 ? 218 VAL A CG2 1 
ATOM   633 N N   . LEU A 1 77 ? 8.044   7.779   5.682   1.00 15.71 ? 219 LEU A N   1 
ATOM   634 C CA  . LEU A 1 77 ? 8.250   8.180   7.078   1.00 15.69 ? 219 LEU A CA  1 
ATOM   635 C C   . LEU A 1 77 ? 9.562   7.619   7.618   1.00 17.26 ? 219 LEU A C   1 
ATOM   636 O O   . LEU A 1 77 ? 9.671   7.188   8.767   1.00 18.42 ? 219 LEU A O   1 
ATOM   637 C CB  . LEU A 1 77 ? 7.079   7.779   7.973   1.00 15.90 ? 219 LEU A CB  1 
ATOM   638 C CG  . LEU A 1 77 ? 5.725   8.262   7.543   1.00 19.03 ? 219 LEU A CG  1 
ATOM   639 C CD1 . LEU A 1 77 ? 4.692   7.917   8.593   1.00 20.58 ? 219 LEU A CD1 1 
ATOM   640 C CD2 . LEU A 1 77 ? 5.773   9.731   7.341   1.00 22.17 ? 219 LEU A CD2 1 
ATOM   641 N N   . GLY A 1 78 ? 10.553  7.604   6.745   1.00 15.76 ? 220 GLY A N   1 
ATOM   642 C CA  . GLY A 1 78 ? 11.900  7.148   7.097   1.00 18.30 ? 220 GLY A CA  1 
ATOM   643 C C   . GLY A 1 78 ? 12.142  5.658   7.150   1.00 16.76 ? 220 GLY A C   1 
ATOM   644 O O   . GLY A 1 78 ? 13.239  5.202   7.471   1.00 20.17 ? 220 GLY A O   1 
ATOM   645 N N   . VAL A 1 79 ? 11.131  4.864   6.815   1.00 14.93 ? 221 VAL A N   1 
ATOM   646 C CA  . VAL A 1 79 ? 11.218  3.399   6.921   1.00 13.87 ? 221 VAL A CA  1 
ATOM   647 C C   . VAL A 1 79 ? 11.067  2.763   5.556   1.00 13.53 ? 221 VAL A C   1 
ATOM   648 O O   . VAL A 1 79 ? 10.140  3.104   4.825   1.00 12.82 ? 221 VAL A O   1 
ATOM   649 C CB  . VAL A 1 79 ? 10.096  2.865   7.851   1.00 12.26 ? 221 VAL A CB  1 
ATOM   650 C CG1 . VAL A 1 79 ? 10.167  1.363   7.974   1.00 14.65 ? 221 VAL A CG1 1 
ATOM   651 C CG2 . VAL A 1 79 ? 10.145  3.572   9.234   1.00 16.05 ? 221 VAL A CG2 1 
ATOM   652 N N   . PRO A 1 80 ? 11.977  1.863   5.161   1.00 13.00 ? 222 PRO A N   1 
ATOM   653 C CA  . PRO A 1 80 ? 11.853  1.245   3.816   1.00 13.38 ? 222 PRO A CA  1 
ATOM   654 C C   . PRO A 1 80 ? 10.590  0.389   3.707   1.00 12.14 ? 222 PRO A C   1 
ATOM   655 O O   . PRO A 1 80 ? 10.398  -0.559  4.483   1.00 13.96 ? 222 PRO A O   1 
ATOM   656 C CB  . PRO A 1 80 ? 13.108  0.362   3.678   1.00 14.43 ? 222 PRO A CB  1 
ATOM   657 C CG  . PRO A 1 80 ? 13.816  0.399   4.953   1.00 19.86 ? 222 PRO A CG  1 
ATOM   658 C CD  . PRO A 1 80 ? 13.184  1.386   5.883   1.00 14.86 ? 222 PRO A CD  1 
ATOM   659 N N   . ILE A 1 81 ? 9.748   0.715   2.733   1.00 10.73 ? 223 ILE A N   1 
ATOM   660 C CA  . ILE A 1 81 ? 8.509   -0.019  2.530   1.00 11.42 ? 223 ILE A CA  1 
ATOM   661 C C   . ILE A 1 81 ? 8.719   -1.318  1.746   1.00 10.91 ? 223 ILE A C   1 
ATOM   662 O O   . ILE A 1 81 ? 9.621   -1.441  0.908   1.00 11.75 ? 223 ILE A O   1 
ATOM   663 C CB  . ILE A 1 81 ? 7.491   0.913   1.830   1.00 11.45 ? 223 ILE A CB  1 
ATOM   664 C CG1 . ILE A 1 81 ? 6.061   0.362   1.905   1.00 10.65 ? 223 ILE A CG1 1 
ATOM   665 C CG2 . ILE A 1 81 ? 7.917   1.224   0.378   1.00 12.66 ? 223 ILE A CG2 1 
ATOM   666 C CD1 . ILE A 1 81 ? 5.007   1.401   1.586   1.00 11.89 ? 223 ILE A CD1 1 
ATOM   667 N N   . ILE A 1 82 ? 7.884   -2.307  2.038   1.00 10.55 ? 224 ILE A N   1 
ATOM   668 C CA  . ILE A 1 82 ? 7.849   -3.534  1.267   1.00 10.40 ? 224 ILE A CA  1 
ATOM   669 C C   . ILE A 1 82 ? 6.497   -3.611  0.588   1.00 9.85  ? 224 ILE A C   1 
ATOM   670 O O   . ILE A 1 82 ? 5.480   -3.584  1.244   1.00 11.34 ? 224 ILE A O   1 
ATOM   671 C CB  . ILE A 1 82 ? 8.074   -4.775  2.148   1.00 12.06 ? 224 ILE A CB  1 
ATOM   672 C CG1 . ILE A 1 82 ? 9.465   -4.715  2.837   1.00 12.45 ? 224 ILE A CG1 1 
ATOM   673 C CG2 . ILE A 1 82 ? 7.928   -6.024  1.307   1.00 13.84 ? 224 ILE A CG2 1 
ATOM   674 C CD1 . ILE A 1 82 ? 9.646   -5.741  3.967   1.00 14.78 ? 224 ILE A CD1 1 
ATOM   675 N N   . VAL A 1 83 ? 6.495   -3.688  -0.733  1.00 10.59 ? 225 VAL A N   1 
ATOM   676 C CA  . VAL A 1 83 ? 5.276   -3.674  -1.534  1.00 10.59 ? 225 VAL A CA  1 
ATOM   677 C C   . VAL A 1 83 ? 5.203   -4.915  -2.405  1.00 10.99 ? 225 VAL A C   1 
ATOM   678 O O   . VAL A 1 83 ? 6.109   -5.192  -3.199  1.00 13.53 ? 225 VAL A O   1 
ATOM   679 C CB  . VAL A 1 83 ? 5.206   -2.436  -2.439  1.00 11.18 ? 225 VAL A CB  1 
ATOM   680 C CG1 . VAL A 1 83 ? 3.851   -2.386  -3.164  1.00 11.50 ? 225 VAL A CG1 1 
ATOM   681 C CG2 . VAL A 1 83 ? 5.517   -1.150  -1.644  1.00 12.62 ? 225 VAL A CG2 1 
ATOM   682 N N   . GLN A 1 84 ? 4.135   -5.687  -2.252  1.00 11.80 ? 226 GLN A N   1 
ATOM   683 C CA  A GLN A 1 84 ? 3.945   -6.939  -2.966  0.50 12.34 ? 226 GLN A CA  1 
ATOM   684 C CA  B GLN A 1 84 ? 3.941   -6.901  -3.019  0.50 12.12 ? 226 GLN A CA  1 
ATOM   685 C C   . GLN A 1 84 ? 2.553   -6.978  -3.607  1.00 12.22 ? 226 GLN A C   1 
ATOM   686 O O   . GLN A 1 84 ? 1.609   -6.347  -3.127  1.00 12.81 ? 226 GLN A O   1 
ATOM   687 C CB  A GLN A 1 84 ? 4.051   -8.144  -1.994  0.50 14.76 ? 226 GLN A CB  1 
ATOM   688 C CB  B GLN A 1 84 ? 4.096   -8.120  -2.132  0.50 14.42 ? 226 GLN A CB  1 
ATOM   689 C CG  A GLN A 1 84 ? 5.356   -8.263  -1.168  0.50 17.54 ? 226 GLN A CG  1 
ATOM   690 C CG  B GLN A 1 84 ? 5.453   -8.296  -1.571  0.50 16.59 ? 226 GLN A CG  1 
ATOM   691 C CD  A GLN A 1 84 ? 5.392   -9.510  -0.266  0.50 20.60 ? 226 GLN A CD  1 
ATOM   692 C CD  B GLN A 1 84 ? 5.480   -9.387  -0.551  0.50 21.19 ? 226 GLN A CD  1 
ATOM   693 O OE1 A GLN A 1 84 ? 5.210   -10.626 -0.739  0.50 24.03 ? 226 GLN A OE1 1 
ATOM   694 O OE1 B GLN A 1 84 ? 4.432   -9.965  -0.191  0.50 21.19 ? 226 GLN A OE1 1 
ATOM   695 N NE2 A GLN A 1 84 ? 5.639   -9.323  1.026   0.50 17.99 ? 226 GLN A NE2 1 
ATOM   696 N NE2 B GLN A 1 84 ? 6.671   -9.692  -0.068  0.50 23.31 ? 226 GLN A NE2 1 
ATOM   697 N N   . ALA A 1 85 ? 2.423   -7.792  -4.656  1.00 13.07 ? 227 ALA A N   1 
ATOM   698 C CA  . ALA A 1 85 ? 1.108   -8.021  -5.243  1.00 13.87 ? 227 ALA A CA  1 
ATOM   699 C C   . ALA A 1 85 ? 0.216   -8.696  -4.191  1.00 12.81 ? 227 ALA A C   1 
ATOM   700 O O   . ALA A 1 85 ? 0.641   -9.552  -3.462  1.00 15.45 ? 227 ALA A O   1 
ATOM   701 C CB  . ALA A 1 85 ? 1.187   -8.892  -6.436  1.00 15.42 ? 227 ALA A CB  1 
ATOM   702 N N   . SER A 1 86 ? -1.043  -8.289  -4.119  1.00 12.91 ? 228 SER A N   1 
ATOM   703 C CA  . SER A 1 86 ? -2.023  -8.912  -3.224  1.00 14.21 ? 228 SER A CA  1 
ATOM   704 C C   . SER A 1 86 ? -2.292  -10.321 -3.659  1.00 17.48 ? 228 SER A C   1 
ATOM   705 O O   . SER A 1 86 ? -2.490  -11.215 -2.816  1.00 20.67 ? 228 SER A O   1 
ATOM   706 C CB  . SER A 1 86 ? -3.302  -8.095  -3.139  1.00 14.07 ? 228 SER A CB  1 
ATOM   707 O OG  . SER A 1 86 ? -4.205  -8.678  -2.209  1.00 18.02 ? 228 SER A OG  1 
ATOM   708 N N   A GLN A 1 87 ? -2.383  -10.529 -4.955  0.67 17.84 ? 229 GLN A N   1 
ATOM   709 N N   B GLN A 1 87 ? -2.208  -10.569 -4.955  0.33 18.50 ? 229 GLN A N   1 
ATOM   710 C CA  A GLN A 1 87 ? -2.540  -11.891 -5.464  0.67 21.43 ? 229 GLN A CA  1 
ATOM   711 C CA  B GLN A 1 87 ? -2.297  -11.933 -5.450  0.33 19.61 ? 229 GLN A CA  1 
ATOM   712 C C   A GLN A 1 87 ? -1.289  -12.302 -6.237  0.67 20.40 ? 229 GLN A C   1 
ATOM   713 C C   B GLN A 1 87 ? -1.011  -12.316 -6.174  0.33 18.83 ? 229 GLN A C   1 
ATOM   714 O O   A GLN A 1 87 ? -0.906  -11.632 -7.187  0.67 19.86 ? 229 GLN A O   1 
ATOM   715 O O   B GLN A 1 87 ? -0.341  -13.278 -5.795  0.33 19.77 ? 229 GLN A O   1 
ATOM   716 C CB  A GLN A 1 87 ? -3.793  -11.986 -6.320  0.67 24.24 ? 229 GLN A CB  1 
ATOM   717 C CB  B GLN A 1 87 ? -3.502  -12.096 -6.357  0.33 21.12 ? 229 GLN A CB  1 
ATOM   718 C CG  A GLN A 1 87 ? -4.096  -13.404 -6.861  0.67 24.08 ? 229 GLN A CG  1 
ATOM   719 C CG  B GLN A 1 87 ? -3.673  -13.522 -6.839  0.33 21.99 ? 229 GLN A CG  1 
ATOM   720 C CD  A GLN A 1 87 ? -4.391  -14.460 -5.789  0.67 26.94 ? 229 GLN A CD  1 
ATOM   721 C CD  B GLN A 1 87 ? -3.615  -14.545 -5.719  0.33 19.85 ? 229 GLN A CD  1 
ATOM   722 O OE1 A GLN A 1 87 ? -4.845  -14.144 -4.681  0.67 30.54 ? 229 GLN A OE1 1 
ATOM   723 O OE1 B GLN A 1 87 ? -4.358  -14.477 -4.747  0.33 17.09 ? 229 GLN A OE1 1 
ATOM   724 N NE2 A GLN A 1 87 ? -4.179  -15.730 -6.142  0.67 28.44 ? 229 GLN A NE2 1 
ATOM   725 N NE2 B GLN A 1 87 ? -2.734  -15.525 -5.868  0.33 20.30 ? 229 GLN A NE2 1 
HETATM 726 O O   . HOH B 2 .  ? -7.084  9.936   3.661   1.00 24.21 ? 301 HOH A O   1 
HETATM 727 O O   . HOH B 2 .  ? 3.662   -12.066 -1.630  1.00 37.29 ? 302 HOH A O   1 
HETATM 728 O O   . HOH B 2 .  ? 7.822   2.898   13.581  1.00 30.36 ? 303 HOH A O   1 
HETATM 729 O O   . HOH B 2 .  ? -5.885  -12.606 -3.201  1.00 23.59 ? 304 HOH A O   1 
HETATM 730 O O   . HOH B 2 .  ? -5.027  11.656  11.448  1.00 39.20 ? 305 HOH A O   1 
HETATM 731 O O   . HOH B 2 .  ? -1.065  1.147   19.377  1.00 45.17 ? 306 HOH A O   1 
HETATM 732 O O   . HOH B 2 .  ? -3.366  14.887  7.717   1.00 26.01 ? 307 HOH A O   1 
HETATM 733 O O   . HOH B 2 .  ? -0.293  -15.057 -7.599  1.00 48.37 ? 308 HOH A O   1 
HETATM 734 O O   . HOH B 2 .  ? -0.664  0.294   9.381   1.00 36.04 ? 309 HOH A O   1 
HETATM 735 O O   . HOH B 2 .  ? 12.243  1.058   11.835  1.00 37.93 ? 310 HOH A O   1 
HETATM 736 O O   . HOH B 2 .  ? -10.052 -0.274  -8.087  1.00 20.79 ? 311 HOH A O   1 
HETATM 737 O O   . HOH B 2 .  ? 9.981   6.772   11.281  1.00 39.94 ? 312 HOH A O   1 
HETATM 738 O O   . HOH B 2 .  ? -11.986 -1.246  -2.082  1.00 29.10 ? 313 HOH A O   1 
HETATM 739 O O   . HOH B 2 .  ? 1.738   9.943   9.562   1.00 28.47 ? 314 HOH A O   1 
HETATM 740 O O   . HOH B 2 .  ? -2.444  -7.358  -11.495 1.00 22.94 ? 315 HOH A O   1 
HETATM 741 O O   . HOH B 2 .  ? -13.639 -11.255 -13.994 1.00 28.23 ? 316 HOH A O   1 
HETATM 742 O O   . HOH B 2 .  ? 9.511   7.176   -5.961  1.00 33.49 ? 317 HOH A O   1 
HETATM 743 O O   . HOH B 2 .  ? 8.679   -8.671  -1.395  1.00 36.62 ? 318 HOH A O   1 
HETATM 744 O O   . HOH B 2 .  ? 3.348   -6.722  11.915  1.00 28.61 ? 319 HOH A O   1 
HETATM 745 O O   . HOH B 2 .  ? 1.830   12.362  -7.160  1.00 39.83 ? 320 HOH A O   1 
HETATM 746 O O   . HOH B 2 .  ? -8.200  3.389   5.692   1.00 33.68 ? 321 HOH A O   1 
HETATM 747 O O   . HOH B 2 .  ? -6.633  -7.617  -2.269  1.00 17.92 ? 322 HOH A O   1 
HETATM 748 O O   . HOH B 2 .  ? -19.352 -6.591  -12.246 1.00 23.51 ? 323 HOH A O   1 
HETATM 749 O O   . HOH B 2 .  ? 3.388   11.681  3.778   1.00 27.61 ? 324 HOH A O   1 
HETATM 750 O O   . HOH B 2 .  ? 1.722   -11.835 -4.394  1.00 43.73 ? 325 HOH A O   1 
HETATM 751 O O   . HOH B 2 .  ? 9.395   8.289   -0.282  1.00 20.43 ? 326 HOH A O   1 
HETATM 752 O O   . HOH B 2 .  ? -13.138 -12.102 -11.387 1.00 23.86 ? 327 HOH A O   1 
HETATM 753 O O   . HOH B 2 .  ? -16.371 -5.497  -5.038  1.00 22.39 ? 328 HOH A O   1 
HETATM 754 O O   . HOH B 2 .  ? 1.360   -10.299 -0.963  1.00 25.80 ? 329 HOH A O   1 
HETATM 755 O O   . HOH B 2 .  ? -4.216  3.171   -11.018 1.00 16.94 ? 330 HOH A O   1 
HETATM 756 O O   . HOH B 2 .  ? 8.291   -6.791  -3.436  1.00 27.61 ? 331 HOH A O   1 
HETATM 757 O O   . HOH B 2 .  ? -17.954 -3.798  -13.353 1.00 29.97 ? 332 HOH A O   1 
HETATM 758 O O   . HOH B 2 .  ? -0.311  3.386   -13.589 1.00 27.30 ? 333 HOH A O   1 
HETATM 759 O O   . HOH B 2 .  ? 7.596   -4.699  -10.450 1.00 21.71 ? 334 HOH A O   1 
HETATM 760 O O   . HOH B 2 .  ? -7.311  -12.996 -6.719  1.00 23.85 ? 335 HOH A O   1 
HETATM 761 O O   . HOH B 2 .  ? -8.755  -4.542  -2.704  1.00 21.86 ? 336 HOH A O   1 
HETATM 762 O O   . HOH B 2 .  ? -3.590  2.688   -16.495 1.00 28.50 ? 337 HOH A O   1 
HETATM 763 O O   . HOH B 2 .  ? 7.564   1.840   5.111   1.00 12.05 ? 338 HOH A O   1 
HETATM 764 O O   . HOH B 2 .  ? -17.860 -3.187  -5.572  1.00 35.66 ? 339 HOH A O   1 
HETATM 765 O O   . HOH B 2 .  ? -11.478 0.082   -12.848 1.00 39.89 ? 340 HOH A O   1 
HETATM 766 O O   . HOH B 2 .  ? 3.887   9.937   1.796   1.00 20.92 ? 341 HOH A O   1 
HETATM 767 O O   . HOH B 2 .  ? 8.101   12.289  9.391   1.00 35.01 ? 342 HOH A O   1 
HETATM 768 O O   . HOH B 2 .  ? -14.187 0.581   -7.804  1.00 39.26 ? 343 HOH A O   1 
HETATM 769 O O   . HOH B 2 .  ? -5.912  12.469  2.029   1.00 20.82 ? 344 HOH A O   1 
HETATM 770 O O   . HOH B 2 .  ? 2.650   -1.004  -15.805 1.00 21.41 ? 345 HOH A O   1 
HETATM 771 O O   . HOH B 2 .  ? 8.306   1.768   -10.050 1.00 21.59 ? 346 HOH A O   1 
HETATM 772 O O   . HOH B 2 .  ? -8.856  -0.525  7.528   1.00 31.13 ? 347 HOH A O   1 
HETATM 773 O O   . HOH B 2 .  ? -2.205  -8.117  -6.951  1.00 19.01 ? 348 HOH A O   1 
HETATM 774 O O   . HOH B 2 .  ? -0.078  8.952   -11.298 1.00 40.26 ? 349 HOH A O   1 
HETATM 775 O O   . HOH B 2 .  ? 6.295   3.696   6.690   1.00 13.67 ? 350 HOH A O   1 
HETATM 776 O O   . HOH B 2 .  ? -8.834  -5.337  3.994   1.00 26.19 ? 351 HOH A O   1 
HETATM 777 O O   . HOH B 2 .  ? 5.389   -5.580  8.366   1.00 19.79 ? 352 HOH A O   1 
HETATM 778 O O   . HOH B 2 .  ? -0.732  -5.943  -13.093 1.00 22.80 ? 353 HOH A O   1 
HETATM 779 O O   A HOH B 2 .  ? 15.804  2.232   2.452   0.50 17.71 ? 354 HOH A O   1 
HETATM 780 O O   B HOH B 2 .  ? 15.983  2.962   1.138   0.50 22.21 ? 354 HOH A O   1 
HETATM 781 O O   . HOH B 2 .  ? -18.893 -7.343  -9.825  1.00 32.91 ? 355 HOH A O   1 
HETATM 782 O O   . HOH B 2 .  ? -0.481  8.617   13.232  1.00 37.78 ? 356 HOH A O   1 
HETATM 783 O O   . HOH B 2 .  ? -6.632  -11.548 -9.000  1.00 24.96 ? 357 HOH A O   1 
HETATM 784 O O   . HOH B 2 .  ? -0.577  -12.040 -0.790  1.00 35.45 ? 358 HOH A O   1 
HETATM 785 O O   . HOH B 2 .  ? -15.931 -13.817 -6.306  1.00 25.85 ? 359 HOH A O   1 
HETATM 786 O O   . HOH B 2 .  ? 1.598   1.082   11.215  1.00 29.24 ? 360 HOH A O   1 
HETATM 787 O O   A HOH B 2 .  ? 12.667  1.366   -5.088  0.50 20.83 ? 361 HOH A O   1 
HETATM 788 O O   B HOH B 2 .  ? 12.494  2.071   -6.368  0.50 24.34 ? 361 HOH A O   1 
HETATM 789 O O   . HOH B 2 .  ? -10.404 -7.561  -2.935  1.00 26.19 ? 362 HOH A O   1 
HETATM 790 O O   . HOH B 2 .  ? -4.268  8.793   -6.317  1.00 27.57 ? 363 HOH A O   1 
HETATM 791 O O   . HOH B 2 .  ? 4.731   -9.333  -5.579  1.00 19.42 ? 364 HOH A O   1 
HETATM 792 O O   . HOH B 2 .  ? 4.564   -6.571  1.447   1.00 22.71 ? 365 HOH A O   1 
HETATM 793 O O   . HOH B 2 .  ? 1.256   -0.143  20.654  1.00 45.59 ? 366 HOH A O   1 
HETATM 794 O O   . HOH B 2 .  ? 14.714  -1.935  -3.811  1.00 36.15 ? 367 HOH A O   1 
HETATM 795 O O   . HOH B 2 .  ? 4.705   11.216  -2.731  1.00 36.84 ? 368 HOH A O   1 
HETATM 796 O O   . HOH B 2 .  ? 13.503  9.682   4.207   1.00 25.45 ? 369 HOH A O   1 
HETATM 797 O O   . HOH B 2 .  ? -5.206  10.040  6.342   1.00 26.42 ? 370 HOH A O   1 
HETATM 798 O O   . HOH B 2 .  ? 8.287   2.167   16.231  1.00 34.31 ? 371 HOH A O   1 
HETATM 799 O O   . HOH B 2 .  ? 12.596  -2.205  -5.588  1.00 23.22 ? 372 HOH A O   1 
HETATM 800 O O   A HOH B 2 .  ? -7.931  1.771   7.445   0.50 19.63 ? 373 HOH A O   1 
HETATM 801 O O   . HOH B 2 .  ? 6.449   5.709   13.560  1.00 31.75 ? 374 HOH A O   1 
HETATM 802 O O   . HOH B 2 .  ? -7.633  -7.247  0.293   1.00 23.40 ? 375 HOH A O   1 
HETATM 803 O O   . HOH B 2 .  ? -1.612  12.627  -3.617  1.00 35.48 ? 376 HOH A O   1 
HETATM 804 O O   . HOH B 2 .  ? -8.784  5.394   0.764   1.00 28.84 ? 377 HOH A O   1 
HETATM 805 O O   . HOH B 2 .  ? -7.714  6.125   2.887   1.00 33.73 ? 378 HOH A O   1 
HETATM 806 O O   . HOH B 2 .  ? -2.569  9.778   -8.735  1.00 33.10 ? 379 HOH A O   1 
HETATM 807 O O   . HOH B 2 .  ? 13.621  6.859   -0.443  1.00 19.31 ? 380 HOH A O   1 
HETATM 808 O O   . HOH B 2 .  ? 1.378   14.263  14.305  1.00 47.69 ? 381 HOH A O   1 
HETATM 809 O O   . HOH B 2 .  ? 6.725   7.491   -10.225 1.00 42.82 ? 382 HOH A O   1 
HETATM 810 O O   . HOH B 2 .  ? 3.835   -7.449  17.091  1.00 26.96 ? 383 HOH A O   1 
HETATM 811 O O   . HOH B 2 .  ? -5.859  11.598  -2.262  1.00 47.19 ? 384 HOH A O   1 
HETATM 812 O O   A HOH B 2 .  ? -3.886  9.759   -3.700  0.50 21.11 ? 385 HOH A O   1 
HETATM 813 O O   B HOH B 2 .  ? -2.942  10.640  -2.197  0.50 22.55 ? 385 HOH A O   1 
HETATM 814 O O   . HOH B 2 .  ? -8.299  -10.757 -11.725 1.00 31.98 ? 386 HOH A O   1 
HETATM 815 O O   . HOH B 2 .  ? 14.861  1.134   -3.253  1.00 30.71 ? 387 HOH A O   1 
HETATM 816 O O   . HOH B 2 .  ? -10.541 7.097   -6.072  1.00 49.54 ? 388 HOH A O   1 
HETATM 817 O O   . HOH B 2 .  ? 0.795   2.638   -16.000 1.00 34.06 ? 389 HOH A O   1 
HETATM 818 O O   . HOH B 2 .  ? -4.590  4.849   -13.047 1.00 30.82 ? 390 HOH A O   1 
HETATM 819 O O   . HOH B 2 .  ? 1.499   -0.550  13.297  1.00 43.17 ? 391 HOH A O   1 
HETATM 820 O O   . HOH B 2 .  ? -11.540 5.257   -0.252  1.00 36.11 ? 392 HOH A O   1 
HETATM 821 O O   . HOH B 2 .  ? -4.129  -1.314  -17.010 1.00 22.36 ? 393 HOH A O   1 
HETATM 822 O O   . HOH B 2 .  ? -1.805  1.379   12.119  1.00 50.88 ? 394 HOH A O   1 
HETATM 823 O O   . HOH B 2 .  ? 3.352   -4.094  14.092  1.00 40.14 ? 395 HOH A O   1 
HETATM 824 O O   . HOH B 2 .  ? -8.598  -4.012  6.592   1.00 25.96 ? 396 HOH A O   1 
HETATM 825 O O   . HOH B 2 .  ? -1.143  -8.838  -9.466  1.00 29.12 ? 397 HOH A O   1 
HETATM 826 O O   . HOH B 2 .  ? 3.148   -7.139  -10.736 1.00 28.78 ? 398 HOH A O   1 
HETATM 827 O O   . HOH B 2 .  ? -0.830  -3.811  -17.128 1.00 28.16 ? 399 HOH A O   1 
HETATM 828 O O   A HOH B 2 .  ? -17.364 -13.019 -8.176  0.50 23.01 ? 400 HOH A O   1 
HETATM 829 O O   B HOH B 2 .  ? -18.245 -11.851 -8.666  0.50 24.50 ? 400 HOH A O   1 
HETATM 830 O O   . HOH B 2 .  ? 10.555  -6.296  -4.839  1.00 34.25 ? 401 HOH A O   1 
HETATM 831 O O   . HOH B 2 .  ? -3.104  12.278  -5.553  1.00 40.35 ? 402 HOH A O   1 
HETATM 832 O O   . HOH B 2 .  ? 7.333   -8.744  -4.993  1.00 26.00 ? 403 HOH A O   1 
HETATM 833 O O   . HOH B 2 .  ? -2.178  5.443   -14.123 1.00 37.90 ? 404 HOH A O   1 
HETATM 834 O O   . HOH B 2 .  ? 13.586  1.373   9.830   1.00 34.54 ? 405 HOH A O   1 
HETATM 835 O O   . HOH B 2 .  ? -4.206  -11.141 -9.951  1.00 29.35 ? 406 HOH A O   1 
HETATM 836 O O   . HOH B 2 .  ? -10.519 -12.075 -12.385 1.00 36.62 ? 407 HOH A O   1 
HETATM 837 O O   . HOH B 2 .  ? -1.021  -6.285  -15.780 1.00 38.77 ? 408 HOH A O   1 
HETATM 838 O O   . HOH B 2 .  ? 1.601   -6.902  -13.368 1.00 34.55 ? 409 HOH A O   1 
HETATM 839 O O   . HOH B 2 .  ? -2.756  5.028   -17.379 0.50 40.16 ? 410 HOH A O   1 
HETATM 840 O O   . HOH B 2 .  ? 6.036   -7.040  -10.389 1.00 31.40 ? 411 HOH A O   1 
HETATM 841 O O   . HOH B 2 .  ? 1.987   -9.240  -9.822  1.00 39.17 ? 412 HOH A O   1 
HETATM 842 O O   . HOH B 2 .  ? 4.399   -10.109 -8.122  1.00 32.19 ? 413 HOH A O   1 
HETATM 843 O O   . HOH B 2 .  ? -4.948  -8.533  -14.083 1.00 38.04 ? 414 HOH A O   1 
HETATM 844 O O   . HOH B 2 .  ? 10.346  -7.096  -7.488  1.00 34.51 ? 415 HOH A O   1 
HETATM 845 O O   . HOH B 2 .  ? -3.377  -7.763  -16.297 1.00 36.03 ? 416 HOH A O   1 
HETATM 846 O O   . HOH B 2 .  ? -1.480  -6.853  -17.981 1.00 38.65 ? 417 HOH A O   1 
# 
loop_
_atom_site_anisotrop.id 
_atom_site_anisotrop.type_symbol 
_atom_site_anisotrop.pdbx_label_atom_id 
_atom_site_anisotrop.pdbx_label_alt_id 
_atom_site_anisotrop.pdbx_label_comp_id 
_atom_site_anisotrop.pdbx_label_asym_id 
_atom_site_anisotrop.pdbx_label_seq_id 
_atom_site_anisotrop.pdbx_PDB_ins_code 
_atom_site_anisotrop.U[1][1] 
_atom_site_anisotrop.U[2][2] 
_atom_site_anisotrop.U[3][3] 
_atom_site_anisotrop.U[1][2] 
_atom_site_anisotrop.U[1][3] 
_atom_site_anisotrop.U[2][3] 
_atom_site_anisotrop.pdbx_auth_seq_id 
_atom_site_anisotrop.pdbx_auth_comp_id 
_atom_site_anisotrop.pdbx_auth_asym_id 
_atom_site_anisotrop.pdbx_auth_atom_id 
1   N N   . GLY A 1  ? 0.5063 0.4941 0.4761 0.0074  -0.0176 -0.0067 0   GLY A N   
2   C CA  . GLY A 1  ? 0.5104 0.5223 0.4968 0.0000  -0.0091 0.0047  0   GLY A CA  
3   C C   . GLY A 1  ? 0.4894 0.4842 0.4896 -0.0002 0.0061  0.0032  0   GLY A C   
4   O O   . GLY A 1  ? 0.5108 0.5283 0.4854 -0.0003 0.0000  -0.0067 0   GLY A O   
5   N N   . ASN A 2  ? 0.4332 0.4382 0.4274 0.0231  0.0015  0.0070  144 ASN A N   
6   C CA  . ASN A 2  ? 0.3681 0.3825 0.3773 0.0144  0.0074  -0.0067 144 ASN A CA  
7   C C   . ASN A 2  ? 0.3184 0.3463 0.2986 0.0114  -0.0178 -0.0303 144 ASN A C   
8   O O   . ASN A 2  ? 0.3199 0.3867 0.3774 0.0219  -0.0410 -0.0547 144 ASN A O   
9   C CB  . ASN A 2  ? 0.3901 0.3787 0.4006 0.0017  0.0171  0.0003  144 ASN A CB  
10  C CG  . ASN A 2  ? 0.4591 0.4499 0.4637 0.0161  0.0290  -0.0014 144 ASN A CG  
11  O OD1 . ASN A 2  ? 0.5458 0.5229 0.5208 -0.0216 0.0192  -0.0153 144 ASN A OD1 
12  N ND2 . ASN A 2  ? 0.4905 0.5156 0.5606 0.0023  -0.0062 -0.0011 144 ASN A ND2 
13  N N   . LEU A 3  ? 0.2567 0.2824 0.2197 0.0085  0.0024  -0.0318 145 LEU A N   
14  C CA  . LEU A 3  ? 0.2094 0.2420 0.1918 0.0011  -0.0042 -0.0084 145 LEU A CA  
15  C C   . LEU A 3  ? 0.1639 0.1753 0.1817 -0.0104 0.0121  -0.0116 145 LEU A C   
16  O O   . LEU A 3  ? 0.2173 0.2554 0.1795 -0.0345 0.0356  -0.0340 145 LEU A O   
17  C CB  . LEU A 3  ? 0.1977 0.2327 0.2158 -0.0125 0.0037  -0.0077 145 LEU A CB  
18  C CG  . LEU A 3  ? 0.2407 0.2306 0.2342 -0.0026 -0.0032 -0.0070 145 LEU A CG  
19  C CD1 . LEU A 3  ? 0.2451 0.2685 0.3107 -0.0218 -0.0054 0.0112  145 LEU A CD1 
20  C CD2 . LEU A 3  ? 0.3256 0.2852 0.2319 0.0009  -0.0015 0.0372  145 LEU A CD2 
21  N N   . THR A 4  ? 0.1480 0.1970 0.1603 0.0057  -0.0074 -0.0183 146 THR A N   
22  C CA  . THR A 4  ? 0.1445 0.1931 0.1653 -0.0033 0.0150  -0.0102 146 THR A CA  
23  C C   . THR A 4  ? 0.1778 0.1402 0.1524 -0.0074 0.0023  -0.0109 146 THR A C   
24  O O   . THR A 4  ? 0.1500 0.1935 0.1335 -0.0296 0.0072  -0.0049 146 THR A O   
25  C CB  . THR A 4  ? 0.1576 0.2058 0.1598 -0.0068 -0.0054 -0.0221 146 THR A CB  
26  O OG1 . THR A 4  ? 0.1526 0.2271 0.1784 -0.0129 0.0058  -0.0010 146 THR A OG1 
27  C CG2 . THR A 4  ? 0.1852 0.2360 0.1826 -0.0139 -0.0297 -0.0332 146 THR A CG2 
28  N N   . PRO A 5  ? 0.1612 0.1899 0.1453 -0.0401 0.0090  0.0105  147 PRO A N   
29  C CA  . PRO A 5  ? 0.1836 0.1903 0.1442 -0.0261 0.0089  0.0162  147 PRO A CA  
30  C C   . PRO A 5  ? 0.1845 0.1917 0.1526 -0.0252 0.0028  0.0232  147 PRO A C   
31  O O   . PRO A 5  ? 0.1591 0.1974 0.1393 -0.0286 -0.0061 0.0228  147 PRO A O   
32  C CB  . PRO A 5  ? 0.2095 0.2021 0.1665 -0.0326 0.0129  0.0223  147 PRO A CB  
33  C CG  . PRO A 5  ? 0.2036 0.2375 0.1782 -0.0466 0.0115  0.0029  147 PRO A CG  
34  C CD  . PRO A 5  ? 0.1664 0.2332 0.1941 -0.0545 -0.0042 0.0004  147 PRO A CD  
35  N N   . GLU A 6  ? 0.1707 0.1779 0.1466 -0.0284 0.0034  0.0156  148 GLU A N   
36  C CA  . GLU A 6  ? 0.1576 0.1771 0.1580 -0.0206 -0.0092 0.0125  148 GLU A CA  
37  C C   . GLU A 6  ? 0.1576 0.1558 0.1442 -0.0102 0.0042  0.0196  148 GLU A C   
38  O O   . GLU A 6  ? 0.1384 0.1722 0.1604 -0.0168 -0.0091 0.0117  148 GLU A O   
39  C CB  . GLU A 6  ? 0.2194 0.1612 0.1736 -0.0394 -0.0076 -0.0018 148 GLU A CB  
40  C CG  . GLU A 6  ? 0.2713 0.2310 0.2508 -0.0064 -0.0273 0.0307  148 GLU A CG  
41  C CD  . GLU A 6  ? 0.3170 0.3194 0.3438 -0.0346 -0.0099 0.0124  148 GLU A CD  
42  O OE1 . GLU A 6  ? 0.3137 0.2174 0.3234 -0.0601 -0.0008 -0.0570 148 GLU A OE1 
43  O OE2 . GLU A 6  ? 0.4196 0.3652 0.3842 -0.0469 -0.0015 0.0745  148 GLU A OE2 
44  N N   . GLU A 7  ? 0.1414 0.1788 0.1388 -0.0283 -0.0087 0.0094  149 GLU A N   
45  C CA  . GLU A 7  ? 0.1272 0.1738 0.1334 -0.0159 0.0050  0.0126  149 GLU A CA  
46  C C   . GLU A 7  ? 0.1445 0.1393 0.1314 -0.0112 -0.0029 0.0215  149 GLU A C   
47  O O   . GLU A 7  ? 0.1388 0.1655 0.1319 -0.0286 -0.0038 0.0166  149 GLU A O   
48  C CB  . GLU A 7  ? 0.1471 0.1737 0.1307 -0.0229 0.0043  0.0194  149 GLU A CB  
49  C CG  . GLU A 7  ? 0.1476 0.1962 0.1282 -0.0055 0.0135  0.0142  149 GLU A CG  
50  C CD  . GLU A 7  ? 0.1627 0.1974 0.1338 0.0012  0.0156  0.0007  149 GLU A CD  
51  O OE1 . GLU A 7  ? 0.1532 0.2527 0.1371 0.0213  -0.0131 -0.0198 149 GLU A OE1 
52  O OE2 . GLU A 7  ? 0.1675 0.2282 0.1397 0.0059  -0.0115 -0.0201 149 GLU A OE2 
53  N N   . ARG A 8  ? 0.1363 0.1681 0.1327 -0.0347 0.0017  0.0027  150 ARG A N   
54  C CA  A ARG A 8  ? 0.1623 0.1405 0.1285 -0.0049 -0.0108 0.0115  150 ARG A CA  
55  C CA  B ARG A 8  ? 0.1648 0.1559 0.1428 -0.0076 -0.0090 0.0068  150 ARG A CA  
56  C C   . ARG A 8  ? 0.1643 0.1335 0.1137 0.0010  -0.0072 0.0207  150 ARG A C   
57  O O   . ARG A 8  ? 0.1567 0.1410 0.1548 -0.0290 -0.0072 0.0147  150 ARG A O   
58  C CB  A ARG A 8  ? 0.1634 0.2016 0.1572 -0.0233 0.0156  -0.0015 150 ARG A CB  
59  C CB  B ARG A 8  ? 0.1825 0.2041 0.1637 -0.0210 0.0084  -0.0025 150 ARG A CB  
60  C CG  A ARG A 8  ? 0.1678 0.2180 0.1719 -0.0451 -0.0157 -0.0015 150 ARG A CG  
61  C CG  B ARG A 8  ? 0.2439 0.2579 0.2492 0.0019  -0.0063 0.0070  150 ARG A CG  
62  C CD  A ARG A 8  ? 0.1496 0.2610 0.2425 0.0130  0.0416  0.0254  150 ARG A CD  
63  C CD  B ARG A 8  ? 0.2840 0.3029 0.2917 0.0045  0.0187  -0.0054 150 ARG A CD  
64  N NE  A ARG A 8  ? 0.2175 0.2043 0.2404 -0.0007 -0.0215 -0.0267 150 ARG A NE  
65  N NE  B ARG A 8  ? 0.3167 0.3330 0.3008 -0.0068 0.0143  0.0048  150 ARG A NE  
66  C CZ  A ARG A 8  ? 0.2178 0.2406 0.2934 0.0044  -0.0086 0.0025  150 ARG A CZ  
67  C CZ  B ARG A 8  ? 0.3104 0.2806 0.3029 -0.0123 -0.0103 0.0152  150 ARG A CZ  
68  N NH1 A ARG A 8  ? 0.2279 0.2748 0.3116 -0.0267 0.0123  0.0284  150 ARG A NH1 
69  N NH1 B ARG A 8  ? 0.3336 0.3361 0.3153 0.0169  -0.0075 0.0095  150 ARG A NH1 
70  N NH2 A ARG A 8  ? 0.2061 0.2317 0.2900 0.0105  -0.0164 0.0133  150 ARG A NH2 
71  N NH2 B ARG A 8  ? 0.1441 0.2526 0.1248 -0.0419 0.0293  0.0302  150 ARG A NH2 
72  N N   . ASP A 9  ? 0.1583 0.1644 0.1528 -0.0275 -0.0272 0.0358  151 ASP A N   
73  C CA  . ASP A 9  ? 0.1612 0.1820 0.1511 -0.0100 -0.0415 0.0076  151 ASP A CA  
74  C C   . ASP A 9  ? 0.1444 0.1468 0.1566 0.0063  -0.0095 -0.0022 151 ASP A C   
75  O O   . ASP A 9  ? 0.1401 0.1843 0.1797 -0.0217 -0.0303 0.0101  151 ASP A O   
76  C CB  . ASP A 9  ? 0.1900 0.1752 0.1856 -0.0104 -0.0246 0.0294  151 ASP A CB  
77  C CG  . ASP A 9  ? 0.2157 0.2416 0.2199 -0.0262 -0.0137 0.0248  151 ASP A CG  
78  O OD1 . ASP A 9  ? 0.2076 0.2498 0.1873 -0.0109 -0.0317 0.0504  151 ASP A OD1 
79  O OD2 . ASP A 9  ? 0.2570 0.2177 0.2543 -0.0405 0.0325  0.0323  151 ASP A OD2 
80  N N   . ALA A 10 ? 0.1486 0.1567 0.1639 -0.0174 -0.0042 0.0085  152 ALA A N   
81  C CA  . ALA A 10 ? 0.1565 0.1690 0.1536 -0.0033 -0.0047 -0.0175 152 ALA A CA  
82  C C   . ALA A 10 ? 0.1562 0.1616 0.1588 0.0011  -0.0161 -0.0301 152 ALA A C   
83  O O   . ALA A 10 ? 0.1589 0.2044 0.1884 -0.0095 0.0258  -0.0215 152 ALA A O   
84  C CB  . ALA A 10 ? 0.2020 0.1687 0.1373 -0.0335 -0.0246 -0.0381 152 ALA A CB  
85  N N   . ARG A 11 ? 0.1154 0.1309 0.1438 -0.0044 0.0004  -0.0103 153 ARG A N   
86  C CA  . ARG A 11 ? 0.1526 0.1309 0.1335 -0.0137 -0.0014 -0.0144 153 ARG A CA  
87  C C   . ARG A 11 ? 0.1332 0.1432 0.1463 -0.0096 0.0024  -0.0046 153 ARG A C   
88  O O   . ARG A 11 ? 0.1750 0.1528 0.1352 -0.0361 -0.0242 0.0163  153 ARG A O   
89  C CB  . ARG A 11 ? 0.1690 0.1516 0.1329 -0.0216 -0.0020 -0.0046 153 ARG A CB  
90  C CG  . ARG A 11 ? 0.1628 0.1705 0.1284 -0.0138 -0.0085 -0.0035 153 ARG A CG  
91  C CD  . ARG A 11 ? 0.1765 0.1231 0.1324 0.0513  -0.0191 -0.0044 153 ARG A CD  
92  N NE  . ARG A 11 ? 0.2012 0.1524 0.1472 -0.0076 -0.0201 0.0251  153 ARG A NE  
93  C CZ  . ARG A 11 ? 0.1477 0.1638 0.1428 -0.0056 -0.0042 -0.0008 153 ARG A CZ  
94  N NH1 . ARG A 11 ? 0.1559 0.1679 0.1357 -0.0182 -0.0218 -0.0020 153 ARG A NH1 
95  N NH2 . ARG A 11 ? 0.2102 0.1757 0.1423 -0.0370 -0.0321 0.0319  153 ARG A NH2 
96  N N   . THR A 12 ? 0.1400 0.1310 0.1310 -0.0057 -0.0174 -0.0108 154 THR A N   
97  C CA  . THR A 12 ? 0.1420 0.1482 0.1489 0.0180  -0.0035 0.0005  154 THR A CA  
98  C C   . THR A 12 ? 0.1452 0.1104 0.1208 0.0243  -0.0070 0.0053  154 THR A C   
99  O O   . THR A 12 ? 0.1482 0.1374 0.1633 0.0200  -0.0225 -0.0341 154 THR A O   
100 C CB  . THR A 12 ? 0.1505 0.1508 0.1425 -0.0068 -0.0139 0.0051  154 THR A CB  
101 O OG1 . THR A 12 ? 0.1348 0.1612 0.1585 0.0005  -0.0098 0.0058  154 THR A OG1 
102 C CG2 . THR A 12 ? 0.1916 0.1868 0.1120 0.0031  -0.0413 0.0038  154 THR A CG2 
103 N N   . VAL A 13 ? 0.1358 0.1374 0.1291 0.0029  -0.0197 -0.0117 155 VAL A N   
104 C CA  . VAL A 13 ? 0.1379 0.1263 0.1314 0.0114  -0.0141 -0.0162 155 VAL A CA  
105 C C   . VAL A 13 ? 0.1262 0.1378 0.1261 0.0241  -0.0197 -0.0228 155 VAL A C   
106 O O   . VAL A 13 ? 0.1386 0.1208 0.1298 0.0337  -0.0031 -0.0090 155 VAL A O   
107 C CB  . VAL A 13 ? 0.1288 0.1546 0.1399 -0.0090 -0.0148 -0.0175 155 VAL A CB  
108 C CG1 . VAL A 13 ? 0.1658 0.2437 0.1349 -0.0310 0.0188  0.0014  155 VAL A CG1 
109 C CG2 . VAL A 13 ? 0.1324 0.1510 0.1587 -0.0172 -0.0039 0.0067  155 VAL A CG2 
110 N N   . PHE A 14 ? 0.1355 0.1414 0.1290 0.0098  -0.0091 -0.0098 156 PHE A N   
111 C CA  . PHE A 14 ? 0.1152 0.1295 0.1237 0.0257  0.0032  -0.0070 156 PHE A CA  
112 C C   . PHE A 14 ? 0.1171 0.1252 0.1406 0.0189  0.0028  -0.0033 156 PHE A C   
113 O O   . PHE A 14 ? 0.1165 0.1362 0.1546 0.0054  0.0099  -0.0233 156 PHE A O   
114 C CB  . PHE A 14 ? 0.1226 0.1340 0.1402 0.0145  0.0086  -0.0083 156 PHE A CB  
115 C CG  . PHE A 14 ? 0.1480 0.1355 0.1555 0.0056  0.0105  -0.0010 156 PHE A CG  
116 C CD1 . PHE A 14 ? 0.1600 0.1942 0.1458 -0.0102 0.0089  -0.0001 156 PHE A CD1 
117 C CD2 . PHE A 14 ? 0.2031 0.1693 0.1498 -0.0235 0.0148  0.0111  156 PHE A CD2 
118 C CE1 . PHE A 14 ? 0.2115 0.1966 0.1613 -0.0364 0.0293  0.0011  156 PHE A CE1 
119 C CE2 . PHE A 14 ? 0.2060 0.1415 0.2061 0.0082  -0.0243 0.0141  156 PHE A CE2 
120 C CZ  . PHE A 14 ? 0.2556 0.2019 0.1380 -0.0224 0.0021  0.0349  156 PHE A CZ  
121 N N   . CYS A 15 ? 0.1163 0.1300 0.1306 0.0046  0.0033  -0.0104 157 CYS A N   
122 C CA  . CYS A 15 ? 0.1361 0.1155 0.1324 0.0035  -0.0035 0.0089  157 CYS A CA  
123 C C   . CYS A 15 ? 0.1272 0.1284 0.1309 -0.0120 -0.0040 0.0056  157 CYS A C   
124 O O   . CYS A 15 ? 0.1350 0.1611 0.1330 0.0023  0.0004  0.0003  157 CYS A O   
125 C CB  . CYS A 15 ? 0.1266 0.1285 0.1318 0.0137  -0.0053 -0.0032 157 CYS A CB  
126 S SG  . CYS A 15 ? 0.1776 0.1440 0.1705 0.0082  -0.0158 0.0171  157 CYS A SG  
127 N N   . MET A 16 ? 0.1211 0.1687 0.1143 -0.0082 -0.0022 0.0078  158 MET A N   
128 C CA  . MET A 16 ? 0.1375 0.1242 0.1505 0.0003  -0.0120 0.0368  158 MET A CA  
129 C C   . MET A 16 ? 0.1241 0.1442 0.1313 0.0102  -0.0126 0.0064  158 MET A C   
130 O O   . MET A 16 ? 0.1388 0.1429 0.1303 -0.0053 -0.0143 0.0015  158 MET A O   
131 C CB  . MET A 16 ? 0.2223 0.1643 0.1918 -0.0043 -0.0372 0.0335  158 MET A CB  
132 C CG  . MET A 16 ? 0.2270 0.2401 0.2381 -0.0112 0.0058  0.0147  158 MET A CG  
133 S SD  . MET A 16 ? 0.4054 0.1736 0.3517 0.0786  0.0001  0.0371  158 MET A SD  
134 C CE  . MET A 16 ? 0.4309 0.3628 0.3843 -0.0080 -0.0231 0.0069  158 MET A CE  
135 N N   . GLN A 17 ? 0.1651 0.1317 0.1448 -0.0044 -0.0201 0.0090  159 GLN A N   
136 C CA  . GLN A 17 ? 0.1605 0.1717 0.1498 -0.0152 -0.0199 0.0144  159 GLN A CA  
137 C C   . GLN A 17 ? 0.1483 0.1712 0.1560 -0.0223 -0.0338 0.0259  159 GLN A C   
138 O O   . GLN A 17 ? 0.1635 0.1491 0.2156 -0.0081 -0.0199 0.0358  159 GLN A O   
139 C CB  . GLN A 17 ? 0.1931 0.1851 0.1506 -0.0265 -0.0220 -0.0051 159 GLN A CB  
140 C CG  . GLN A 17 ? 0.1949 0.2067 0.1745 -0.0232 -0.0195 0.0040  159 GLN A CG  
141 C CD  . GLN A 17 ? 0.1806 0.1666 0.2067 0.0125  -0.0294 0.0228  159 GLN A CD  
142 O OE1 . GLN A 17 ? 0.1891 0.2238 0.2881 0.0510  -0.0211 0.0832  159 GLN A OE1 
143 N NE2 . GLN A 17 ? 0.1928 0.1590 0.2104 0.0215  -0.0014 0.0049  159 GLN A NE2 
144 N N   . LEU A 18 ? 0.1566 0.1725 0.1531 -0.0039 -0.0193 0.0160  160 LEU A N   
145 C CA  . LEU A 18 ? 0.1822 0.1473 0.1494 -0.0076 -0.0013 0.0106  160 LEU A CA  
146 C C   . LEU A 18 ? 0.1948 0.1933 0.1706 -0.0232 -0.0109 0.0092  160 LEU A C   
147 O O   . LEU A 18 ? 0.2436 0.1798 0.1416 -0.0149 -0.0291 0.0006  160 LEU A O   
148 C CB  . LEU A 18 ? 0.1843 0.1596 0.1593 0.0006  -0.0142 0.0100  160 LEU A CB  
149 C CG  . LEU A 18 ? 0.1649 0.1416 0.1395 0.0175  -0.0190 -0.0102 160 LEU A CG  
150 C CD1 . LEU A 18 ? 0.1299 0.1893 0.1955 -0.0073 0.0183  0.0010  160 LEU A CD1 
151 C CD2 . LEU A 18 ? 0.1740 0.1658 0.1501 0.0013  -0.0199 0.0302  160 LEU A CD2 
152 N N   . ALA A 19 ? 0.2229 0.1866 0.1568 -0.0201 -0.0162 0.0056  161 ALA A N   
153 C CA  . ALA A 19 ? 0.2338 0.1978 0.1798 -0.0037 -0.0341 -0.0175 161 ALA A CA  
154 C C   . ALA A 19 ? 0.2759 0.2041 0.2286 -0.0039 -0.0183 -0.0061 161 ALA A C   
155 O O   . ALA A 19 ? 0.2450 0.2660 0.2044 -0.0201 0.0223  -0.0393 161 ALA A O   
156 C CB  . ALA A 19 ? 0.2611 0.1984 0.2337 0.0036  -0.0318 -0.0114 161 ALA A CB  
157 N N   . ALA A 20 ? 0.3329 0.2768 0.2225 0.0050  -0.0127 -0.0032 162 ALA A N   
158 C CA  . ALA A 20 ? 0.3627 0.3484 0.2579 0.0049  0.0004  -0.0111 162 ALA A CA  
159 C C   . ALA A 20 ? 0.3464 0.3419 0.2324 -0.0043 -0.0103 -0.0159 162 ALA A C   
160 O O   . ALA A 20 ? 0.3833 0.3846 0.2659 -0.0044 0.0075  -0.0232 162 ALA A O   
161 C CB  . ALA A 20 ? 0.4021 0.3747 0.2602 0.0244  0.0004  -0.0028 162 ALA A CB  
162 N N   . ARG A 21 ? 0.3469 0.3062 0.2409 0.0067  -0.0074 -0.0398 163 ARG A N   
163 C CA  . ARG A 21 ? 0.3307 0.3017 0.2969 0.0025  -0.0038 -0.0090 163 ARG A CA  
164 C C   . ARG A 21 ? 0.3252 0.2757 0.2853 -0.0046 0.0016  -0.0342 163 ARG A C   
165 O O   . ARG A 21 ? 0.3001 0.2724 0.2658 -0.0052 0.0022  -0.0385 163 ARG A O   
166 C CB  . ARG A 21 ? 0.3806 0.3326 0.3295 -0.0031 -0.0109 -0.0291 163 ARG A CB  
167 C CG  . ARG A 21 ? 0.4175 0.4441 0.4229 -0.0217 0.0104  -0.0112 163 ARG A CG  
168 C CD  . ARG A 21 ? 0.4686 0.4789 0.4905 -0.0368 -0.0003 -0.0240 163 ARG A CD  
169 N NE  . ARG A 21 ? 0.4750 0.5037 0.4500 -0.0297 -0.0155 -0.0257 163 ARG A NE  
170 C CZ  . ARG A 21 ? 0.5092 0.5140 0.4952 -0.0067 -0.0103 -0.0166 163 ARG A CZ  
171 N NH1 . ARG A 21 ? 0.4944 0.5145 0.4415 -0.0216 -0.0292 -0.0046 163 ARG A NH1 
172 N NH2 . ARG A 21 ? 0.5463 0.5380 0.5321 -0.0203 -0.0030 0.0067  163 ARG A NH2 
173 N N   . ILE A 22 ? 0.2565 0.2340 0.2295 -0.0035 -0.0029 -0.0345 164 ILE A N   
174 C CA  . ILE A 22 ? 0.2392 0.2686 0.2471 -0.0113 -0.0097 -0.0102 164 ILE A CA  
175 C C   . ILE A 22 ? 0.2548 0.2494 0.2382 -0.0078 0.0097  -0.0305 164 ILE A C   
176 O O   . ILE A 22 ? 0.2571 0.2417 0.2786 -0.0138 0.0320  -0.0228 164 ILE A O   
177 C CB  . ILE A 22 ? 0.2438 0.2988 0.2247 0.0015  0.0040  -0.0229 164 ILE A CB  
178 C CG1 . ILE A 22 ? 0.2746 0.4017 0.2396 0.0202  -0.0093 0.0005  164 ILE A CG1 
179 C CG2 . ILE A 22 ? 0.2463 0.2517 0.2700 0.0226  0.0196  -0.0575 164 ILE A CG2 
180 C CD1 . ILE A 22 ? 0.2500 0.2839 0.2730 0.0388  -0.0013 0.0013  164 ILE A CD1 
181 N N   . ARG A 23 ? 0.2233 0.2578 0.2521 0.0007  0.0123  -0.0286 165 ARG A N   
182 C CA  A ARG A 23 ? 0.2337 0.2362 0.2748 0.0113  0.0148  -0.0083 165 ARG A CA  
183 C CA  B ARG A 23 ? 0.2478 0.2690 0.2829 0.0051  0.0072  -0.0079 165 ARG A CA  
184 C C   . ARG A 23 ? 0.2218 0.2423 0.2798 0.0080  0.0030  -0.0010 165 ARG A C   
185 O O   . ARG A 23 ? 0.2038 0.2019 0.2678 0.0352  0.0070  -0.0207 165 ARG A O   
186 C CB  A ARG A 23 ? 0.2580 0.2388 0.2765 0.0144  0.0337  -0.0162 165 ARG A CB  
187 C CB  B ARG A 23 ? 0.2825 0.2877 0.3175 0.0047  0.0132  -0.0138 165 ARG A CB  
188 C CG  A ARG A 23 ? 0.3194 0.2564 0.2901 -0.0107 0.0265  -0.0031 165 ARG A CG  
189 C CG  B ARG A 23 ? 0.3809 0.3765 0.3523 0.0024  -0.0052 -0.0008 165 ARG A CG  
190 C CD  A ARG A 23 ? 0.3789 0.2699 0.3388 0.0126  -0.0027 0.0222  165 ARG A CD  
191 C CD  B ARG A 23 ? 0.4172 0.3941 0.4109 0.0038  0.0011  -0.0079 165 ARG A CD  
192 N NE  A ARG A 23 ? 0.4523 0.4195 0.3946 -0.0124 -0.0051 -0.0193 165 ARG A NE  
193 N NE  B ARG A 23 ? 0.4096 0.4516 0.4279 0.0058  -0.0057 0.0052  165 ARG A NE  
194 C CZ  A ARG A 23 ? 0.4310 0.4493 0.4444 -0.0026 -0.0096 -0.0093 165 ARG A CZ  
195 C CZ  B ARG A 23 ? 0.4015 0.4147 0.4198 0.0012  -0.0019 0.0028  165 ARG A CZ  
196 N NH1 A ARG A 23 ? 0.4137 0.3667 0.4060 0.0034  0.0014  -0.0030 165 ARG A NH1 
197 N NH1 B ARG A 23 ? 0.4303 0.4434 0.4302 0.0079  -0.0049 -0.0044 165 ARG A NH1 
198 N NH2 A ARG A 23 ? 0.4848 0.4695 0.4705 0.0179  -0.0042 -0.0235 165 ARG A NH2 
199 N NH2 B ARG A 23 ? 0.4067 0.4125 0.4039 0.0075  -0.0048 0.0090  165 ARG A NH2 
200 N N   . PRO A 24 ? 0.1984 0.2354 0.2908 0.0224  0.0270  -0.0255 166 PRO A N   
201 C CA  . PRO A 24 ? 0.2030 0.2652 0.3063 0.0042  0.0008  -0.0053 166 PRO A CA  
202 C C   . PRO A 24 ? 0.1792 0.1976 0.2822 0.0417  -0.0144 -0.0224 166 PRO A C   
203 O O   . PRO A 24 ? 0.1839 0.2243 0.2863 0.0206  -0.0055 -0.0320 166 PRO A O   
204 C CB  . PRO A 24 ? 0.2186 0.2676 0.3438 0.0361  0.0037  -0.0156 166 PRO A CB  
205 C CG  . PRO A 24 ? 0.2229 0.2948 0.3491 0.0212  0.0079  -0.0104 166 PRO A CG  
206 C CD  . PRO A 24 ? 0.2546 0.2972 0.2945 0.0026  0.0297  -0.0019 166 PRO A CD  
207 N N   . ARG A 25 ? 0.2134 0.1944 0.2736 0.0213  -0.0053 -0.0514 167 ARG A N   
208 C CA  . ARG A 25 ? 0.2367 0.2131 0.3007 0.0359  0.0021  -0.0333 167 ARG A CA  
209 C C   . ARG A 25 ? 0.2268 0.1708 0.2509 0.0247  0.0000  -0.0302 167 ARG A C   
210 O O   . ARG A 25 ? 0.2429 0.1522 0.2876 0.0532  -0.0041 -0.0086 167 ARG A O   
211 C CB  . ARG A 25 ? 0.2659 0.2276 0.3331 0.0530  0.0117  -0.0421 167 ARG A CB  
212 C CG  . ARG A 25 ? 0.3894 0.3317 0.4027 0.0031  0.0153  -0.0020 167 ARG A CG  
213 C CD  . ARG A 25 ? 0.4932 0.4313 0.4966 0.0096  0.0166  -0.0487 167 ARG A CD  
214 N NE  . ARG A 25 ? 0.5156 0.5228 0.5183 -0.0065 0.0015  0.0082  167 ARG A NE  
215 C CZ  . ARG A 25 ? 0.5417 0.5441 0.4610 -0.0017 -0.0079 0.0002  167 ARG A CZ  
216 N NH1 . ARG A 25 ? 0.5132 0.5661 0.5973 0.0271  0.0124  -0.0037 167 ARG A NH1 
217 N NH2 . ARG A 25 ? 0.3847 0.2671 0.3706 -0.0103 -0.0374 0.0325  167 ARG A NH2 
218 N N   . ASP A 26 ? 0.2253 0.1755 0.2661 0.0189  -0.0089 -0.0312 168 ASP A N   
219 C CA  . ASP A 26 ? 0.2137 0.1763 0.2096 0.0035  0.0168  -0.0193 168 ASP A CA  
220 C C   . ASP A 26 ? 0.1721 0.1427 0.2128 0.0392  -0.0086 -0.0210 168 ASP A C   
221 O O   . ASP A 26 ? 0.2096 0.1579 0.2071 0.0109  0.0015  -0.0168 168 ASP A O   
222 C CB  . ASP A 26 ? 0.1976 0.1933 0.2282 0.0269  0.0016  -0.0399 168 ASP A CB  
223 C CG  . ASP A 26 ? 0.2043 0.2132 0.2036 0.0065  -0.0006 -0.0370 168 ASP A CG  
224 O OD1 . ASP A 26 ? 0.3072 0.2121 0.3103 -0.0092 0.0260  -0.0264 168 ASP A OD1 
225 O OD2 . ASP A 26 ? 0.2508 0.2259 0.2324 -0.0117 0.0134  -0.0312 168 ASP A OD2 
226 N N   . LEU A 27 ? 0.1713 0.1627 0.2139 0.0109  -0.0062 -0.0046 169 LEU A N   
227 C CA  . LEU A 27 ? 0.1919 0.1591 0.1809 0.0273  -0.0107 -0.0044 169 LEU A CA  
228 C C   . LEU A 27 ? 0.1996 0.1756 0.2191 -0.0018 -0.0231 -0.0066 169 LEU A C   
229 O O   . LEU A 27 ? 0.2442 0.1507 0.2155 0.0183  -0.0283 0.0027  169 LEU A O   
230 C CB  . LEU A 27 ? 0.2058 0.1707 0.1952 0.0118  -0.0129 -0.0074 169 LEU A CB  
231 C CG  . LEU A 27 ? 0.2009 0.1232 0.2157 0.0008  -0.0269 -0.0168 169 LEU A CG  
232 C CD1 . LEU A 27 ? 0.2493 0.2222 0.2923 -0.0513 -0.0505 0.0081  169 LEU A CD1 
233 C CD2 . LEU A 27 ? 0.2449 0.2568 0.2145 0.0601  -0.0379 -0.0094 169 LEU A CD2 
234 N N   . GLU A 28 ? 0.2295 0.2107 0.2323 -0.0080 -0.0295 -0.0107 170 GLU A N   
235 C CA  A GLU A 28 ? 0.2678 0.2374 0.2566 0.0096  -0.0239 0.0047  170 GLU A CA  
236 C CA  B GLU A 28 ? 0.2774 0.2368 0.2638 0.0113  -0.0291 0.0062  170 GLU A CA  
237 C C   . GLU A 28 ? 0.2618 0.2127 0.2565 0.0286  -0.0362 0.0170  170 GLU A C   
238 O O   . GLU A 28 ? 0.3121 0.2287 0.2659 0.0215  -0.0545 0.0326  170 GLU A O   
239 C CB  A GLU A 28 ? 0.2754 0.2606 0.2883 0.0202  -0.0212 0.0045  170 GLU A CB  
240 C CB  B GLU A 28 ? 0.2820 0.2631 0.3161 0.0329  -0.0325 0.0095  170 GLU A CB  
241 C CG  A GLU A 28 ? 0.3110 0.3186 0.3227 0.0065  -0.0052 0.0066  170 GLU A CG  
242 C CG  B GLU A 28 ? 0.3313 0.3287 0.3578 0.0232  -0.0083 0.0021  170 GLU A CG  
243 C CD  A GLU A 28 ? 0.3420 0.3399 0.3684 0.0068  0.0009  -0.0125 170 GLU A CD  
244 C CD  B GLU A 28 ? 0.3837 0.3743 0.4097 0.0245  0.0061  -0.0122 170 GLU A CD  
245 O OE1 A GLU A 28 ? 0.2946 0.3378 0.2858 0.0211  0.0112  -0.0024 170 GLU A OE1 
246 O OE1 B GLU A 28 ? 0.4312 0.3922 0.4760 0.0457  0.0278  0.0103  170 GLU A OE1 
247 O OE2 A GLU A 28 ? 0.3338 0.3842 0.3860 -0.0017 -0.0008 0.0029  170 GLU A OE2 
248 O OE2 B GLU A 28 ? 0.3181 0.3949 0.4303 0.0623  0.0237  -0.0273 170 GLU A OE2 
249 N N   . GLU A 29 ? 0.2512 0.1867 0.2582 0.0419  -0.0324 0.0211  171 GLU A N   
250 C CA  A GLU A 29 ? 0.2614 0.2181 0.2382 0.0231  -0.0191 0.0199  171 GLU A CA  
251 C CA  B GLU A 29 ? 0.2613 0.2090 0.2383 0.0236  -0.0182 0.0197  171 GLU A CA  
252 C C   . GLU A 29 ? 0.2522 0.1641 0.2530 0.0152  -0.0169 0.0314  171 GLU A C   
253 O O   . GLU A 29 ? 0.2812 0.1673 0.2535 -0.0011 -0.0334 0.0306  171 GLU A O   
254 C CB  A GLU A 29 ? 0.2627 0.2134 0.2658 0.0304  -0.0202 0.0189  171 GLU A CB  
255 C CB  B GLU A 29 ? 0.2511 0.1953 0.2689 0.0229  -0.0085 0.0205  171 GLU A CB  
256 C CG  A GLU A 29 ? 0.2552 0.3132 0.2878 -0.0138 -0.0046 0.0014  171 GLU A CG  
257 C CG  B GLU A 29 ? 0.2703 0.1951 0.2844 0.0243  0.0016  0.0064  171 GLU A CG  
258 C CD  A GLU A 29 ? 0.3565 0.3305 0.3541 -0.0131 -0.0051 0.0034  171 GLU A CD  
259 C CD  B GLU A 29 ? 0.2933 0.2423 0.3159 0.0098  0.0028  -0.0257 171 GLU A CD  
260 O OE1 A GLU A 29 ? 0.3812 0.3494 0.4143 0.0102  -0.0076 0.0161  171 GLU A OE1 
261 O OE1 B GLU A 29 ? 0.3782 0.3997 0.3972 -0.0102 -0.0238 -0.0094 171 GLU A OE1 
262 O OE2 A GLU A 29 ? 0.3823 0.3727 0.3690 -0.0112 0.0144  0.0269  171 GLU A OE2 
263 O OE2 B GLU A 29 ? 0.2577 0.1946 0.3232 0.0025  0.0189  -0.0110 171 GLU A OE2 
264 N N   . PHE A 30 ? 0.2382 0.1352 0.2176 0.0028  -0.0402 0.0072  172 PHE A N   
265 C CA  . PHE A 30 ? 0.1975 0.1488 0.1902 -0.0097 -0.0227 0.0162  172 PHE A CA  
266 C C   . PHE A 30 ? 0.2318 0.1255 0.2011 0.0085  -0.0203 0.0152  172 PHE A C   
267 O O   . PHE A 30 ? 0.2570 0.1679 0.2068 -0.0212 -0.0219 0.0096  172 PHE A O   
268 C CB  . PHE A 30 ? 0.1765 0.1711 0.1903 0.0011  -0.0301 0.0233  172 PHE A CB  
269 C CG  . PHE A 30 ? 0.1577 0.1543 0.1744 -0.0286 -0.0160 0.0065  172 PHE A CG  
270 C CD1 . PHE A 30 ? 0.2019 0.1487 0.2319 -0.0244 -0.0114 -0.0036 172 PHE A CD1 
271 C CD2 . PHE A 30 ? 0.1476 0.1540 0.1952 -0.0295 -0.0151 0.0026  172 PHE A CD2 
272 C CE1 . PHE A 30 ? 0.1690 0.1482 0.2225 -0.0504 -0.0172 -0.0068 172 PHE A CE1 
273 C CE2 . PHE A 30 ? 0.1438 0.1629 0.1845 -0.0218 -0.0324 -0.0122 172 PHE A CE2 
274 C CZ  . PHE A 30 ? 0.1681 0.1325 0.1837 0.0247  -0.0218 -0.0167 172 PHE A CZ  
275 N N   . PHE A 31 ? 0.2145 0.1806 0.1807 0.0103  -0.0314 0.0237  173 PHE A N   
276 C CA  . PHE A 31 ? 0.1980 0.1822 0.1860 0.0152  -0.0384 0.0150  173 PHE A CA  
277 C C   . PHE A 31 ? 0.2317 0.1981 0.1895 0.0022  -0.0205 0.0044  173 PHE A C   
278 O O   . PHE A 31 ? 0.2781 0.1902 0.2091 -0.0100 -0.0476 0.0187  173 PHE A O   
279 C CB  . PHE A 31 ? 0.1970 0.1852 0.1654 0.0098  -0.0480 0.0059  173 PHE A CB  
280 C CG  . PHE A 31 ? 0.1618 0.1515 0.1854 0.0057  -0.0304 -0.0033 173 PHE A CG  
281 C CD1 . PHE A 31 ? 0.1652 0.1734 0.1505 -0.0120 -0.0192 0.0001  173 PHE A CD1 
282 C CD2 . PHE A 31 ? 0.1726 0.1509 0.1862 -0.0224 -0.0271 -0.0115 173 PHE A CD2 
283 C CE1 . PHE A 31 ? 0.1384 0.1643 0.1530 -0.0168 -0.0115 -0.0212 173 PHE A CE1 
284 C CE2 . PHE A 31 ? 0.1804 0.1550 0.1517 -0.0096 -0.0093 -0.0239 173 PHE A CE2 
285 C CZ  . PHE A 31 ? 0.1802 0.1234 0.1634 -0.0120 -0.0098 0.0066  173 PHE A CZ  
286 N N   . SER A 32 ? 0.2690 0.2165 0.2353 0.0430  -0.0629 0.0199  174 SER A N   
287 C CA  . SER A 32 ? 0.2710 0.2219 0.2394 0.0420  -0.0359 0.0345  174 SER A CA  
288 C C   . SER A 32 ? 0.2652 0.2305 0.2647 0.0145  -0.0271 0.0299  174 SER A C   
289 O O   . SER A 32 ? 0.3483 0.2791 0.2824 -0.0062 -0.0504 0.0599  174 SER A O   
290 C CB  . SER A 32 ? 0.3317 0.2360 0.2791 0.0611  -0.0304 0.0439  174 SER A CB  
291 O OG  . SER A 32 ? 0.3798 0.2869 0.3231 0.0390  -0.0327 0.0210  174 SER A OG  
292 N N   . THR A 33 ? 0.2786 0.2123 0.2800 -0.0014 -0.0244 -0.0141 175 THR A N   
293 C CA  . THR A 33 ? 0.3057 0.2616 0.3323 -0.0128 -0.0122 0.0082  175 THR A CA  
294 C C   . THR A 33 ? 0.3143 0.2642 0.2874 -0.0199 0.0099  0.0178  175 THR A C   
295 O O   . THR A 33 ? 0.3697 0.3170 0.3250 -0.0253 0.0365  0.0465  175 THR A O   
296 C CB  . THR A 33 ? 0.2950 0.2783 0.3491 -0.0130 -0.0254 0.0187  175 THR A CB  
297 O OG1 . THR A 33 ? 0.3422 0.2783 0.3827 -0.0369 -0.0375 0.0212  175 THR A OG1 
298 C CG2 . THR A 33 ? 0.3707 0.3803 0.3699 -0.0183 -0.0104 -0.0109 175 THR A CG2 
299 N N   . VAL A 34 ? 0.2597 0.2104 0.2680 -0.0239 -0.0004 0.0430  176 VAL A N   
300 C CA  . VAL A 34 ? 0.2939 0.2649 0.2784 0.0013  -0.0142 0.0234  176 VAL A CA  
301 C C   . VAL A 34 ? 0.3148 0.2780 0.2822 0.0059  -0.0270 -0.0032 176 VAL A C   
302 O O   . VAL A 34 ? 0.3776 0.3076 0.3414 0.0203  -0.0483 -0.0306 176 VAL A O   
303 C CB  . VAL A 34 ? 0.2815 0.2559 0.2577 0.0060  -0.0215 0.0190  176 VAL A CB  
304 C CG1 . VAL A 34 ? 0.2910 0.2882 0.2957 -0.0131 -0.0044 0.0040  176 VAL A CG1 
305 C CG2 . VAL A 34 ? 0.2894 0.2791 0.3006 0.0021  0.0100  0.0402  176 VAL A CG2 
306 N N   . GLY A 35 ? 0.2847 0.2530 0.2585 -0.0181 -0.0315 0.0146  177 GLY A N   
307 C CA  . GLY A 35 ? 0.2780 0.2502 0.2907 -0.0063 -0.0348 0.0034  177 GLY A CA  
308 C C   . GLY A 35 ? 0.2757 0.2023 0.3205 -0.0199 -0.0170 0.0121  177 GLY A C   
309 O O   . GLY A 35 ? 0.3201 0.3742 0.2997 -0.0218 -0.0315 -0.0319 177 GLY A O   
310 N N   . LYS A 36 ? 0.2738 0.2316 0.3265 -0.0192 -0.0368 0.0193  178 LYS A N   
311 C CA  . LYS A 36 ? 0.2717 0.1905 0.2804 -0.0110 -0.0473 0.0228  178 LYS A CA  
312 C C   . LYS A 36 ? 0.2718 0.1339 0.2772 0.0005  -0.0606 0.0250  178 LYS A C   
313 O O   . LYS A 36 ? 0.3221 0.1412 0.2997 -0.0164 -0.1221 0.0229  178 LYS A O   
314 C CB  . LYS A 36 ? 0.3024 0.2575 0.3057 -0.0215 -0.0611 0.0298  178 LYS A CB  
315 C CG  . LYS A 36 ? 0.4025 0.4228 0.4230 0.0143  0.0004  0.0320  178 LYS A CG  
316 C CD  . LYS A 36 ? 0.5847 0.5425 0.5454 0.0031  -0.0235 -0.0167 178 LYS A CD  
317 C CE  . LYS A 36 ? 0.6292 0.6554 0.6503 0.0116  0.0157  -0.0011 178 LYS A CE  
318 N NZ  . LYS A 36 ? 0.7196 0.6841 0.6921 0.0060  -0.0104 -0.0162 178 LYS A NZ  
319 N N   . VAL A 37 ? 0.2656 0.1657 0.2753 0.0059  -0.0223 0.0508  179 VAL A N   
320 C CA  . VAL A 37 ? 0.2533 0.1942 0.2787 0.0076  -0.0223 0.0509  179 VAL A CA  
321 C C   . VAL A 37 ? 0.2583 0.2406 0.3543 0.0240  -0.0161 0.0292  179 VAL A C   
322 O O   . VAL A 37 ? 0.3018 0.2642 0.4576 0.0333  -0.0166 0.0128  179 VAL A O   
323 C CB  . VAL A 37 ? 0.2611 0.1538 0.2727 0.0273  -0.0270 0.0496  179 VAL A CB  
324 C CG1 . VAL A 37 ? 0.2206 0.2115 0.2554 0.0296  -0.0044 0.0677  179 VAL A CG1 
325 C CG2 . VAL A 37 ? 0.2495 0.2460 0.3138 -0.0093 -0.0065 0.0358  179 VAL A CG2 
326 N N   . ARG A 38 ? 0.2228 0.2123 0.3020 0.0369  -0.0355 0.0585  180 ARG A N   
327 C CA  . ARG A 38 ? 0.2356 0.2197 0.2836 0.0302  -0.0188 0.0368  180 ARG A CA  
328 C C   . ARG A 38 ? 0.2220 0.2372 0.2730 0.0182  -0.0261 0.0037  180 ARG A C   
329 O O   . ARG A 38 ? 0.2514 0.3157 0.3375 0.0691  -0.0100 0.0196  180 ARG A O   
330 C CB  . ARG A 38 ? 0.2704 0.2694 0.2866 0.0174  -0.0300 0.0352  180 ARG A CB  
331 C CG  . ARG A 38 ? 0.3195 0.3622 0.3724 -0.0117 0.0153  0.0082  180 ARG A CG  
332 C CD  . ARG A 38 ? 0.4037 0.4546 0.4628 0.0098  -0.0147 0.0302  180 ARG A CD  
333 N NE  . ARG A 38 ? 0.5105 0.5379 0.5293 -0.0092 0.0047  -0.0106 180 ARG A NE  
334 C CZ  . ARG A 38 ? 0.5682 0.5741 0.5571 0.0051  -0.0104 0.0040  180 ARG A CZ  
335 N NH1 . ARG A 38 ? 0.5288 0.5585 0.5598 0.0050  -0.0111 0.0165  180 ARG A NH1 
336 N NH2 . ARG A 38 ? 0.4930 0.5104 0.5396 -0.0230 -0.0315 0.0161  180 ARG A NH2 
337 N N   . ASP A 39 ? 0.1779 0.1684 0.2687 0.0370  -0.0157 0.0194  181 ASP A N   
338 C CA  . ASP A 39 ? 0.1842 0.1854 0.2371 0.0318  -0.0128 -0.0111 181 ASP A CA  
339 C C   . ASP A 39 ? 0.1699 0.1584 0.2112 0.0237  -0.0109 -0.0143 181 ASP A C   
340 O O   . ASP A 39 ? 0.1857 0.1668 0.2421 0.0501  -0.0003 -0.0295 181 ASP A O   
341 C CB  . ASP A 39 ? 0.2007 0.1984 0.2644 0.0155  -0.0028 -0.0087 181 ASP A CB  
342 C CG  . ASP A 39 ? 0.2354 0.2635 0.3118 0.0124  0.0071  0.0238  181 ASP A CG  
343 O OD1 . ASP A 39 ? 0.3095 0.3352 0.4430 0.0011  0.0498  -0.0248 181 ASP A OD1 
344 O OD2 . ASP A 39 ? 0.2648 0.2908 0.3532 -0.0161 -0.0027 0.0409  181 ASP A OD2 
345 N N   . VAL A 40 ? 0.1665 0.1508 0.2256 0.0439  0.0131  -0.0232 182 VAL A N   
346 C CA  . VAL A 40 ? 0.1546 0.1055 0.2167 0.0163  0.0117  -0.0096 182 VAL A CA  
347 C C   . VAL A 40 ? 0.1615 0.1618 0.2257 0.0178  0.0088  -0.0294 182 VAL A C   
348 O O   . VAL A 40 ? 0.2088 0.1576 0.2635 0.0332  0.0496  -0.0130 182 VAL A O   
349 C CB  . VAL A 40 ? 0.2042 0.1181 0.2309 0.0220  0.0112  -0.0345 182 VAL A CB  
350 C CG1 . VAL A 40 ? 0.2139 0.2075 0.2382 -0.0364 -0.0300 -0.0106 182 VAL A CG1 
351 C CG2 . VAL A 40 ? 0.1866 0.1527 0.2708 -0.0035 0.0228  -0.0017 182 VAL A CG2 
352 N N   . ARG A 41 ? 0.1477 0.1591 0.1784 0.0062  0.0157  -0.0141 183 ARG A N   
353 C CA  . ARG A 41 ? 0.1682 0.1502 0.1905 0.0105  0.0139  -0.0230 183 ARG A CA  
354 C C   . ARG A 41 ? 0.1759 0.1513 0.1752 -0.0013 0.0135  -0.0119 183 ARG A C   
355 O O   . ARG A 41 ? 0.1705 0.2046 0.1580 0.0226  0.0027  -0.0156 183 ARG A O   
356 C CB  . ARG A 41 ? 0.1652 0.1769 0.1708 -0.0009 0.0223  -0.0135 183 ARG A CB  
357 C CG  . ARG A 41 ? 0.1827 0.1789 0.2067 0.0144  -0.0071 -0.0005 183 ARG A CG  
358 C CD  . ARG A 41 ? 0.1931 0.2345 0.2405 -0.0190 0.0072  -0.0298 183 ARG A CD  
359 N NE  . ARG A 41 ? 0.1831 0.2309 0.2763 -0.0550 0.0162  -0.0249 183 ARG A NE  
360 C CZ  . ARG A 41 ? 0.1479 0.2404 0.2769 -0.0434 0.0069  -0.0249 183 ARG A CZ  
361 N NH1 . ARG A 41 ? 0.2803 0.2432 0.3002 -0.0209 -0.0237 -0.0223 183 ARG A NH1 
362 N NH2 . ARG A 41 ? 0.2235 0.1992 0.2677 0.0304  -0.0054 -0.0113 183 ARG A NH2 
363 N N   . MET A 42 ? 0.2015 0.2269 0.2007 0.0074  0.0119  -0.0283 184 MET A N   
364 C CA  A MET A 42 ? 0.2260 0.2444 0.2434 -0.0076 -0.0011 -0.0278 184 MET A CA  
365 C CA  B MET A 42 ? 0.2328 0.2483 0.2494 -0.0060 -0.0002 -0.0226 184 MET A CA  
366 C C   . MET A 42 ? 0.2868 0.3240 0.2867 0.0134  0.0481  0.0190  184 MET A C   
367 O O   . MET A 42 ? 0.2658 0.4098 0.4040 -0.0206 0.0689  0.0669  184 MET A O   
368 C CB  A MET A 42 ? 0.2486 0.2415 0.2380 -0.0120 -0.0010 -0.0263 184 MET A CB  
369 C CB  B MET A 42 ? 0.2587 0.2513 0.2444 -0.0108 0.0005  -0.0187 184 MET A CB  
370 C CG  A MET A 42 ? 0.2626 0.2141 0.2346 -0.0148 -0.0213 -0.0379 184 MET A CG  
371 C CG  B MET A 42 ? 0.3223 0.2232 0.2635 -0.0034 -0.0005 -0.0010 184 MET A CG  
372 S SD  A MET A 42 ? 0.2653 0.2786 0.3063 0.0025  -0.0126 -0.0515 184 MET A SD  
373 S SD  B MET A 42 ? 0.3408 0.2865 0.2910 -0.0287 -0.0094 -0.0334 184 MET A SD  
374 C CE  A MET A 42 ? 0.2421 0.2277 0.2306 0.0206  0.0300  -0.0570 184 MET A CE  
375 C CE  B MET A 42 ? 0.3259 0.2780 0.3241 -0.0130 -0.0285 -0.0084 184 MET A CE  
376 N N   . ILE A 43 ? 0.3237 0.3502 0.3548 0.0154  0.0316  0.0310  185 ILE A N   
377 C CA  . ILE A 43 ? 0.4103 0.3764 0.4101 0.0093  0.0339  0.0168  185 ILE A CA  
378 C C   . ILE A 43 ? 0.5342 0.5161 0.4896 0.0174  0.0028  0.0135  185 ILE A C   
379 O O   . ILE A 43 ? 0.5083 0.5208 0.5501 0.0041  0.0177  0.0124  185 ILE A O   
380 C CB  . ILE A 43 ? 0.3650 0.3059 0.3373 -0.0153 0.0213  0.0373  185 ILE A CB  
381 C CG1 . ILE A 43 ? 0.2452 0.2948 0.3108 -0.0029 -0.0140 -0.0212 185 ILE A CG1 
382 C CG2 . ILE A 43 ? 0.3254 0.2991 0.3705 -0.0314 0.0404  0.0256  185 ILE A CG2 
383 C CD1 . ILE A 43 ? 0.2653 0.2636 0.2433 -0.0117 0.0061  0.0181  185 ILE A CD1 
384 N N   . SER A 44 ? 0.6386 0.6720 0.6641 -0.0091 0.0059  -0.0020 186 SER A N   
385 C CA  . SER A 44 ? 0.7648 0.7867 0.7537 -0.0096 -0.0145 0.0021  186 SER A CA  
386 C C   . SER A 44 ? 0.8534 0.8624 0.8634 0.0068  0.0049  -0.0197 186 SER A C   
387 O O   . SER A 44 ? 0.8558 0.8637 0.8735 0.0110  -0.0004 -0.0052 186 SER A O   
388 C CB  . SER A 44 ? 0.7618 0.7712 0.7632 -0.0083 0.0053  -0.0024 186 SER A CB  
389 O OG  . SER A 44 ? 0.7188 0.7540 0.7029 -0.0084 0.0180  -0.0062 186 SER A OG  
390 N N   . ASP A 45 ? 0.9563 0.9633 0.9434 -0.0048 0.0039  0.0099  187 ASP A N   
391 C CA  . ASP A 45 ? 1.0097 1.0183 1.0025 -0.0005 0.0008  -0.0078 187 ASP A CA  
392 C C   . ASP A 45 ? 0.9948 0.9929 0.9860 -0.0042 0.0001  -0.0002 187 ASP A C   
393 O O   . ASP A 45 ? 0.9854 1.0038 0.9946 -0.0051 0.0033  -0.0028 187 ASP A O   
394 C CB  . ASP A 45 ? 1.0532 1.0506 1.0405 0.0003  0.0057  0.0090  187 ASP A CB  
395 C CG  . ASP A 45 ? 1.0969 1.1059 1.1305 -0.0084 -0.0096 -0.0002 187 ASP A CG  
396 O OD1 . ASP A 45 ? 1.1558 1.1611 1.1449 -0.0022 -0.0003 -0.0059 187 ASP A OD1 
397 O OD2 . ASP A 45 ? 1.1296 1.1572 1.1453 -0.0062 0.0085  0.0077  187 ASP A OD2 
398 N N   . ARG A 46 ? 0.9384 0.9662 0.9502 -0.0060 -0.0047 -0.0020 188 ARG A N   
399 C CA  . ARG A 46 ? 0.9048 0.9091 0.8962 0.0070  -0.0071 0.0059  188 ARG A CA  
400 C C   . ARG A 46 ? 0.8082 0.8294 0.8399 0.0039  0.0086  -0.0059 188 ARG A C   
401 O O   . ARG A 46 ? 0.8249 0.8463 0.8393 -0.0068 0.0039  -0.0063 188 ARG A O   
402 C CB  . ARG A 46 ? 0.9172 0.9135 0.9132 0.0075  -0.0008 0.0032  188 ARG A CB  
403 N N   . ASN A 47 ? 0.7265 0.7232 0.7052 -0.0108 -0.0174 0.0021  189 ASN A N   
404 C CA  . ASN A 47 ? 0.6115 0.6069 0.6372 -0.0103 0.0112  -0.0038 189 ASN A CA  
405 C C   . ASN A 47 ? 0.5510 0.5717 0.5602 -0.0010 0.0036  -0.0122 189 ASN A C   
406 O O   . ASN A 47 ? 0.5046 0.5480 0.5462 -0.0037 -0.0043 -0.0153 189 ASN A O   
407 C CB  . ASN A 47 ? 0.5961 0.5955 0.5802 -0.0056 -0.0065 0.0072  189 ASN A CB  
408 C CG  . ASN A 47 ? 0.5283 0.4954 0.5775 -0.0020 0.0092  -0.0085 189 ASN A CG  
409 O OD1 . ASN A 47 ? 0.4918 0.4880 0.5076 0.0122  0.0044  -0.0003 189 ASN A OD1 
410 N ND2 . ASN A 47 ? 0.3604 0.4583 0.4596 -0.0146 0.0263  -0.0279 189 ASN A ND2 
411 N N   . SER A 48 ? 0.4784 0.5043 0.5114 -0.0079 0.0068  -0.0085 190 SER A N   
412 C CA  . SER A 48 ? 0.4719 0.4814 0.4854 -0.0007 0.0113  -0.0030 190 SER A CA  
413 C C   . SER A 48 ? 0.4654 0.4612 0.4610 0.0003  0.0079  -0.0030 190 SER A C   
414 O O   . SER A 48 ? 0.4815 0.4448 0.4596 -0.0039 0.0257  -0.0048 190 SER A O   
415 C CB  . SER A 48 ? 0.4881 0.4792 0.4930 -0.0046 0.0063  -0.0130 190 SER A CB  
416 N N   . ARG A 49 ? 0.4457 0.4512 0.4393 0.0030  0.0154  -0.0093 191 ARG A N   
417 C CA  . ARG A 49 ? 0.4338 0.4331 0.4164 0.0050  -0.0001 -0.0080 191 ARG A CA  
418 C C   . ARG A 49 ? 0.3919 0.4253 0.4006 0.0146  -0.0149 -0.0100 191 ARG A C   
419 O O   . ARG A 49 ? 0.3626 0.3697 0.3916 0.0329  -0.0206 -0.0345 191 ARG A O   
420 C CB  . ARG A 49 ? 0.4482 0.4542 0.4278 0.0112  -0.0054 0.0035  191 ARG A CB  
421 N N   . ARG A 50 ? 0.3696 0.3706 0.2986 0.0098  0.0066  -0.0027 192 ARG A N   
422 C CA  . ARG A 50 ? 0.2862 0.2931 0.2624 0.0201  -0.0040 0.0126  192 ARG A CA  
423 C C   . ARG A 50 ? 0.2840 0.3210 0.2513 0.0079  -0.0003 0.0338  192 ARG A C   
424 O O   . ARG A 50 ? 0.3794 0.3753 0.3282 0.0605  0.0324  0.0709  192 ARG A O   
425 C CB  . ARG A 50 ? 0.2474 0.2943 0.2152 0.0072  -0.0142 0.0210  192 ARG A CB  
426 C CG  . ARG A 50 ? 0.1727 0.2660 0.2273 0.0130  -0.0044 0.0150  192 ARG A CG  
427 C CD  . ARG A 50 ? 0.2229 0.2430 0.2271 0.0110  0.0108  0.0021  192 ARG A CD  
428 N NE  . ARG A 50 ? 0.2409 0.2009 0.2659 0.0084  0.0052  -0.0005 192 ARG A NE  
429 C CZ  . ARG A 50 ? 0.2302 0.2175 0.2206 -0.0026 -0.0105 0.0167  192 ARG A CZ  
430 N NH1 . ARG A 50 ? 0.2379 0.3243 0.2989 -0.0415 -0.0048 0.0133  192 ARG A NH1 
431 N NH2 . ARG A 50 ? 0.2314 0.2775 0.2360 -0.0183 -0.0038 0.0404  192 ARG A NH2 
432 N N   . SER A 51 ? 0.2575 0.2614 0.2279 -0.0010 -0.0209 0.0089  193 SER A N   
433 C CA  A SER A 51 ? 0.2362 0.2282 0.1964 -0.0117 -0.0148 0.0139  193 SER A CA  
434 C CA  B SER A 51 ? 0.2462 0.2396 0.2077 -0.0098 -0.0145 0.0115  193 SER A CA  
435 C C   . SER A 51 ? 0.2154 0.2469 0.1855 -0.0039 -0.0124 0.0115  193 SER A C   
436 O O   . SER A 51 ? 0.2762 0.3044 0.1822 -0.0483 -0.0014 -0.0178 193 SER A O   
437 C CB  A SER A 51 ? 0.2462 0.2603 0.2162 -0.0172 -0.0041 -0.0187 193 SER A CB  
438 C CB  B SER A 51 ? 0.2541 0.2788 0.2403 -0.0141 -0.0048 -0.0111 193 SER A CB  
439 O OG  A SER A 51 ? 0.2447 0.2388 0.2129 -0.0364 -0.0009 0.0188  193 SER A OG  
440 O OG  B SER A 51 ? 0.3289 0.2980 0.3087 -0.0170 0.0145  -0.0389 193 SER A OG  
441 N N   . LYS A 52 ? 0.2331 0.2094 0.1834 0.0014  -0.0381 0.0289  194 LYS A N   
442 C CA  . LYS A 52 ? 0.2198 0.2134 0.1878 -0.0152 -0.0341 0.0297  194 LYS A CA  
443 C C   . LYS A 52 ? 0.2155 0.2087 0.1850 -0.0156 -0.0346 0.0262  194 LYS A C   
444 O O   . LYS A 52 ? 0.2445 0.1994 0.2029 -0.0301 -0.0562 0.0304  194 LYS A O   
445 C CB  . LYS A 52 ? 0.2227 0.2144 0.1904 -0.0168 -0.0183 0.0225  194 LYS A CB  
446 C CG  . LYS A 52 ? 0.2427 0.2226 0.2161 0.0194  -0.0161 0.0147  194 LYS A CG  
447 C CD  . LYS A 52 ? 0.2264 0.2808 0.2353 -0.0089 -0.0134 -0.0177 194 LYS A CD  
448 C CE  . LYS A 52 ? 0.2347 0.3059 0.2789 0.0353  -0.0079 0.0296  194 LYS A CE  
449 N NZ  . LYS A 52 ? 0.2265 0.3538 0.3571 -0.0107 -0.0265 0.0267  194 LYS A NZ  
450 N N   . GLY A 53 ? 0.2035 0.1950 0.1665 -0.0324 -0.0225 0.0207  195 GLY A N   
451 C CA  . GLY A 53 ? 0.2072 0.1877 0.1560 -0.0060 -0.0076 -0.0126 195 GLY A CA  
452 C C   . GLY A 53 ? 0.1616 0.1747 0.1513 0.0139  -0.0101 -0.0049 195 GLY A C   
453 O O   . GLY A 53 ? 0.1470 0.1720 0.1478 -0.0100 -0.0269 0.0015  195 GLY A O   
454 N N   . ILE A 54 ? 0.1489 0.1530 0.1449 0.0029  0.0047  -0.0075 196 ILE A N   
455 C CA  . ILE A 54 ? 0.1394 0.1581 0.1429 -0.0137 -0.0138 -0.0131 196 ILE A CA  
456 C C   . ILE A 54 ? 0.1288 0.1538 0.1500 -0.0098 -0.0064 -0.0199 196 ILE A C   
457 O O   . ILE A 54 ? 0.1406 0.2382 0.1597 0.0352  -0.0054 -0.0377 196 ILE A O   
458 C CB  . ILE A 54 ? 0.1528 0.1696 0.1407 -0.0123 -0.0109 -0.0096 196 ILE A CB  
459 C CG1 . ILE A 54 ? 0.1981 0.2158 0.2184 -0.0228 0.0224  -0.0386 196 ILE A CG1 
460 C CG2 . ILE A 54 ? 0.1712 0.1716 0.2048 0.0033  -0.0218 0.0522  196 ILE A CG2 
461 C CD1 . ILE A 54 ? 0.2360 0.1919 0.2329 -0.0574 0.0066  0.0002  196 ILE A CD1 
462 N N   . ALA A 55 ? 0.1231 0.1637 0.1230 0.0036  -0.0068 -0.0142 197 ALA A N   
463 C CA  . ALA A 55 ? 0.1197 0.1480 0.1332 0.0063  -0.0127 0.0048  197 ALA A CA  
464 C C   . ALA A 55 ? 0.1143 0.1378 0.1413 0.0121  0.0031  -0.0098 197 ALA A C   
465 O O   . ALA A 55 ? 0.1110 0.1494 0.1455 0.0221  -0.0033 -0.0124 197 ALA A O   
466 C CB  . ALA A 55 ? 0.1457 0.1466 0.1667 -0.0015 -0.0077 0.0052  197 ALA A CB  
467 N N   . TYR A 56 ? 0.1134 0.1468 0.1204 0.0190  -0.0018 -0.0179 198 TYR A N   
468 C CA  . TYR A 56 ? 0.1240 0.1194 0.1277 0.0141  0.0024  -0.0128 198 TYR A CA  
469 C C   . TYR A 56 ? 0.1280 0.1064 0.1547 0.0119  -0.0020 0.0004  198 TYR A C   
470 O O   . TYR A 56 ? 0.1643 0.1007 0.1484 0.0260  0.0101  0.0024  198 TYR A O   
471 C CB  . TYR A 56 ? 0.1076 0.1460 0.1365 0.0126  0.0001  -0.0059 198 TYR A CB  
472 C CG  . TYR A 56 ? 0.1351 0.1394 0.1239 0.0060  -0.0005 0.0128  198 TYR A CG  
473 C CD1 . TYR A 56 ? 0.1359 0.1519 0.1256 -0.0072 0.0110  -0.0053 198 TYR A CD1 
474 C CD2 . TYR A 56 ? 0.2466 0.1296 0.1959 0.0540  0.0539  0.0204  198 TYR A CD2 
475 C CE1 . TYR A 56 ? 0.1377 0.1797 0.1796 0.0230  -0.0014 0.0222  198 TYR A CE1 
476 C CE2 . TYR A 56 ? 0.2722 0.1146 0.2036 0.0488  0.0574  0.0371  198 TYR A CE2 
477 C CZ  . TYR A 56 ? 0.1701 0.1300 0.1750 0.0266  0.0041  -0.0233 198 TYR A CZ  
478 O OH  . TYR A 56 ? 0.2608 0.1635 0.1808 0.0147  -0.0215 0.0404  198 TYR A OH  
479 N N   . VAL A 57 ? 0.1476 0.0928 0.1309 0.0083  0.0017  -0.0067 199 VAL A N   
480 C CA  . VAL A 57 ? 0.1630 0.1247 0.1535 0.0009  -0.0107 0.0116  199 VAL A CA  
481 C C   . VAL A 57 ? 0.1333 0.1340 0.1624 -0.0077 0.0022  0.0073  199 VAL A C   
482 O O   . VAL A 57 ? 0.1609 0.1482 0.1324 0.0024  -0.0167 -0.0031 199 VAL A O   
483 C CB  . VAL A 57 ? 0.1581 0.1317 0.1410 -0.0090 -0.0048 -0.0076 199 VAL A CB  
484 C CG1 . VAL A 57 ? 0.2225 0.1831 0.1704 -0.0193 -0.0301 0.0523  199 VAL A CG1 
485 C CG2 . VAL A 57 ? 0.1750 0.1906 0.1349 -0.0130 -0.0152 -0.0049 199 VAL A CG2 
486 N N   . GLU A 58 ? 0.1521 0.1361 0.1624 0.0110  -0.0151 0.0062  200 GLU A N   
487 C CA  . GLU A 58 ? 0.1632 0.1662 0.1513 0.0042  -0.0143 0.0046  200 GLU A CA  
488 C C   . GLU A 58 ? 0.1638 0.1730 0.1789 0.0041  -0.0408 0.0013  200 GLU A C   
489 O O   . GLU A 58 ? 0.1929 0.1332 0.1960 0.0241  -0.0244 0.0087  200 GLU A O   
490 C CB  . GLU A 58 ? 0.1703 0.1842 0.1693 0.0144  -0.0068 0.0017  200 GLU A CB  
491 C CG  . GLU A 58 ? 0.1875 0.1612 0.2091 -0.0059 -0.0100 0.0165  200 GLU A CG  
492 C CD  . GLU A 58 ? 0.2064 0.2719 0.2832 0.0228  -0.0141 0.0055  200 GLU A CD  
493 O OE1 . GLU A 58 ? 0.1585 0.3319 0.3293 -0.0346 0.0031  0.0062  200 GLU A OE1 
494 O OE2 . GLU A 58 ? 0.2054 0.3055 0.3078 -0.0218 -0.0089 0.0356  200 GLU A OE2 
495 N N   . PHE A 59 ? 0.1811 0.1623 0.1773 -0.0046 -0.0344 0.0238  201 PHE A N   
496 C CA  . PHE A 59 ? 0.1834 0.1755 0.1686 -0.0029 -0.0413 0.0277  201 PHE A CA  
497 C C   . PHE A 59 ? 0.1879 0.1848 0.1813 -0.0169 -0.0365 0.0348  201 PHE A C   
498 O O   . PHE A 59 ? 0.1762 0.1707 0.1960 0.0006  -0.0362 0.0328  201 PHE A O   
499 C CB  . PHE A 59 ? 0.1758 0.2070 0.1914 -0.0115 -0.0230 0.0153  201 PHE A CB  
500 C CG  . PHE A 59 ? 0.1613 0.1554 0.1884 0.0087  -0.0164 0.0146  201 PHE A CG  
501 C CD1 . PHE A 59 ? 0.1935 0.1886 0.1967 -0.0175 -0.0246 0.0267  201 PHE A CD1 
502 C CD2 . PHE A 59 ? 0.1627 0.1529 0.1758 -0.0374 -0.0258 0.0166  201 PHE A CD2 
503 C CE1 . PHE A 59 ? 0.1839 0.1469 0.1935 -0.0212 -0.0473 0.0107  201 PHE A CE1 
504 C CE2 . PHE A 59 ? 0.1653 0.1645 0.1920 -0.0051 -0.0187 0.0061  201 PHE A CE2 
505 C CZ  . PHE A 59 ? 0.2011 0.1597 0.1532 -0.0037 -0.0493 0.0001  201 PHE A CZ  
506 N N   . VAL A 60 ? 0.1981 0.1947 0.1793 -0.0204 -0.0311 0.0286  202 VAL A N   
507 C CA  . VAL A 60 ? 0.1895 0.2007 0.1861 -0.0010 -0.0339 0.0103  202 VAL A CA  
508 C C   . VAL A 60 ? 0.1923 0.2150 0.1682 0.0058  -0.0223 0.0269  202 VAL A C   
509 O O   . VAL A 60 ? 0.1992 0.1932 0.1943 -0.0033 -0.0382 0.0125  202 VAL A O   
510 C CB  . VAL A 60 ? 0.2280 0.1823 0.2123 0.0070  -0.0489 0.0084  202 VAL A CB  
511 C CG1 . VAL A 60 ? 0.2201 0.1928 0.2349 0.0432  -0.0512 0.0227  202 VAL A CG1 
512 C CG2 . VAL A 60 ? 0.2495 0.2129 0.2471 0.0272  -0.0158 0.0063  202 VAL A CG2 
513 N N   . ASP A 61 ? 0.1868 0.1930 0.1794 -0.0061 -0.0272 0.0209  203 ASP A N   
514 C CA  . ASP A 61 ? 0.1996 0.2419 0.2036 -0.0118 0.0087  0.0108  203 ASP A CA  
515 C C   . ASP A 61 ? 0.1573 0.1950 0.1833 -0.0135 0.0174  0.0024  203 ASP A C   
516 O O   . ASP A 61 ? 0.1922 0.2224 0.1589 -0.0288 -0.0278 0.0188  203 ASP A O   
517 C CB  . ASP A 61 ? 0.2771 0.2892 0.2466 -0.0006 -0.0023 0.0312  203 ASP A CB  
518 C CG  . ASP A 61 ? 0.3364 0.3401 0.3584 0.0063  -0.0353 0.0308  203 ASP A CG  
519 O OD1 . ASP A 61 ? 0.3773 0.3442 0.3982 -0.0046 -0.0727 0.0802  203 ASP A OD1 
520 O OD2 . ASP A 61 ? 0.4390 0.3569 0.4121 0.0097  -0.0254 0.0445  203 ASP A OD2 
521 N N   . VAL A 62 ? 0.1718 0.1869 0.1623 0.0077  -0.0047 0.0036  204 VAL A N   
522 C CA  . VAL A 62 ? 0.1839 0.1805 0.1429 -0.0088 -0.0047 0.0116  204 VAL A CA  
523 C C   . VAL A 62 ? 0.1728 0.1957 0.1546 -0.0129 -0.0032 0.0028  204 VAL A C   
524 O O   . VAL A 62 ? 0.1756 0.2403 0.1641 -0.0174 -0.0201 0.0071  204 VAL A O   
525 C CB  . VAL A 62 ? 0.1803 0.1785 0.1679 -0.0187 0.0137  -0.0037 204 VAL A CB  
526 C CG1 . VAL A 62 ? 0.1725 0.2631 0.1960 -0.0379 0.0135  0.0109  204 VAL A CG1 
527 C CG2 . VAL A 62 ? 0.2117 0.2352 0.1894 -0.0294 0.0079  0.0114  204 VAL A CG2 
528 N N   . SER A 63 ? 0.1709 0.2489 0.1630 -0.0563 -0.0190 0.0203  205 SER A N   
529 C CA  . SER A 63 ? 0.1755 0.2714 0.1607 -0.0356 -0.0049 0.0127  205 SER A CA  
530 C C   . SER A 63 ? 0.1754 0.2306 0.1704 -0.0184 -0.0081 0.0217  205 SER A C   
531 O O   . SER A 63 ? 0.1671 0.2775 0.1799 -0.0432 -0.0012 0.0245  205 SER A O   
532 C CB  . SER A 63 ? 0.1896 0.2897 0.1220 -0.0601 0.0065  0.0239  205 SER A CB  
533 O OG  . SER A 63 ? 0.2697 0.3034 0.3374 -0.0322 -0.0241 0.0399  205 SER A OG  
534 N N   . SER A 64 ? 0.1592 0.2167 0.1700 -0.0330 -0.0031 0.0062  206 SER A N   
535 C CA  . SER A 64 ? 0.1988 0.2024 0.1955 -0.0407 -0.0204 0.0145  206 SER A CA  
536 C C   . SER A 64 ? 0.1693 0.2041 0.1402 -0.0317 -0.0030 0.0197  206 SER A C   
537 O O   . SER A 64 ? 0.1705 0.1932 0.1842 -0.0492 -0.0298 -0.0006 206 SER A O   
538 C CB  . SER A 64 ? 0.2024 0.2039 0.1818 -0.0394 -0.0522 -0.0012 206 SER A CB  
539 O OG  . SER A 64 ? 0.2201 0.2425 0.2107 -0.0159 -0.0353 0.0452  206 SER A OG  
540 N N   . VAL A 65 ? 0.1482 0.1926 0.1548 -0.0375 -0.0106 -0.0019 207 VAL A N   
541 C CA  . VAL A 65 ? 0.1629 0.1830 0.1445 -0.0352 -0.0072 -0.0110 207 VAL A CA  
542 C C   . VAL A 65 ? 0.1625 0.1730 0.1450 -0.0147 0.0097  0.0081  207 VAL A C   
543 O O   . VAL A 65 ? 0.1518 0.1861 0.1458 -0.0355 0.0032  0.0010  207 VAL A O   
544 C CB  . VAL A 65 ? 0.1681 0.1749 0.1421 -0.0431 -0.0103 -0.0031 207 VAL A CB  
545 C CG1 . VAL A 65 ? 0.2094 0.1642 0.1884 -0.0429 -0.0242 0.0110  207 VAL A CG1 
546 C CG2 . VAL A 65 ? 0.1681 0.2680 0.1692 -0.0532 0.0019  -0.0007 207 VAL A CG2 
547 N N   . PRO A 66 ? 0.1646 0.2265 0.1453 -0.0310 -0.0012 -0.0085 208 PRO A N   
548 C CA  . PRO A 66 ? 0.1743 0.2064 0.1441 -0.0200 0.0007  -0.0080 208 PRO A CA  
549 C C   . PRO A 66 ? 0.1736 0.2083 0.1604 -0.0036 0.0099  0.0045  208 PRO A C   
550 O O   . PRO A 66 ? 0.1677 0.2267 0.1546 -0.0248 0.0167  0.0098  208 PRO A O   
551 C CB  . PRO A 66 ? 0.1859 0.2413 0.1876 -0.0189 0.0147  -0.0328 208 PRO A CB  
552 C CG  . PRO A 66 ? 0.2305 0.2911 0.1334 0.0069  -0.0117 -0.0237 208 PRO A CG  
553 C CD  . PRO A 66 ? 0.1721 0.2176 0.1612 -0.0150 -0.0006 -0.0310 208 PRO A CD  
554 N N   . LEU A 67 ? 0.1728 0.1996 0.1539 -0.0334 0.0138  0.0108  209 LEU A N   
555 C CA  . LEU A 67 ? 0.1921 0.1769 0.1619 -0.0320 0.0151  -0.0066 209 LEU A CA  
556 C C   . LEU A 67 ? 0.1596 0.2198 0.1655 -0.0453 0.0041  0.0226  209 LEU A C   
557 O O   . LEU A 67 ? 0.1667 0.2317 0.1755 -0.0637 -0.0124 0.0247  209 LEU A O   
558 C CB  . LEU A 67 ? 0.2048 0.2015 0.1685 -0.0446 0.0110  0.0131  209 LEU A CB  
559 C CG  . LEU A 67 ? 0.1901 0.2523 0.1619 -0.0414 0.0197  -0.0001 209 LEU A CG  
560 C CD1 . LEU A 67 ? 0.2232 0.2294 0.2506 -0.0292 0.0019  0.0140  209 LEU A CD1 
561 C CD2 . LEU A 67 ? 0.2362 0.3611 0.2196 0.0204  0.0299  0.0643  209 LEU A CD2 
562 N N   . ALA A 68 ? 0.1547 0.1775 0.1583 -0.0301 -0.0151 0.0170  210 ALA A N   
563 C CA  . ALA A 68 ? 0.1592 0.1659 0.1464 -0.0242 -0.0066 0.0025  210 ALA A CA  
564 C C   . ALA A 68 ? 0.1562 0.1364 0.1566 0.0037  0.0145  -0.0023 210 ALA A C   
565 O O   . ALA A 68 ? 0.1599 0.1736 0.1388 -0.0270 0.0029  -0.0039 210 ALA A O   
566 C CB  . ALA A 68 ? 0.1321 0.1904 0.1535 -0.0218 0.0114  -0.0106 210 ALA A CB  
567 N N   . ILE A 69 ? 0.1720 0.1674 0.1280 -0.0130 -0.0026 -0.0122 211 ILE A N   
568 C CA  . ILE A 69 ? 0.1558 0.1750 0.1367 -0.0118 0.0124  -0.0045 211 ILE A CA  
569 C C   . ILE A 69 ? 0.1500 0.2122 0.1483 -0.0037 0.0227  -0.0155 211 ILE A C   
570 O O   . ILE A 69 ? 0.1682 0.2042 0.1524 -0.0096 0.0035  -0.0248 211 ILE A O   
571 C CB  . ILE A 69 ? 0.1818 0.1798 0.1509 -0.0179 -0.0134 -0.0025 211 ILE A CB  
572 C CG1 . ILE A 69 ? 0.2201 0.1637 0.1692 -0.0389 -0.0135 0.0016  211 ILE A CG1 
573 C CG2 . ILE A 69 ? 0.2102 0.1886 0.2147 0.0054  -0.0107 -0.0220 211 ILE A CG2 
574 C CD1 . ILE A 69 ? 0.2406 0.2107 0.1882 -0.0588 -0.0053 -0.0272 211 ILE A CD1 
575 N N   . GLY A 70 ? 0.1662 0.2001 0.1509 -0.0174 0.0069  -0.0088 212 GLY A N   
576 C CA  . GLY A 70 ? 0.1583 0.2200 0.1518 -0.0116 0.0057  0.0058  212 GLY A CA  
577 C C   . GLY A 70 ? 0.1789 0.2158 0.1774 -0.0254 0.0125  0.0063  212 GLY A C   
578 O O   . GLY A 70 ? 0.1667 0.2599 0.1929 -0.0385 0.0324  -0.0031 212 GLY A O   
579 N N   . LEU A 71 ? 0.1416 0.2015 0.1699 -0.0250 0.0108  -0.0040 213 LEU A N   
580 C CA  . LEU A 71 ? 0.1565 0.1896 0.1561 -0.0153 0.0051  0.0053  213 LEU A CA  
581 C C   . LEU A 71 ? 0.1532 0.1759 0.1576 -0.0364 0.0144  0.0180  213 LEU A C   
582 O O   . LEU A 71 ? 0.1681 0.1596 0.1633 -0.0242 -0.0044 -0.0071 213 LEU A O   
583 C CB  . LEU A 71 ? 0.1703 0.1594 0.1577 -0.0151 -0.0109 -0.0012 213 LEU A CB  
584 C CG  . LEU A 71 ? 0.1751 0.2132 0.1625 -0.0288 -0.0263 0.0197  213 LEU A CG  
585 C CD1 . LEU A 71 ? 0.2135 0.2376 0.2108 -0.0099 -0.0168 0.0294  213 LEU A CD1 
586 C CD2 . LEU A 71 ? 0.2247 0.2275 0.2261 -0.0416 0.0016  0.0594  213 LEU A CD2 
587 N N   . THR A 72 ? 0.1286 0.1664 0.1535 -0.0165 0.0066  0.0059  214 THR A N   
588 C CA  . THR A 72 ? 0.1332 0.1827 0.1523 -0.0112 0.0064  -0.0045 214 THR A CA  
589 C C   . THR A 72 ? 0.1424 0.1821 0.1606 -0.0072 -0.0021 -0.0008 214 THR A C   
590 O O   . THR A 72 ? 0.1469 0.2142 0.1618 -0.0241 0.0112  0.0048  214 THR A O   
591 C CB  . THR A 72 ? 0.1440 0.1747 0.1437 0.0087  0.0208  -0.0101 214 THR A CB  
592 O OG1 . THR A 72 ? 0.1333 0.1680 0.1739 -0.0046 0.0250  -0.0111 214 THR A OG1 
593 C CG2 . THR A 72 ? 0.1702 0.1683 0.1838 0.0162  -0.0128 0.0086  214 THR A CG2 
594 N N   . GLY A 73 ? 0.1241 0.1815 0.1639 -0.0103 0.0006  0.0090  215 GLY A N   
595 C CA  . GLY A 73 ? 0.1246 0.1899 0.1709 0.0065  -0.0050 0.0157  215 GLY A CA  
596 C C   . GLY A 73 ? 0.1465 0.1759 0.1902 -0.0150 -0.0027 0.0122  215 GLY A C   
597 O O   . GLY A 73 ? 0.1628 0.2396 0.2243 -0.0136 -0.0256 -0.0086 215 GLY A O   
598 N N   . GLN A 74 ? 0.1408 0.1744 0.1663 0.0002  -0.0074 -0.0071 216 GLN A N   
599 C CA  . GLN A 74 ? 0.1613 0.1705 0.1901 -0.0226 -0.0149 -0.0006 216 GLN A CA  
600 C C   . GLN A 74 ? 0.1741 0.1741 0.1795 -0.0219 -0.0219 0.0057  216 GLN A C   
601 O O   . GLN A 74 ? 0.1657 0.1658 0.1746 -0.0034 0.0025  0.0215  216 GLN A O   
602 C CB  . GLN A 74 ? 0.1592 0.1573 0.1785 -0.0171 -0.0283 -0.0060 216 GLN A CB  
603 C CG  . GLN A 74 ? 0.1816 0.2157 0.2044 -0.0361 0.0202  0.0234  216 GLN A CG  
604 C CD  . GLN A 74 ? 0.1918 0.2524 0.2109 -0.0425 -0.0117 -0.0001 216 GLN A CD  
605 O OE1 . GLN A 74 ? 0.2221 0.2751 0.2531 -0.0244 -0.0223 0.0472  216 GLN A OE1 
606 N NE2 . GLN A 74 ? 0.2160 0.2874 0.2141 -0.0988 -0.0081 -0.0117 216 GLN A NE2 
607 N N   . ARG A 75 ? 0.2213 0.1821 0.2042 -0.0458 0.0168  -0.0108 217 ARG A N   
608 C CA  A ARG A 75 ? 0.2167 0.1930 0.1892 -0.0189 0.0054  0.0076  217 ARG A CA  
609 C CA  B ARG A 75 ? 0.2292 0.2061 0.2013 -0.0163 0.0070  0.0064  217 ARG A CA  
610 C C   . ARG A 75 ? 0.2211 0.1703 0.2002 -0.0132 -0.0069 0.0274  217 ARG A C   
611 O O   . ARG A 75 ? 0.2490 0.1950 0.2334 -0.0273 0.0070  0.0584  217 ARG A O   
612 C CB  A ARG A 75 ? 0.2080 0.1942 0.1869 -0.0182 0.0081  0.0096  217 ARG A CB  
613 C CB  B ARG A 75 ? 0.2471 0.2343 0.2225 -0.0242 0.0046  0.0039  217 ARG A CB  
614 C CG  A ARG A 75 ? 0.2123 0.2636 0.2154 -0.0036 -0.0169 0.0128  217 ARG A CG  
615 C CG  B ARG A 75 ? 0.2729 0.3030 0.2719 -0.0070 -0.0046 0.0068  217 ARG A CG  
616 C CD  A ARG A 75 ? 0.2065 0.2244 0.2252 -0.0021 0.0136  0.0104  217 ARG A CD  
617 C CD  B ARG A 75 ? 0.3220 0.3294 0.3130 -0.0217 -0.0132 -0.0117 217 ARG A CD  
618 N NE  A ARG A 75 ? 0.2369 0.2469 0.2697 -0.0220 -0.0064 -0.0066 217 ARG A NE  
619 N NE  B ARG A 75 ? 0.3878 0.4114 0.4160 0.0033  -0.0019 0.0009  217 ARG A NE  
620 C CZ  A ARG A 75 ? 0.3111 0.3388 0.2988 -0.0015 -0.0125 0.0030  217 ARG A CZ  
621 C CZ  B ARG A 75 ? 0.4287 0.4333 0.4427 0.0018  0.0000  0.0208  217 ARG A CZ  
622 N NH1 A ARG A 75 ? 0.2826 0.3272 0.2929 -0.0137 -0.0154 -0.0129 217 ARG A NH1 
623 N NH1 B ARG A 75 ? 0.3989 0.3966 0.4340 0.0070  -0.0087 -0.0049 217 ARG A NH1 
624 N NH2 A ARG A 75 ? 0.3565 0.3534 0.3853 0.0014  -0.0040 -0.0271 217 ARG A NH2 
625 N NH2 B ARG A 75 ? 0.4849 0.4851 0.5190 0.0183  0.0152  0.0019  217 ARG A NH2 
626 N N   . VAL A 76 ? 0.1763 0.1533 0.2092 -0.0243 -0.0113 0.0191  218 VAL A N   
627 C CA  . VAL A 76 ? 0.1746 0.1460 0.2043 -0.0100 -0.0126 0.0398  218 VAL A CA  
628 C C   . VAL A 76 ? 0.1811 0.1567 0.2042 0.0037  -0.0127 0.0042  218 VAL A C   
629 O O   . VAL A 76 ? 0.2001 0.1293 0.1859 -0.0092 -0.0220 0.0058  218 VAL A O   
630 C CB  . VAL A 76 ? 0.2104 0.1249 0.2021 -0.0039 -0.0206 0.0234  218 VAL A CB  
631 C CG1 . VAL A 76 ? 0.1733 0.2001 0.2366 -0.0025 -0.0083 0.0039  218 VAL A CG1 
632 C CG2 . VAL A 76 ? 0.2288 0.2016 0.2005 -0.0109 -0.0455 0.0375  218 VAL A CG2 
633 N N   . LEU A 77 ? 0.2026 0.1665 0.2278 -0.0235 -0.0124 -0.0012 219 LEU A N   
634 C CA  . LEU A 77 ? 0.2229 0.1328 0.2404 -0.0224 -0.0136 -0.0044 219 LEU A CA  
635 C C   . LEU A 77 ? 0.2193 0.1828 0.2534 -0.0269 -0.0183 -0.0144 219 LEU A C   
636 O O   . LEU A 77 ? 0.2393 0.2094 0.2511 -0.0039 -0.0370 -0.0349 219 LEU A O   
637 C CB  . LEU A 77 ? 0.2280 0.1481 0.2278 -0.0069 0.0113  -0.0201 219 LEU A CB  
638 C CG  . LEU A 77 ? 0.2490 0.1881 0.2861 0.0057  -0.0094 0.0026  219 LEU A CG  
639 C CD1 . LEU A 77 ? 0.2164 0.2688 0.2965 -0.0194 -0.0027 0.0172  219 LEU A CD1 
640 C CD2 . LEU A 77 ? 0.2959 0.1934 0.3530 0.0424  0.0120  0.0128  219 LEU A CD2 
641 N N   . GLY A 78 ? 0.2054 0.1575 0.2358 -0.0308 -0.0252 -0.0264 220 GLY A N   
642 C CA  . GLY A 78 ? 0.2129 0.2111 0.2714 -0.0001 -0.0211 -0.0080 220 GLY A CA  
643 C C   . GLY A 78 ? 0.1941 0.1994 0.2432 0.0001  -0.0292 -0.0002 220 GLY A C   
644 O O   . GLY A 78 ? 0.1934 0.2249 0.3479 -0.0100 -0.0507 -0.0202 220 GLY A O   
645 N N   . VAL A 79 ? 0.2026 0.1537 0.2107 -0.0222 -0.0292 -0.0220 221 VAL A N   
646 C CA  . VAL A 79 ? 0.1693 0.1721 0.1856 -0.0010 -0.0382 -0.0015 221 VAL A CA  
647 C C   . VAL A 79 ? 0.1561 0.1873 0.1708 -0.0239 -0.0183 -0.0032 221 VAL A C   
648 O O   . VAL A 79 ? 0.1511 0.1567 0.1791 -0.0167 -0.0306 0.0078  221 VAL A O   
649 C CB  . VAL A 79 ? 0.1772 0.1452 0.1433 0.0071  -0.0440 -0.0019 221 VAL A CB  
650 C CG1 . VAL A 79 ? 0.2162 0.1497 0.1906 0.0214  -0.0500 -0.0030 221 VAL A CG1 
651 C CG2 . VAL A 79 ? 0.2292 0.1996 0.1809 0.0301  -0.0301 -0.0258 221 VAL A CG2 
652 N N   . PRO A 80 ? 0.1550 0.1875 0.1513 -0.0075 -0.0309 -0.0003 222 PRO A N   
653 C CA  . PRO A 80 ? 0.1632 0.1647 0.1802 0.0094  -0.0064 -0.0068 222 PRO A CA  
654 C C   . PRO A 80 ? 0.1420 0.1552 0.1638 -0.0017 -0.0162 0.0131  222 PRO A C   
655 O O   . PRO A 80 ? 0.1776 0.1791 0.1738 -0.0225 -0.0308 0.0406  222 PRO A O   
656 C CB  . PRO A 80 ? 0.1649 0.1824 0.2007 0.0018  -0.0180 0.0000  222 PRO A CB  
657 C CG  . PRO A 80 ? 0.2273 0.2931 0.2342 0.0303  -0.0338 0.0046  222 PRO A CG  
658 C CD  . PRO A 80 ? 0.1594 0.1989 0.2062 0.0004  -0.0486 0.0039  222 PRO A CD  
659 N N   . ILE A 81 ? 0.1394 0.1263 0.1415 0.0036  -0.0206 0.0086  223 ILE A N   
660 C CA  . ILE A 81 ? 0.1392 0.1458 0.1488 0.0067  -0.0102 -0.0022 223 ILE A CA  
661 C C   . ILE A 81 ? 0.1313 0.1319 0.1511 0.0049  0.0018  0.0099  223 ILE A C   
662 O O   . ILE A 81 ? 0.1322 0.1551 0.1591 -0.0125 0.0109  -0.0049 223 ILE A O   
663 C CB  . ILE A 81 ? 0.1346 0.1303 0.1701 -0.0008 -0.0025 0.0036  223 ILE A CB  
664 C CG1 . ILE A 81 ? 0.1408 0.1355 0.1283 0.0145  0.0051  -0.0139 223 ILE A CG1 
665 C CG2 . ILE A 81 ? 0.1594 0.1799 0.1413 -0.0155 -0.0076 0.0107  223 ILE A CG2 
666 C CD1 . ILE A 81 ? 0.1525 0.1328 0.1663 0.0013  -0.0157 0.0341  223 ILE A CD1 
667 N N   . ILE A 82 ? 0.1277 0.1300 0.1431 -0.0033 0.0005  0.0182  224 ILE A N   
668 C CA  . ILE A 82 ? 0.1187 0.1364 0.1398 0.0147  -0.0088 -0.0034 224 ILE A CA  
669 C C   . ILE A 82 ? 0.1266 0.1173 0.1301 -0.0123 0.0042  0.0088  224 ILE A C   
670 O O   . ILE A 82 ? 0.1242 0.1659 0.1405 -0.0050 0.0093  0.0071  224 ILE A O   
671 C CB  . ILE A 82 ? 0.1325 0.1390 0.1864 0.0197  -0.0152 0.0030  224 ILE A CB  
672 C CG1 . ILE A 82 ? 0.1357 0.1712 0.1660 0.0268  -0.0102 -0.0009 224 ILE A CG1 
673 C CG2 . ILE A 82 ? 0.1704 0.1388 0.2167 -0.0108 -0.0179 -0.0109 224 ILE A CG2 
674 C CD1 . ILE A 82 ? 0.2209 0.1466 0.1939 0.0010  -0.0247 0.0354  224 ILE A CD1 
675 N N   . VAL A 83 ? 0.1079 0.1540 0.1402 0.0162  0.0064  0.0007  225 VAL A N   
676 C CA  . VAL A 83 ? 0.1177 0.1576 0.1270 -0.0117 0.0036  -0.0106 225 VAL A CA  
677 C C   . VAL A 83 ? 0.1200 0.1585 0.1390 0.0049  -0.0008 -0.0063 225 VAL A C   
678 O O   . VAL A 83 ? 0.1475 0.1961 0.1704 -0.0142 0.0366  -0.0437 225 VAL A O   
679 C CB  . VAL A 83 ? 0.1392 0.1534 0.1321 0.0090  0.0085  0.0007  225 VAL A CB  
680 C CG1 . VAL A 83 ? 0.1212 0.1656 0.1501 0.0132  -0.0088 -0.0015 225 VAL A CG1 
681 C CG2 . VAL A 83 ? 0.1505 0.1462 0.1826 -0.0124 -0.0328 0.0136  225 VAL A CG2 
682 N N   . GLN A 84 ? 0.1388 0.1679 0.1415 -0.0056 0.0002  -0.0161 226 GLN A N   
683 C CA  A GLN A 84 ? 0.1388 0.1804 0.1497 0.0053  0.0083  -0.0251 226 GLN A CA  
684 C CA  B GLN A 84 ? 0.1390 0.1752 0.1460 0.0057  0.0099  -0.0250 226 GLN A CA  
685 C C   . GLN A 84 ? 0.1423 0.1727 0.1491 0.0086  0.0032  -0.0275 226 GLN A C   
686 O O   . GLN A 84 ? 0.1385 0.1854 0.1628 0.0093  0.0097  -0.0389 226 GLN A O   
687 C CB  A GLN A 84 ? 0.1892 0.1700 0.2014 0.0044  -0.0135 -0.0356 226 GLN A CB  
688 C CB  B GLN A 84 ? 0.1910 0.1601 0.1966 0.0071  -0.0080 -0.0325 226 GLN A CB  
689 C CG  A GLN A 84 ? 0.1865 0.2565 0.2232 -0.0154 -0.0060 -0.0074 226 GLN A CG  
690 C CG  B GLN A 84 ? 0.1738 0.2474 0.2091 -0.0084 0.0105  -0.0305 226 GLN A CG  
691 C CD  A GLN A 84 ? 0.2553 0.2637 0.2633 -0.0179 -0.0148 -0.0040 226 GLN A CD  
692 C CD  B GLN A 84 ? 0.2675 0.2563 0.2812 -0.0092 -0.0125 -0.0058 226 GLN A CD  
693 O OE1 A GLN A 84 ? 0.3484 0.2697 0.2949 -0.0004 0.0152  -0.0300 226 GLN A OE1 
694 O OE1 B GLN A 84 ? 0.2676 0.2663 0.2712 0.0253  -0.0094 0.0791  226 GLN A OE1 
695 N NE2 A GLN A 84 ? 0.2908 0.1486 0.2439 0.0143  0.0207  -0.0191 226 GLN A NE2 
696 N NE2 B GLN A 84 ? 0.2942 0.2818 0.3097 0.0298  -0.0178 -0.0240 226 GLN A NE2 
697 N N   . ALA A 85 ? 0.1466 0.1921 0.1579 0.0096  0.0155  -0.0453 227 ALA A N   
698 C CA  . ALA A 85 ? 0.1451 0.2071 0.1745 -0.0252 0.0081  -0.0189 227 ALA A CA  
699 C C   . ALA A 85 ? 0.1648 0.1328 0.1890 -0.0086 -0.0088 0.0177  227 ALA A C   
700 O O   . ALA A 85 ? 0.1768 0.1792 0.2310 -0.0027 -0.0278 0.0207  227 ALA A O   
701 C CB  . ALA A 85 ? 0.2051 0.2116 0.1693 -0.0262 -0.0095 -0.0365 227 ALA A CB  
702 N N   . SER A 86 ? 0.1533 0.1559 0.1811 0.0188  0.0052  0.0020  228 SER A N   
703 C CA  . SER A 86 ? 0.1837 0.1687 0.1873 0.0085  -0.0039 0.0101  228 SER A CA  
704 C C   . SER A 86 ? 0.2209 0.1984 0.2445 0.0179  0.0197  0.0095  228 SER A C   
705 O O   . SER A 86 ? 0.2758 0.2062 0.3032 -0.0186 0.0283  0.0509  228 SER A O   
706 C CB  . SER A 86 ? 0.2048 0.1341 0.1954 0.0439  0.0541  0.0103  228 SER A CB  
707 O OG  . SER A 86 ? 0.2317 0.2345 0.2184 -0.0019 0.0372  0.0315  228 SER A OG  
708 N N   A GLN A 87 ? 0.2217 0.1987 0.2573 -0.0241 -0.0039 -0.0122 229 GLN A N   
709 N N   B GLN A 87 ? 0.2335 0.2240 0.2452 -0.0131 -0.0033 -0.0005 229 GLN A N   
710 C CA  A GLN A 87 ? 0.2782 0.2408 0.2952 -0.0066 0.0147  -0.0076 229 GLN A CA  
711 C CA  B GLN A 87 ? 0.2482 0.2391 0.2575 0.0000  0.0051  0.0037  229 GLN A CA  
712 C C   A GLN A 87 ? 0.2711 0.2317 0.2720 0.0101  0.0149  -0.0086 229 GLN A C   
713 C C   B GLN A 87 ? 0.2352 0.2388 0.2413 0.0021  0.0008  -0.0006 229 GLN A C   
714 O O   A GLN A 87 ? 0.2646 0.2269 0.2630 0.0084  0.0251  -0.0125 229 GLN A O   
715 O O   B GLN A 87 ? 0.2480 0.2526 0.2504 0.0003  0.0017  0.0013  229 GLN A O   
716 C CB  A GLN A 87 ? 0.3123 0.3086 0.2997 0.0077  -0.0044 -0.0016 229 GLN A CB  
717 C CB  B GLN A 87 ? 0.2691 0.2788 0.2544 0.0045  -0.0106 0.0030  229 GLN A CB  
718 C CG  A GLN A 87 ? 0.3051 0.2836 0.3260 0.0043  0.0196  -0.0083 229 GLN A CG  
719 C CG  B GLN A 87 ? 0.2743 0.2634 0.2977 -0.0055 0.0121  0.0020  229 GLN A CG  
720 C CD  A GLN A 87 ? 0.3478 0.3332 0.3424 0.0038  -0.0077 0.0148  229 GLN A CD  
721 C CD  B GLN A 87 ? 0.2374 0.2533 0.2633 0.0341  -0.0009 -0.0146 229 GLN A CD  
722 O OE1 A GLN A 87 ? 0.3875 0.3909 0.3820 -0.0193 0.0047  -0.0051 229 GLN A OE1 
723 O OE1 B GLN A 87 ? 0.2373 0.1581 0.2539 -0.0155 -0.0057 -0.0073 229 GLN A OE1 
724 N NE2 A GLN A 87 ? 0.3653 0.3620 0.3530 0.0117  0.0217  -0.0172 229 GLN A NE2 
725 N NE2 B GLN A 87 ? 0.2745 0.1989 0.2978 0.0426  -0.0113 0.0009  229 GLN A NE2 
726 O O   . HOH B .  ? 0.3350 0.2721 0.3125 0.0831  -0.0205 0.0264  301 HOH A O   
727 O O   . HOH B .  ? 0.4811 0.4985 0.4371 0.0021  0.0174  0.0208  302 HOH A O   
728 O O   . HOH B .  ? 0.3764 0.4472 0.3298 0.0034  -0.0944 -0.0236 303 HOH A O   
729 O O   . HOH B .  ? 0.3212 0.3170 0.2579 0.0018  -0.0129 0.0441  304 HOH A O   
730 O O   . HOH B .  ? 0.4553 0.5490 0.4849 -0.0159 -0.0079 0.0299  305 HOH A O   
731 O O   . HOH B .  ? 0.5508 0.5920 0.5733 0.0079  0.0188  0.0056  306 HOH A O   
732 O O   . HOH B .  ? 0.3688 0.2621 0.3572 0.0496  -0.0109 -0.0154 307 HOH A O   
733 O O   . HOH B .  ? 0.6194 0.6107 0.6076 0.0049  0.0013  -0.0223 308 HOH A O   
734 O O   . HOH B .  ? 0.4591 0.4249 0.4854 0.0021  -0.0016 -0.0108 309 HOH A O   
735 O O   . HOH B .  ? 0.4252 0.5250 0.4907 -0.0120 -0.0221 0.0485  310 HOH A O   
736 O O   . HOH B .  ? 0.1755 0.3413 0.2729 -0.0031 -0.0340 -0.0264 311 HOH A O   
737 O O   . HOH B .  ? 0.5442 0.5160 0.4573 -0.0100 -0.0205 -0.0149 312 HOH A O   
738 O O   . HOH B .  ? 0.3468 0.3662 0.3924 -0.0080 0.0019  0.0243  313 HOH A O   
739 O O   . HOH B .  ? 0.4126 0.3387 0.3303 -0.0291 0.0236  -0.0480 314 HOH A O   
740 O O   . HOH B .  ? 0.3003 0.3149 0.2564 -0.0063 0.0605  -0.0190 315 HOH A O   
741 O O   . HOH B .  ? 0.4987 0.2989 0.2749 0.0855  -0.1144 -0.0035 316 HOH A O   
742 O O   . HOH B .  ? 0.4902 0.2970 0.4850 0.0232  -0.0420 0.0317  317 HOH A O   
743 O O   . HOH B .  ? 0.4302 0.4856 0.4752 0.0310  -0.0272 -0.0200 318 HOH A O   
744 O O   . HOH B .  ? 0.3228 0.3356 0.4287 -0.0477 0.0292  0.0262  319 HOH A O   
745 O O   . HOH B .  ? 0.5203 0.4972 0.4957 -0.0071 0.0145  0.0193  320 HOH A O   
746 O O   . HOH B .  ? 0.4910 0.3924 0.3963 0.0546  0.0158  -0.0627 321 HOH A O   
747 O O   . HOH B .  ? 0.2112 0.2612 0.2084 -0.0313 0.0050  0.0276  322 HOH A O   
748 O O   . HOH B .  ? 0.3160 0.3127 0.2642 -0.0052 -0.0780 -0.0601 323 HOH A O   
749 O O   . HOH B .  ? 0.4075 0.2444 0.3972 0.0039  0.0381  -0.0705 324 HOH A O   
750 O O   . HOH B .  ? 0.5730 0.5493 0.5391 0.0178  0.0225  -0.0035 325 HOH A O   
751 O O   . HOH B .  ? 0.3067 0.1734 0.2963 -0.0125 -0.0546 -0.0160 326 HOH A O   
752 O O   . HOH B .  ? 0.3720 0.3125 0.2217 0.0532  -0.0337 -0.0639 327 HOH A O   
753 O O   . HOH B .  ? 0.3452 0.2485 0.2570 -0.0092 0.0426  -0.0154 328 HOH A O   
754 O O   . HOH B .  ? 0.4121 0.3264 0.2414 0.0543  -0.0199 0.0429  329 HOH A O   
755 O O   . HOH B .  ? 0.2369 0.2024 0.2040 -0.0366 -0.0456 0.0389  330 HOH A O   
756 O O   . HOH B .  ? 0.2619 0.3441 0.4429 0.0229  0.0344  -0.0432 331 HOH A O   
757 O O   . HOH B .  ? 0.3997 0.3647 0.3743 0.0410  -0.0163 -0.0332 332 HOH A O   
758 O O   . HOH B .  ? 0.3641 0.3373 0.3358 0.0169  -0.0056 0.0608  333 HOH A O   
759 O O   . HOH B .  ? 0.2676 0.2856 0.2713 -0.0276 0.0583  -0.0475 334 HOH A O   
760 O O   . HOH B .  ? 0.3300 0.2877 0.2885 -0.0325 0.0035  0.0449  335 HOH A O   
761 O O   . HOH B .  ? 0.2080 0.3998 0.2227 -0.0210 0.0232  -0.0041 336 HOH A O   
762 O O   . HOH B .  ? 0.3940 0.3851 0.3037 0.0240  -0.0016 0.0185  337 HOH A O   
763 O O   . HOH B .  ? 0.1643 0.1423 0.1512 -0.0095 -0.0139 0.0017  338 HOH A O   
764 O O   . HOH B .  ? 0.4303 0.4358 0.4887 0.0036  -0.0074 -0.0013 339 HOH A O   
765 O O   . HOH B .  ? 0.5054 0.5011 0.5091 0.0049  0.0001  0.0333  340 HOH A O   
766 O O   . HOH B .  ? 0.2929 0.1878 0.3140 -0.0585 0.0233  -0.0542 341 HOH A O   
767 O O   . HOH B .  ? 0.4664 0.3918 0.4718 -0.0495 -0.0059 -0.0116 342 HOH A O   
768 O O   . HOH B .  ? 0.5097 0.4711 0.5107 0.0110  -0.0119 0.0214  343 HOH A O   
769 O O   . HOH B .  ? 0.2325 0.2705 0.2881 0.0044  0.0231  -0.0043 344 HOH A O   
770 O O   . HOH B .  ? 0.2533 0.2884 0.2715 -0.0485 0.0257  0.0355  345 HOH A O   
771 O O   . HOH B .  ? 0.2313 0.3195 0.2693 -0.0778 0.0130  0.0226  346 HOH A O   
772 O O   . HOH B .  ? 0.3588 0.4124 0.4115 -0.0193 0.0065  -0.0283 347 HOH A O   
773 O O   . HOH B .  ? 0.2372 0.2964 0.1887 0.0309  -0.0078 -0.0252 348 HOH A O   
774 O O   . HOH B .  ? 0.5727 0.4822 0.4748 0.0204  -0.0092 -0.0052 349 HOH A O   
775 O O   . HOH B .  ? 0.1987 0.1378 0.1828 -0.0048 -0.0102 -0.0015 350 HOH A O   
776 O O   . HOH B .  ? 0.2669 0.3579 0.3701 -0.0140 0.0099  0.0402  351 HOH A O   
777 O O   . HOH B .  ? 0.3192 0.2325 0.1999 -0.0548 -0.0250 0.0307  352 HOH A O   
778 O O   . HOH B .  ? 0.2733 0.2693 0.3234 -0.0479 0.0154  0.0062  353 HOH A O   
779 O O   A HOH B .  ? 0.1944 0.2294 0.2491 0.0267  -0.0097 -0.0264 354 HOH A O   
780 O O   B HOH B .  ? 0.1832 0.3100 0.3502 -0.0552 -0.0041 0.0121  354 HOH A O   
781 O O   . HOH B .  ? 0.3532 0.4817 0.4155 -0.0601 -0.0049 -0.0036 355 HOH A O   
782 O O   . HOH B .  ? 0.4737 0.5132 0.4482 0.0318  0.0390  -0.0277 356 HOH A O   
783 O O   . HOH B .  ? 0.3070 0.3188 0.3224 -0.0022 -0.0061 0.0227  357 HOH A O   
784 O O   . HOH B .  ? 0.4705 0.4580 0.4181 0.0274  0.0052  0.0572  358 HOH A O   
785 O O   . HOH B .  ? 0.3329 0.3220 0.3272 -0.0711 0.0284  -0.0520 359 HOH A O   
786 O O   . HOH B .  ? 0.3791 0.3559 0.3758 -0.0076 0.0175  -0.0396 360 HOH A O   
787 O O   A HOH B .  ? 0.2864 0.2271 0.2778 -0.0125 0.0654  -0.0082 361 HOH A O   
788 O O   B HOH B .  ? 0.2759 0.3372 0.3113 -0.0158 -0.0139 -0.0100 361 HOH A O   
789 O O   . HOH B .  ? 0.3183 0.3601 0.3165 0.0427  0.0023  0.0793  362 HOH A O   
790 O O   . HOH B .  ? 0.4181 0.2274 0.4017 -0.0103 -0.0371 0.0284  363 HOH A O   
791 O O   . HOH B .  ? 0.2369 0.2162 0.2847 0.0376  0.0406  -0.0616 364 HOH A O   
792 O O   . HOH B .  ? 0.2659 0.3154 0.2815 0.0326  0.0081  -0.0199 365 HOH A O   
793 O O   . HOH B .  ? 0.5754 0.5829 0.5737 0.0013  0.0030  0.0006  366 HOH A O   
794 O O   . HOH B .  ? 0.4380 0.4508 0.4846 0.0298  -0.0016 -0.0231 367 HOH A O   
795 O O   . HOH B .  ? 0.4676 0.4607 0.4714 -0.0708 0.0119  -0.0064 368 HOH A O   
796 O O   . HOH B .  ? 0.2971 0.2830 0.3868 -0.0239 -0.0064 0.0267  369 HOH A O   
797 O O   . HOH B .  ? 0.3451 0.2214 0.4372 0.0645  0.0537  -0.0393 370 HOH A O   
798 O O   . HOH B .  ? 0.4391 0.4539 0.4104 0.0015  -0.0248 -0.0223 371 HOH A O   
799 O O   . HOH B .  ? 0.2898 0.3143 0.2781 0.0477  0.0625  -0.0110 372 HOH A O   
800 O O   A HOH B .  ? 0.2617 0.1851 0.2991 0.0318  0.0174  -0.0557 373 HOH A O   
801 O O   . HOH B .  ? 0.4244 0.4205 0.3614 -0.0266 -0.0767 -0.0806 374 HOH A O   
802 O O   . HOH B .  ? 0.3151 0.2973 0.2766 0.0291  0.0047  0.0084  375 HOH A O   
803 O O   . HOH B .  ? 0.4922 0.3757 0.4798 0.0475  0.0031  -0.0089 376 HOH A O   
804 O O   . HOH B .  ? 0.4142 0.2567 0.4249 0.1186  -0.0227 -0.0544 377 HOH A O   
805 O O   . HOH B .  ? 0.4359 0.4378 0.4075 0.0991  0.0065  -0.0502 378 HOH A O   
806 O O   . HOH B .  ? 0.4471 0.3518 0.4586 0.0024  -0.0357 0.0405  379 HOH A O   
807 O O   . HOH B .  ? 0.2642 0.2479 0.2214 -0.0593 0.0317  -0.0071 380 HOH A O   
808 O O   . HOH B .  ? 0.5968 0.6114 0.6037 0.0056  -0.0106 0.0118  381 HOH A O   
809 O O   . HOH B .  ? 0.5455 0.5124 0.5688 0.0030  0.0277  -0.0183 382 HOH A O   
810 O O   . HOH B .  ? 0.3003 0.3399 0.3839 -0.0096 0.0431  0.0121  383 HOH A O   
811 O O   . HOH B .  ? 0.6053 0.5970 0.5907 0.0293  0.0124  -0.0340 384 HOH A O   
812 O O   A HOH B .  ? 0.2973 0.1860 0.3187 -0.0002 0.0132  0.0192  385 HOH A O   
813 O O   B HOH B .  ? 0.2733 0.2883 0.2951 0.0362  -0.0051 0.0087  385 HOH A O   
814 O O   . HOH B .  ? 0.4435 0.4211 0.3502 -0.0207 0.0340  -0.0212 386 HOH A O   
815 O O   . HOH B .  ? 0.4081 0.3897 0.3690 0.0201  0.0183  0.0591  387 HOH A O   
816 O O   . HOH B .  ? 0.6415 0.6096 0.6313 0.0236  -0.0118 0.0063  388 HOH A O   
817 O O   . HOH B .  ? 0.4546 0.4405 0.3988 0.0422  -0.0691 0.0004  389 HOH A O   
818 O O   . HOH B .  ? 0.4615 0.3911 0.3183 0.0393  -0.0184 0.0832  390 HOH A O   
819 O O   . HOH B .  ? 0.5813 0.5478 0.5112 -0.0033 0.0165  0.0048  391 HOH A O   
820 O O   . HOH B .  ? 0.4412 0.4425 0.4881 0.0268  0.0240  -0.0211 392 HOH A O   
821 O O   . HOH B .  ? 0.2465 0.2828 0.3201 -0.0110 0.0143  -0.0149 393 HOH A O   
822 O O   . HOH B .  ? 0.6427 0.6476 0.6428 -0.0074 0.0068  -0.0122 394 HOH A O   
823 O O   . HOH B .  ? 0.5252 0.5029 0.4968 -0.0238 -0.0048 -0.0259 395 HOH A O   
824 O O   . HOH B .  ? 0.3260 0.3526 0.3078 -0.0175 0.0243  0.0100  396 HOH A O   
825 O O   . HOH B .  ? 0.4573 0.3591 0.2900 0.0587  0.0364  -0.0536 397 HOH A O   
826 O O   . HOH B .  ? 0.3664 0.3601 0.3670 -0.0268 0.0214  -0.0311 398 HOH A O   
827 O O   . HOH B .  ? 0.3234 0.3886 0.3580 -0.0301 0.0084  0.0351  399 HOH A O   
828 O O   A HOH B .  ? 0.2984 0.2982 0.2776 0.0104  0.0247  -0.0238 400 HOH A O   
829 O O   B HOH B .  ? 0.3310 0.3080 0.2918 -0.0246 0.0769  0.0127  400 HOH A O   
830 O O   . HOH B .  ? 0.3789 0.4207 0.5018 -0.0230 0.0420  -0.0407 401 HOH A O   
831 O O   . HOH B .  ? 0.5167 0.4940 0.5223 0.0302  0.0054  -0.0088 402 HOH A O   
832 O O   . HOH B .  ? 0.2930 0.3142 0.3805 0.0057  -0.0130 -0.0417 403 HOH A O   
833 O O   . HOH B .  ? 0.4931 0.4704 0.4766 0.0162  -0.0254 0.0483  404 HOH A O   
834 O O   . HOH B .  ? 0.3944 0.4886 0.4290 0.0040  -0.0574 0.0186  405 HOH A O   
835 O O   . HOH B .  ? 0.3583 0.3426 0.4140 0.0146  0.0058  0.0004  406 HOH A O   
836 O O   . HOH B .  ? 0.4380 0.4874 0.4658 -0.0050 -0.0058 -0.0057 407 HOH A O   
837 O O   . HOH B .  ? 0.5267 0.4943 0.4518 0.0092  0.0244  -0.0025 408 HOH A O   
838 O O   . HOH B .  ? 0.4191 0.4269 0.4663 -0.0193 0.0038  -0.0291 409 HOH A O   
839 O O   . HOH B .  ? 0.5194 0.5122 0.4941 0.0031  -0.0036 -0.0017 410 HOH A O   
840 O O   . HOH B .  ? 0.4027 0.3769 0.4130 -0.0077 0.0343  -0.0328 411 HOH A O   
841 O O   . HOH B .  ? 0.5255 0.5068 0.4555 -0.0124 0.0310  -0.0043 412 HOH A O   
842 O O   . HOH B .  ? 0.4397 0.3889 0.3944 -0.0048 0.0183  -0.0414 413 HOH A O   
843 O O   . HOH B .  ? 0.5221 0.4877 0.4354 0.0187  0.0246  0.0124  414 HOH A O   
844 O O   . HOH B .  ? 0.4306 0.3709 0.5096 0.0059  0.0135  0.0335  415 HOH A O   
845 O O   . HOH B .  ? 0.4548 0.4876 0.4264 0.0573  -0.0184 -0.0184 416 HOH A O   
846 O O   . HOH B .  ? 0.4776 0.5033 0.4876 -0.0250 -0.0056 0.0057  417 HOH A O   
# 
loop_
_pdbx_poly_seq_scheme.asym_id 
_pdbx_poly_seq_scheme.entity_id 
_pdbx_poly_seq_scheme.seq_id 
_pdbx_poly_seq_scheme.mon_id 
_pdbx_poly_seq_scheme.ndb_seq_num 
_pdbx_poly_seq_scheme.pdb_seq_num 
_pdbx_poly_seq_scheme.auth_seq_num 
_pdbx_poly_seq_scheme.pdb_mon_id 
_pdbx_poly_seq_scheme.auth_mon_id 
_pdbx_poly_seq_scheme.pdb_strand_id 
_pdbx_poly_seq_scheme.pdb_ins_code 
_pdbx_poly_seq_scheme.hetero 
A 1 1  GLY 1  0   0   GLY GLY A . n 
A 1 2  ASN 2  144 144 ASN ASN A . n 
A 1 3  LEU 3  145 145 LEU LEU A . n 
A 1 4  THR 4  146 146 THR THR A . n 
A 1 5  PRO 5  147 147 PRO PRO A . n 
A 1 6  GLU 6  148 148 GLU GLU A . n 
A 1 7  GLU 7  149 149 GLU GLU A . n 
A 1 8  ARG 8  150 150 ARG ARG A . n 
A 1 9  ASP 9  151 151 ASP ASP A . n 
A 1 10 ALA 10 152 152 ALA ALA A . n 
A 1 11 ARG 11 153 153 ARG ARG A . n 
A 1 12 THR 12 154 154 THR THR A . n 
A 1 13 VAL 13 155 155 VAL VAL A . n 
A 1 14 PHE 14 156 156 PHE PHE A . n 
A 1 15 CYS 15 157 157 CYS CYS A . n 
A 1 16 MET 16 158 158 MET MET A . n 
A 1 17 GLN 17 159 159 GLN GLN A . n 
A 1 18 LEU 18 160 160 LEU LEU A . n 
A 1 19 ALA 19 161 161 ALA ALA A . n 
A 1 20 ALA 20 162 162 ALA ALA A . n 
A 1 21 ARG 21 163 163 ARG ARG A . n 
A 1 22 ILE 22 164 164 ILE ILE A . n 
A 1 23 ARG 23 165 165 ARG ARG A . n 
A 1 24 PRO 24 166 166 PRO PRO A . n 
A 1 25 ARG 25 167 167 ARG ARG A . n 
A 1 26 ASP 26 168 168 ASP ASP A . n 
A 1 27 LEU 27 169 169 LEU LEU A . n 
A 1 28 GLU 28 170 170 GLU GLU A . n 
A 1 29 GLU 29 171 171 GLU GLU A . n 
A 1 30 PHE 30 172 172 PHE PHE A . n 
A 1 31 PHE 31 173 173 PHE PHE A . n 
A 1 32 SER 32 174 174 SER SER A . n 
A 1 33 THR 33 175 175 THR THR A . n 
A 1 34 VAL 34 176 176 VAL VAL A . n 
A 1 35 GLY 35 177 177 GLY GLY A . n 
A 1 36 LYS 36 178 178 LYS LYS A . n 
A 1 37 VAL 37 179 179 VAL VAL A . n 
A 1 38 ARG 38 180 180 ARG ARG A . n 
A 1 39 ASP 39 181 181 ASP ASP A . n 
A 1 40 VAL 40 182 182 VAL VAL A . n 
A 1 41 ARG 41 183 183 ARG ARG A . n 
A 1 42 MET 42 184 184 MET MET A . n 
A 1 43 ILE 43 185 185 ILE ILE A . n 
A 1 44 SER 44 186 186 SER SER A . n 
A 1 45 ASP 45 187 187 ASP ASP A . n 
A 1 46 ARG 46 188 188 ARG ARG A . n 
A 1 47 ASN 47 189 189 ASN ASN A . n 
A 1 48 SER 48 190 190 SER SER A . n 
A 1 49 ARG 49 191 191 ARG ARG A . n 
A 1 50 ARG 50 192 192 ARG ARG A . n 
A 1 51 SER 51 193 193 SER SER A . n 
A 1 52 LYS 52 194 194 LYS LYS A . n 
A 1 53 GLY 53 195 195 GLY GLY A . n 
A 1 54 ILE 54 196 196 ILE ILE A . n 
A 1 55 ALA 55 197 197 ALA ALA A . n 
A 1 56 TYR 56 198 198 TYR TYR A . n 
A 1 57 VAL 57 199 199 VAL VAL A . n 
A 1 58 GLU 58 200 200 GLU GLU A . n 
A 1 59 PHE 59 201 201 PHE PHE A . n 
A 1 60 VAL 60 202 202 VAL VAL A . n 
A 1 61 ASP 61 203 203 ASP ASP A . n 
A 1 62 VAL 62 204 204 VAL VAL A . n 
A 1 63 SER 63 205 205 SER SER A . n 
A 1 64 SER 64 206 206 SER SER A . n 
A 1 65 VAL 65 207 207 VAL VAL A . n 
A 1 66 PRO 66 208 208 PRO PRO A . n 
A 1 67 LEU 67 209 209 LEU LEU A . n 
A 1 68 ALA 68 210 210 ALA ALA A . n 
A 1 69 ILE 69 211 211 ILE ILE A . n 
A 1 70 GLY 70 212 212 GLY GLY A . n 
A 1 71 LEU 71 213 213 LEU LEU A . n 
A 1 72 THR 72 214 214 THR THR A . n 
A 1 73 GLY 73 215 215 GLY GLY A . n 
A 1 74 GLN 74 216 216 GLN GLN A . n 
A 1 75 ARG 75 217 217 ARG ARG A . n 
A 1 76 VAL 76 218 218 VAL VAL A . n 
A 1 77 LEU 77 219 219 LEU LEU A . n 
A 1 78 GLY 78 220 220 GLY GLY A . n 
A 1 79 VAL 79 221 221 VAL VAL A . n 
A 1 80 PRO 80 222 222 PRO PRO A . n 
A 1 81 ILE 81 223 223 ILE ILE A . n 
A 1 82 ILE 82 224 224 ILE ILE A . n 
A 1 83 VAL 83 225 225 VAL VAL A . n 
A 1 84 GLN 84 226 226 GLN GLN A . n 
A 1 85 ALA 85 227 227 ALA ALA A . n 
A 1 86 SER 86 228 228 SER SER A . n 
A 1 87 GLN 87 229 229 GLN GLN A . n 
A 1 88 ALA 88 230 ?   ?   ?   A . n 
A 1 89 GLU 89 231 ?   ?   ?   A . n 
A 1 90 LYS 90 232 ?   ?   ?   A . n 
A 1 91 ASN 91 233 ?   ?   ?   A . n 
A 1 92 ARG 92 234 ?   ?   ?   A . n 
# 
loop_
_pdbx_SG_project.id 
_pdbx_SG_project.project_name 
_pdbx_SG_project.full_name_of_center 
_pdbx_SG_project.initial_of_center 
1 PSI:Biology 'Joint Center for Structural Genomics' JCSG  
2 PSI:Biology 'Partnership for T-Cell Biology'       TCELL 
# 
loop_
_pdbx_nonpoly_scheme.asym_id 
_pdbx_nonpoly_scheme.entity_id 
_pdbx_nonpoly_scheme.mon_id 
_pdbx_nonpoly_scheme.ndb_seq_num 
_pdbx_nonpoly_scheme.pdb_seq_num 
_pdbx_nonpoly_scheme.auth_seq_num 
_pdbx_nonpoly_scheme.pdb_mon_id 
_pdbx_nonpoly_scheme.auth_mon_id 
_pdbx_nonpoly_scheme.pdb_strand_id 
_pdbx_nonpoly_scheme.pdb_ins_code 
B 2 HOH 1   301 252 HOH HOH A . 
B 2 HOH 2   302 322 HOH HOH A . 
B 2 HOH 3   303 274 HOH HOH A . 
B 2 HOH 4   304 247 HOH HOH A . 
B 2 HOH 5   305 306 HOH HOH A . 
B 2 HOH 6   306 350 HOH HOH A . 
B 2 HOH 7   307 294 HOH HOH A . 
B 2 HOH 8   308 349 HOH HOH A . 
B 2 HOH 9   309 326 HOH HOH A . 
B 2 HOH 10  310 299 HOH HOH A . 
B 2 HOH 11  311 253 HOH HOH A . 
B 2 HOH 12  312 311 HOH HOH A . 
B 2 HOH 13  313 296 HOH HOH A . 
B 2 HOH 14  314 276 HOH HOH A . 
B 2 HOH 15  315 256 HOH HOH A . 
B 2 HOH 16  316 272 HOH HOH A . 
B 2 HOH 17  317 319 HOH HOH A . 
B 2 HOH 18  318 301 HOH HOH A . 
B 2 HOH 19  319 287 HOH HOH A . 
B 2 HOH 20  320 343 HOH HOH A . 
B 2 HOH 21  321 327 HOH HOH A . 
B 2 HOH 22  322 240 HOH HOH A . 
B 2 HOH 23  323 248 HOH HOH A . 
B 2 HOH 24  324 303 HOH HOH A . 
B 2 HOH 25  325 330 HOH HOH A . 
B 2 HOH 26  326 345 HOH HOH A . 
B 2 HOH 27  327 262 HOH HOH A . 
B 2 HOH 28  328 282 HOH HOH A . 
B 2 HOH 29  329 270 HOH HOH A . 
B 2 HOH 30  330 239 HOH HOH A . 
B 2 HOH 31  331 264 HOH HOH A . 
B 2 HOH 32  332 315 HOH HOH A . 
B 2 HOH 33  333 273 HOH HOH A . 
B 2 HOH 34  334 251 HOH HOH A . 
B 2 HOH 35  335 263 HOH HOH A . 
B 2 HOH 36  336 244 HOH HOH A . 
B 2 HOH 37  337 293 HOH HOH A . 
B 2 HOH 38  338 235 HOH HOH A . 
B 2 HOH 39  339 283 HOH HOH A . 
B 2 HOH 40  340 297 HOH HOH A . 
B 2 HOH 41  341 237 HOH HOH A . 
B 2 HOH 42  342 286 HOH HOH A . 
B 2 HOH 43  343 324 HOH HOH A . 
B 2 HOH 44  344 238 HOH HOH A . 
B 2 HOH 45  345 249 HOH HOH A . 
B 2 HOH 46  346 257 HOH HOH A . 
B 2 HOH 47  347 285 HOH HOH A . 
B 2 HOH 48  348 241 HOH HOH A . 
B 2 HOH 49  349 336 HOH HOH A . 
B 2 HOH 50  350 236 HOH HOH A . 
B 2 HOH 51  351 254 HOH HOH A . 
B 2 HOH 52  352 245 HOH HOH A . 
B 2 HOH 53  353 250 HOH HOH A . 
B 2 HOH 54  354 280 HOH HOH A . 
B 2 HOH 55  355 304 HOH HOH A . 
B 2 HOH 56  356 341 HOH HOH A . 
B 2 HOH 57  357 266 HOH HOH A . 
B 2 HOH 58  358 334 HOH HOH A . 
B 2 HOH 59  359 258 HOH HOH A . 
B 2 HOH 60  360 291 HOH HOH A . 
B 2 HOH 61  361 307 HOH HOH A . 
B 2 HOH 62  362 288 HOH HOH A . 
B 2 HOH 63  363 278 HOH HOH A . 
B 2 HOH 64  364 246 HOH HOH A . 
B 2 HOH 65  365 269 HOH HOH A . 
B 2 HOH 66  366 328 HOH HOH A . 
B 2 HOH 67  367 339 HOH HOH A . 
B 2 HOH 68  368 331 HOH HOH A . 
B 2 HOH 69  369 284 HOH HOH A . 
B 2 HOH 70  370 255 HOH HOH A . 
B 2 HOH 71  371 348 HOH HOH A . 
B 2 HOH 72  372 243 HOH HOH A . 
B 2 HOH 73  373 292 HOH HOH A . 
B 2 HOH 74  374 271 HOH HOH A . 
B 2 HOH 75  375 260 HOH HOH A . 
B 2 HOH 76  376 351 HOH HOH A . 
B 2 HOH 77  377 298 HOH HOH A . 
B 2 HOH 78  378 318 HOH HOH A . 
B 2 HOH 79  379 300 HOH HOH A . 
B 2 HOH 80  380 242 HOH HOH A . 
B 2 HOH 81  381 310 HOH HOH A . 
B 2 HOH 82  382 323 HOH HOH A . 
B 2 HOH 83  383 265 HOH HOH A . 
B 2 HOH 84  384 329 HOH HOH A . 
B 2 HOH 85  385 275 HOH HOH A . 
B 2 HOH 86  386 305 HOH HOH A . 
B 2 HOH 87  387 295 HOH HOH A . 
B 2 HOH 88  388 342 HOH HOH A . 
B 2 HOH 89  389 281 HOH HOH A . 
B 2 HOH 90  390 290 HOH HOH A . 
B 2 HOH 91  391 338 HOH HOH A . 
B 2 HOH 92  392 312 HOH HOH A . 
B 2 HOH 93  393 261 HOH HOH A . 
B 2 HOH 94  394 335 HOH HOH A . 
B 2 HOH 95  395 344 HOH HOH A . 
B 2 HOH 96  396 259 HOH HOH A . 
B 2 HOH 97  397 277 HOH HOH A . 
B 2 HOH 98  398 308 HOH HOH A . 
B 2 HOH 99  399 268 HOH HOH A . 
B 2 HOH 100 400 314 HOH HOH A . 
B 2 HOH 101 401 309 HOH HOH A . 
B 2 HOH 102 402 320 HOH HOH A . 
B 2 HOH 103 403 289 HOH HOH A . 
B 2 HOH 104 404 340 HOH HOH A . 
B 2 HOH 105 405 316 HOH HOH A . 
B 2 HOH 106 406 279 HOH HOH A . 
B 2 HOH 107 407 333 HOH HOH A . 
B 2 HOH 108 408 321 HOH HOH A . 
B 2 HOH 109 409 346 HOH HOH A . 
B 2 HOH 110 410 325 HOH HOH A . 
B 2 HOH 111 411 302 HOH HOH A . 
B 2 HOH 112 412 313 HOH HOH A . 
B 2 HOH 113 413 267 HOH HOH A . 
B 2 HOH 114 414 332 HOH HOH A . 
B 2 HOH 115 415 337 HOH HOH A . 
B 2 HOH 116 416 317 HOH HOH A . 
B 2 HOH 117 417 347 HOH HOH A . 
# 
_pdbx_struct_assembly.id                   1 
_pdbx_struct_assembly.details              author_and_software_defined_assembly 
_pdbx_struct_assembly.method_details       PISA 
_pdbx_struct_assembly.oligomeric_details   monomeric 
_pdbx_struct_assembly.oligomeric_count     1 
# 
_pdbx_struct_assembly_gen.assembly_id       1 
_pdbx_struct_assembly_gen.oper_expression   1 
_pdbx_struct_assembly_gen.asym_id_list      A,B 
# 
_pdbx_struct_oper_list.id                   1 
_pdbx_struct_oper_list.type                 'identity operation' 
_pdbx_struct_oper_list.name                 1_555 
_pdbx_struct_oper_list.symmetry_operation   x,y,z 
_pdbx_struct_oper_list.matrix[1][1]         1.0000000000 
_pdbx_struct_oper_list.matrix[1][2]         0.0000000000 
_pdbx_struct_oper_list.matrix[1][3]         0.0000000000 
_pdbx_struct_oper_list.vector[1]            0.0000000000 
_pdbx_struct_oper_list.matrix[2][1]         0.0000000000 
_pdbx_struct_oper_list.matrix[2][2]         1.0000000000 
_pdbx_struct_oper_list.matrix[2][3]         0.0000000000 
_pdbx_struct_oper_list.vector[2]            0.0000000000 
_pdbx_struct_oper_list.matrix[3][1]         0.0000000000 
_pdbx_struct_oper_list.matrix[3][2]         0.0000000000 
_pdbx_struct_oper_list.matrix[3][3]         1.0000000000 
_pdbx_struct_oper_list.vector[3]            0.0000000000 
# 
_pdbx_struct_special_symmetry.id              1 
_pdbx_struct_special_symmetry.PDB_model_num   1 
_pdbx_struct_special_symmetry.auth_asym_id    A 
_pdbx_struct_special_symmetry.auth_comp_id    HOH 
_pdbx_struct_special_symmetry.auth_seq_id     410 
_pdbx_struct_special_symmetry.PDB_ins_code    ? 
_pdbx_struct_special_symmetry.label_asym_id   B 
_pdbx_struct_special_symmetry.label_comp_id   HOH 
_pdbx_struct_special_symmetry.label_seq_id    . 
# 
loop_
_pdbx_audit_revision_history.ordinal 
_pdbx_audit_revision_history.data_content_type 
_pdbx_audit_revision_history.major_revision 
_pdbx_audit_revision_history.minor_revision 
_pdbx_audit_revision_history.revision_date 
1 'Structure model' 1 0 2015-04-01 
2 'Structure model' 1 1 2018-01-24 
3 'Structure model' 1 2 2023-02-01 
4 'Structure model' 1 3 2023-10-25 
# 
_pdbx_audit_revision_details.ordinal             1 
_pdbx_audit_revision_details.revision_ordinal    1 
_pdbx_audit_revision_details.data_content_type   'Structure model' 
_pdbx_audit_revision_details.provider            repository 
_pdbx_audit_revision_details.type                'Initial release' 
_pdbx_audit_revision_details.description         ? 
_pdbx_audit_revision_details.details             ? 
# 
loop_
_pdbx_audit_revision_group.ordinal 
_pdbx_audit_revision_group.revision_ordinal 
_pdbx_audit_revision_group.data_content_type 
_pdbx_audit_revision_group.group 
1 2 'Structure model' Advisory                 
2 2 'Structure model' 'Database references'    
3 2 'Structure model' 'Derived calculations'   
4 2 'Structure model' 'Source and taxonomy'    
5 3 'Structure model' 'Database references'    
6 4 'Structure model' 'Data collection'        
7 4 'Structure model' 'Refinement description' 
# 
loop_
_pdbx_audit_revision_category.ordinal 
_pdbx_audit_revision_category.revision_ordinal 
_pdbx_audit_revision_category.data_content_type 
_pdbx_audit_revision_category.category 
1  2 'Structure model' citation_author               
2  2 'Structure model' entity_src_gen                
3  2 'Structure model' pdbx_struct_assembly          
4  2 'Structure model' pdbx_struct_oper_list         
5  2 'Structure model' pdbx_validate_symm_contact    
6  3 'Structure model' database_2                    
7  3 'Structure model' struct_ref_seq_dif            
8  4 'Structure model' chem_comp_atom                
9  4 'Structure model' chem_comp_bond                
10 4 'Structure model' pdbx_initial_refinement_model 
# 
loop_
_pdbx_audit_revision_item.ordinal 
_pdbx_audit_revision_item.revision_ordinal 
_pdbx_audit_revision_item.data_content_type 
_pdbx_audit_revision_item.item 
1 2 'Structure model' '_citation_author.name'                     
2 2 'Structure model' '_entity_src_gen.pdbx_alt_source_flag'      
3 2 'Structure model' '_pdbx_struct_assembly.oligomeric_details'  
4 2 'Structure model' '_pdbx_struct_oper_list.symmetry_operation' 
5 3 'Structure model' '_database_2.pdbx_DOI'                      
6 3 'Structure model' '_database_2.pdbx_database_accession'       
7 3 'Structure model' '_struct_ref_seq_dif.details'               
# 
_phasing.method   MR 
# 
loop_
_software.citation_id 
_software.classification 
_software.compiler_name 
_software.compiler_version 
_software.contact_author 
_software.contact_author_email 
_software.date 
_software.description 
_software.dependencies 
_software.hardware 
_software.language 
_software.location 
_software.mods 
_software.name 
_software.os 
_software.os_version 
_software.type 
_software.version 
_software.pdbx_ordinal 
? 'data extraction' ? ? ? ? ? ? ? ? ? ? ? PDB_EXTRACT ? ? ? 3.10             1 
? phasing           ? ? ? ? ? ? ? ? ? ? ? PHASER      ? ? ? 2.3.0            2 
? refinement        ? ? ? ? ? ? ? ? ? ? ? REFMAC      ? ? ? 5.5.0110         3 
? 'data reduction'  ? ? ? ? ? ? ? ? ? ? ? XDS         ? ? ? 'March 30, 2013' 4 
? 'data scaling'    ? ? ? ? ? ? ? ? ? ? ? XSCALE      ? ? ? 'March 30, 2013' 5 
? 'data scaling'    ? ? ? ? ? ? ? ? ? ? ? SCALA       ? ? ? .                6 
# 
_pdbx_entry_details.compound_details         ? 
_pdbx_entry_details.entry_id                 4YUD 
_pdbx_entry_details.nonpolymer_details       ? 
_pdbx_entry_details.sequence_details         
;THIS CONSTRUCT (RESIDUES 144-234) WAS EXPRESSED WITH A PURIFICATION TAG MGSDKIHHHHHHENLYFQG. THE TAG WAS REMOVED WITH TEV PROTEASE LEAVING ONLY A GLYCINE (0) FOLLOWED BY THE TARGET SEQUENCE.
;
_pdbx_entry_details.source_details           ? 
_pdbx_entry_details.has_ligand_of_interest   ? 
# 
_pdbx_validate_rmsd_angle.id                         1 
_pdbx_validate_rmsd_angle.PDB_model_num              1 
_pdbx_validate_rmsd_angle.auth_atom_id_1             NE 
_pdbx_validate_rmsd_angle.auth_asym_id_1             A 
_pdbx_validate_rmsd_angle.auth_comp_id_1             ARG 
_pdbx_validate_rmsd_angle.auth_seq_id_1              150 
_pdbx_validate_rmsd_angle.PDB_ins_code_1             ? 
_pdbx_validate_rmsd_angle.label_alt_id_1             B 
_pdbx_validate_rmsd_angle.auth_atom_id_2             CZ 
_pdbx_validate_rmsd_angle.auth_asym_id_2             A 
_pdbx_validate_rmsd_angle.auth_comp_id_2             ARG 
_pdbx_validate_rmsd_angle.auth_seq_id_2              150 
_pdbx_validate_rmsd_angle.PDB_ins_code_2             ? 
_pdbx_validate_rmsd_angle.label_alt_id_2             B 
_pdbx_validate_rmsd_angle.auth_atom_id_3             NH2 
_pdbx_validate_rmsd_angle.auth_asym_id_3             A 
_pdbx_validate_rmsd_angle.auth_comp_id_3             ARG 
_pdbx_validate_rmsd_angle.auth_seq_id_3              150 
_pdbx_validate_rmsd_angle.PDB_ins_code_3             ? 
_pdbx_validate_rmsd_angle.label_alt_id_3             B 
_pdbx_validate_rmsd_angle.angle_value                117.28 
_pdbx_validate_rmsd_angle.angle_target_value         120.30 
_pdbx_validate_rmsd_angle.angle_deviation            -3.02 
_pdbx_validate_rmsd_angle.angle_standard_deviation   0.50 
_pdbx_validate_rmsd_angle.linker_flag                N 
# 
loop_
_pdbx_distant_solvent_atoms.id 
_pdbx_distant_solvent_atoms.PDB_model_num 
_pdbx_distant_solvent_atoms.auth_atom_id 
_pdbx_distant_solvent_atoms.label_alt_id 
_pdbx_distant_solvent_atoms.auth_asym_id 
_pdbx_distant_solvent_atoms.auth_comp_id 
_pdbx_distant_solvent_atoms.auth_seq_id 
_pdbx_distant_solvent_atoms.PDB_ins_code 
_pdbx_distant_solvent_atoms.neighbor_macromolecule_distance 
_pdbx_distant_solvent_atoms.neighbor_ligand_distance 
1 1 O ? A HOH 416 ? 6.09 . 
2 1 O ? A HOH 417 ? 6.43 . 
# 
loop_
_pdbx_unobs_or_zero_occ_atoms.id 
_pdbx_unobs_or_zero_occ_atoms.PDB_model_num 
_pdbx_unobs_or_zero_occ_atoms.polymer_flag 
_pdbx_unobs_or_zero_occ_atoms.occupancy_flag 
_pdbx_unobs_or_zero_occ_atoms.auth_asym_id 
_pdbx_unobs_or_zero_occ_atoms.auth_comp_id 
_pdbx_unobs_or_zero_occ_atoms.auth_seq_id 
_pdbx_unobs_or_zero_occ_atoms.PDB_ins_code 
_pdbx_unobs_or_zero_occ_atoms.auth_atom_id 
_pdbx_unobs_or_zero_occ_atoms.label_alt_id 
_pdbx_unobs_or_zero_occ_atoms.label_asym_id 
_pdbx_unobs_or_zero_occ_atoms.label_comp_id 
_pdbx_unobs_or_zero_occ_atoms.label_seq_id 
_pdbx_unobs_or_zero_occ_atoms.label_atom_id 
1  1 Y 1 A ARG 188 ? CG  ? A ARG 46 CG  
2  1 Y 1 A ARG 188 ? CD  ? A ARG 46 CD  
3  1 Y 1 A ARG 188 ? NE  ? A ARG 46 NE  
4  1 Y 1 A ARG 188 ? CZ  ? A ARG 46 CZ  
5  1 Y 1 A ARG 188 ? NH1 ? A ARG 46 NH1 
6  1 Y 1 A ARG 188 ? NH2 ? A ARG 46 NH2 
7  1 Y 1 A SER 190 ? OG  ? A SER 48 OG  
8  1 Y 1 A ARG 191 ? CG  ? A ARG 49 CG  
9  1 Y 1 A ARG 191 ? CD  ? A ARG 49 CD  
10 1 Y 1 A ARG 191 ? NE  ? A ARG 49 NE  
11 1 Y 1 A ARG 191 ? CZ  ? A ARG 49 CZ  
12 1 Y 1 A ARG 191 ? NH1 ? A ARG 49 NH1 
13 1 Y 1 A ARG 191 ? NH2 ? A ARG 49 NH2 
# 
loop_
_pdbx_unobs_or_zero_occ_residues.id 
_pdbx_unobs_or_zero_occ_residues.PDB_model_num 
_pdbx_unobs_or_zero_occ_residues.polymer_flag 
_pdbx_unobs_or_zero_occ_residues.occupancy_flag 
_pdbx_unobs_or_zero_occ_residues.auth_asym_id 
_pdbx_unobs_or_zero_occ_residues.auth_comp_id 
_pdbx_unobs_or_zero_occ_residues.auth_seq_id 
_pdbx_unobs_or_zero_occ_residues.PDB_ins_code 
_pdbx_unobs_or_zero_occ_residues.label_asym_id 
_pdbx_unobs_or_zero_occ_residues.label_comp_id 
_pdbx_unobs_or_zero_occ_residues.label_seq_id 
1 1 Y 1 A ALA 230 ? A ALA 88 
2 1 Y 1 A GLU 231 ? A GLU 89 
3 1 Y 1 A LYS 232 ? A LYS 90 
4 1 Y 1 A ASN 233 ? A ASN 91 
5 1 Y 1 A ARG 234 ? A ARG 92 
# 
loop_
_chem_comp_atom.comp_id 
_chem_comp_atom.atom_id 
_chem_comp_atom.type_symbol 
_chem_comp_atom.pdbx_aromatic_flag 
_chem_comp_atom.pdbx_stereo_config 
_chem_comp_atom.pdbx_ordinal 
ALA N    N N N 1   
ALA CA   C N S 2   
ALA C    C N N 3   
ALA O    O N N 4   
ALA CB   C N N 5   
ALA OXT  O N N 6   
ALA H    H N N 7   
ALA H2   H N N 8   
ALA HA   H N N 9   
ALA HB1  H N N 10  
ALA HB2  H N N 11  
ALA HB3  H N N 12  
ALA HXT  H N N 13  
ARG N    N N N 14  
ARG CA   C N S 15  
ARG C    C N N 16  
ARG O    O N N 17  
ARG CB   C N N 18  
ARG CG   C N N 19  
ARG CD   C N N 20  
ARG NE   N N N 21  
ARG CZ   C N N 22  
ARG NH1  N N N 23  
ARG NH2  N N N 24  
ARG OXT  O N N 25  
ARG H    H N N 26  
ARG H2   H N N 27  
ARG HA   H N N 28  
ARG HB2  H N N 29  
ARG HB3  H N N 30  
ARG HG2  H N N 31  
ARG HG3  H N N 32  
ARG HD2  H N N 33  
ARG HD3  H N N 34  
ARG HE   H N N 35  
ARG HH11 H N N 36  
ARG HH12 H N N 37  
ARG HH21 H N N 38  
ARG HH22 H N N 39  
ARG HXT  H N N 40  
ASN N    N N N 41  
ASN CA   C N S 42  
ASN C    C N N 43  
ASN O    O N N 44  
ASN CB   C N N 45  
ASN CG   C N N 46  
ASN OD1  O N N 47  
ASN ND2  N N N 48  
ASN OXT  O N N 49  
ASN H    H N N 50  
ASN H2   H N N 51  
ASN HA   H N N 52  
ASN HB2  H N N 53  
ASN HB3  H N N 54  
ASN HD21 H N N 55  
ASN HD22 H N N 56  
ASN HXT  H N N 57  
ASP N    N N N 58  
ASP CA   C N S 59  
ASP C    C N N 60  
ASP O    O N N 61  
ASP CB   C N N 62  
ASP CG   C N N 63  
ASP OD1  O N N 64  
ASP OD2  O N N 65  
ASP OXT  O N N 66  
ASP H    H N N 67  
ASP H2   H N N 68  
ASP HA   H N N 69  
ASP HB2  H N N 70  
ASP HB3  H N N 71  
ASP HD2  H N N 72  
ASP HXT  H N N 73  
CYS N    N N N 74  
CYS CA   C N R 75  
CYS C    C N N 76  
CYS O    O N N 77  
CYS CB   C N N 78  
CYS SG   S N N 79  
CYS OXT  O N N 80  
CYS H    H N N 81  
CYS H2   H N N 82  
CYS HA   H N N 83  
CYS HB2  H N N 84  
CYS HB3  H N N 85  
CYS HG   H N N 86  
CYS HXT  H N N 87  
GLN N    N N N 88  
GLN CA   C N S 89  
GLN C    C N N 90  
GLN O    O N N 91  
GLN CB   C N N 92  
GLN CG   C N N 93  
GLN CD   C N N 94  
GLN OE1  O N N 95  
GLN NE2  N N N 96  
GLN OXT  O N N 97  
GLN H    H N N 98  
GLN H2   H N N 99  
GLN HA   H N N 100 
GLN HB2  H N N 101 
GLN HB3  H N N 102 
GLN HG2  H N N 103 
GLN HG3  H N N 104 
GLN HE21 H N N 105 
GLN HE22 H N N 106 
GLN HXT  H N N 107 
GLU N    N N N 108 
GLU CA   C N S 109 
GLU C    C N N 110 
GLU O    O N N 111 
GLU CB   C N N 112 
GLU CG   C N N 113 
GLU CD   C N N 114 
GLU OE1  O N N 115 
GLU OE2  O N N 116 
GLU OXT  O N N 117 
GLU H    H N N 118 
GLU H2   H N N 119 
GLU HA   H N N 120 
GLU HB2  H N N 121 
GLU HB3  H N N 122 
GLU HG2  H N N 123 
GLU HG3  H N N 124 
GLU HE2  H N N 125 
GLU HXT  H N N 126 
GLY N    N N N 127 
GLY CA   C N N 128 
GLY C    C N N 129 
GLY O    O N N 130 
GLY OXT  O N N 131 
GLY H    H N N 132 
GLY H2   H N N 133 
GLY HA2  H N N 134 
GLY HA3  H N N 135 
GLY HXT  H N N 136 
HOH O    O N N 137 
HOH H1   H N N 138 
HOH H2   H N N 139 
ILE N    N N N 140 
ILE CA   C N S 141 
ILE C    C N N 142 
ILE O    O N N 143 
ILE CB   C N S 144 
ILE CG1  C N N 145 
ILE CG2  C N N 146 
ILE CD1  C N N 147 
ILE OXT  O N N 148 
ILE H    H N N 149 
ILE H2   H N N 150 
ILE HA   H N N 151 
ILE HB   H N N 152 
ILE HG12 H N N 153 
ILE HG13 H N N 154 
ILE HG21 H N N 155 
ILE HG22 H N N 156 
ILE HG23 H N N 157 
ILE HD11 H N N 158 
ILE HD12 H N N 159 
ILE HD13 H N N 160 
ILE HXT  H N N 161 
LEU N    N N N 162 
LEU CA   C N S 163 
LEU C    C N N 164 
LEU O    O N N 165 
LEU CB   C N N 166 
LEU CG   C N N 167 
LEU CD1  C N N 168 
LEU CD2  C N N 169 
LEU OXT  O N N 170 
LEU H    H N N 171 
LEU H2   H N N 172 
LEU HA   H N N 173 
LEU HB2  H N N 174 
LEU HB3  H N N 175 
LEU HG   H N N 176 
LEU HD11 H N N 177 
LEU HD12 H N N 178 
LEU HD13 H N N 179 
LEU HD21 H N N 180 
LEU HD22 H N N 181 
LEU HD23 H N N 182 
LEU HXT  H N N 183 
LYS N    N N N 184 
LYS CA   C N S 185 
LYS C    C N N 186 
LYS O    O N N 187 
LYS CB   C N N 188 
LYS CG   C N N 189 
LYS CD   C N N 190 
LYS CE   C N N 191 
LYS NZ   N N N 192 
LYS OXT  O N N 193 
LYS H    H N N 194 
LYS H2   H N N 195 
LYS HA   H N N 196 
LYS HB2  H N N 197 
LYS HB3  H N N 198 
LYS HG2  H N N 199 
LYS HG3  H N N 200 
LYS HD2  H N N 201 
LYS HD3  H N N 202 
LYS HE2  H N N 203 
LYS HE3  H N N 204 
LYS HZ1  H N N 205 
LYS HZ2  H N N 206 
LYS HZ3  H N N 207 
LYS HXT  H N N 208 
MET N    N N N 209 
MET CA   C N S 210 
MET C    C N N 211 
MET O    O N N 212 
MET CB   C N N 213 
MET CG   C N N 214 
MET SD   S N N 215 
MET CE   C N N 216 
MET OXT  O N N 217 
MET H    H N N 218 
MET H2   H N N 219 
MET HA   H N N 220 
MET HB2  H N N 221 
MET HB3  H N N 222 
MET HG2  H N N 223 
MET HG3  H N N 224 
MET HE1  H N N 225 
MET HE2  H N N 226 
MET HE3  H N N 227 
MET HXT  H N N 228 
PHE N    N N N 229 
PHE CA   C N S 230 
PHE C    C N N 231 
PHE O    O N N 232 
PHE CB   C N N 233 
PHE CG   C Y N 234 
PHE CD1  C Y N 235 
PHE CD2  C Y N 236 
PHE CE1  C Y N 237 
PHE CE2  C Y N 238 
PHE CZ   C Y N 239 
PHE OXT  O N N 240 
PHE H    H N N 241 
PHE H2   H N N 242 
PHE HA   H N N 243 
PHE HB2  H N N 244 
PHE HB3  H N N 245 
PHE HD1  H N N 246 
PHE HD2  H N N 247 
PHE HE1  H N N 248 
PHE HE2  H N N 249 
PHE HZ   H N N 250 
PHE HXT  H N N 251 
PRO N    N N N 252 
PRO CA   C N S 253 
PRO C    C N N 254 
PRO O    O N N 255 
PRO CB   C N N 256 
PRO CG   C N N 257 
PRO CD   C N N 258 
PRO OXT  O N N 259 
PRO H    H N N 260 
PRO HA   H N N 261 
PRO HB2  H N N 262 
PRO HB3  H N N 263 
PRO HG2  H N N 264 
PRO HG3  H N N 265 
PRO HD2  H N N 266 
PRO HD3  H N N 267 
PRO HXT  H N N 268 
SER N    N N N 269 
SER CA   C N S 270 
SER C    C N N 271 
SER O    O N N 272 
SER CB   C N N 273 
SER OG   O N N 274 
SER OXT  O N N 275 
SER H    H N N 276 
SER H2   H N N 277 
SER HA   H N N 278 
SER HB2  H N N 279 
SER HB3  H N N 280 
SER HG   H N N 281 
SER HXT  H N N 282 
THR N    N N N 283 
THR CA   C N S 284 
THR C    C N N 285 
THR O    O N N 286 
THR CB   C N R 287 
THR OG1  O N N 288 
THR CG2  C N N 289 
THR OXT  O N N 290 
THR H    H N N 291 
THR H2   H N N 292 
THR HA   H N N 293 
THR HB   H N N 294 
THR HG1  H N N 295 
THR HG21 H N N 296 
THR HG22 H N N 297 
THR HG23 H N N 298 
THR HXT  H N N 299 
TYR N    N N N 300 
TYR CA   C N S 301 
TYR C    C N N 302 
TYR O    O N N 303 
TYR CB   C N N 304 
TYR CG   C Y N 305 
TYR CD1  C Y N 306 
TYR CD2  C Y N 307 
TYR CE1  C Y N 308 
TYR CE2  C Y N 309 
TYR CZ   C Y N 310 
TYR OH   O N N 311 
TYR OXT  O N N 312 
TYR H    H N N 313 
TYR H2   H N N 314 
TYR HA   H N N 315 
TYR HB2  H N N 316 
TYR HB3  H N N 317 
TYR HD1  H N N 318 
TYR HD2  H N N 319 
TYR HE1  H N N 320 
TYR HE2  H N N 321 
TYR HH   H N N 322 
TYR HXT  H N N 323 
VAL N    N N N 324 
VAL CA   C N S 325 
VAL C    C N N 326 
VAL O    O N N 327 
VAL CB   C N N 328 
VAL CG1  C N N 329 
VAL CG2  C N N 330 
VAL OXT  O N N 331 
VAL H    H N N 332 
VAL H2   H N N 333 
VAL HA   H N N 334 
VAL HB   H N N 335 
VAL HG11 H N N 336 
VAL HG12 H N N 337 
VAL HG13 H N N 338 
VAL HG21 H N N 339 
VAL HG22 H N N 340 
VAL HG23 H N N 341 
VAL HXT  H N N 342 
# 
loop_
_chem_comp_bond.comp_id 
_chem_comp_bond.atom_id_1 
_chem_comp_bond.atom_id_2 
_chem_comp_bond.value_order 
_chem_comp_bond.pdbx_aromatic_flag 
_chem_comp_bond.pdbx_stereo_config 
_chem_comp_bond.pdbx_ordinal 
ALA N   CA   sing N N 1   
ALA N   H    sing N N 2   
ALA N   H2   sing N N 3   
ALA CA  C    sing N N 4   
ALA CA  CB   sing N N 5   
ALA CA  HA   sing N N 6   
ALA C   O    doub N N 7   
ALA C   OXT  sing N N 8   
ALA CB  HB1  sing N N 9   
ALA CB  HB2  sing N N 10  
ALA CB  HB3  sing N N 11  
ALA OXT HXT  sing N N 12  
ARG N   CA   sing N N 13  
ARG N   H    sing N N 14  
ARG N   H2   sing N N 15  
ARG CA  C    sing N N 16  
ARG CA  CB   sing N N 17  
ARG CA  HA   sing N N 18  
ARG C   O    doub N N 19  
ARG C   OXT  sing N N 20  
ARG CB  CG   sing N N 21  
ARG CB  HB2  sing N N 22  
ARG CB  HB3  sing N N 23  
ARG CG  CD   sing N N 24  
ARG CG  HG2  sing N N 25  
ARG CG  HG3  sing N N 26  
ARG CD  NE   sing N N 27  
ARG CD  HD2  sing N N 28  
ARG CD  HD3  sing N N 29  
ARG NE  CZ   sing N N 30  
ARG NE  HE   sing N N 31  
ARG CZ  NH1  sing N N 32  
ARG CZ  NH2  doub N N 33  
ARG NH1 HH11 sing N N 34  
ARG NH1 HH12 sing N N 35  
ARG NH2 HH21 sing N N 36  
ARG NH2 HH22 sing N N 37  
ARG OXT HXT  sing N N 38  
ASN N   CA   sing N N 39  
ASN N   H    sing N N 40  
ASN N   H2   sing N N 41  
ASN CA  C    sing N N 42  
ASN CA  CB   sing N N 43  
ASN CA  HA   sing N N 44  
ASN C   O    doub N N 45  
ASN C   OXT  sing N N 46  
ASN CB  CG   sing N N 47  
ASN CB  HB2  sing N N 48  
ASN CB  HB3  sing N N 49  
ASN CG  OD1  doub N N 50  
ASN CG  ND2  sing N N 51  
ASN ND2 HD21 sing N N 52  
ASN ND2 HD22 sing N N 53  
ASN OXT HXT  sing N N 54  
ASP N   CA   sing N N 55  
ASP N   H    sing N N 56  
ASP N   H2   sing N N 57  
ASP CA  C    sing N N 58  
ASP CA  CB   sing N N 59  
ASP CA  HA   sing N N 60  
ASP C   O    doub N N 61  
ASP C   OXT  sing N N 62  
ASP CB  CG   sing N N 63  
ASP CB  HB2  sing N N 64  
ASP CB  HB3  sing N N 65  
ASP CG  OD1  doub N N 66  
ASP CG  OD2  sing N N 67  
ASP OD2 HD2  sing N N 68  
ASP OXT HXT  sing N N 69  
CYS N   CA   sing N N 70  
CYS N   H    sing N N 71  
CYS N   H2   sing N N 72  
CYS CA  C    sing N N 73  
CYS CA  CB   sing N N 74  
CYS CA  HA   sing N N 75  
CYS C   O    doub N N 76  
CYS C   OXT  sing N N 77  
CYS CB  SG   sing N N 78  
CYS CB  HB2  sing N N 79  
CYS CB  HB3  sing N N 80  
CYS SG  HG   sing N N 81  
CYS OXT HXT  sing N N 82  
GLN N   CA   sing N N 83  
GLN N   H    sing N N 84  
GLN N   H2   sing N N 85  
GLN CA  C    sing N N 86  
GLN CA  CB   sing N N 87  
GLN CA  HA   sing N N 88  
GLN C   O    doub N N 89  
GLN C   OXT  sing N N 90  
GLN CB  CG   sing N N 91  
GLN CB  HB2  sing N N 92  
GLN CB  HB3  sing N N 93  
GLN CG  CD   sing N N 94  
GLN CG  HG2  sing N N 95  
GLN CG  HG3  sing N N 96  
GLN CD  OE1  doub N N 97  
GLN CD  NE2  sing N N 98  
GLN NE2 HE21 sing N N 99  
GLN NE2 HE22 sing N N 100 
GLN OXT HXT  sing N N 101 
GLU N   CA   sing N N 102 
GLU N   H    sing N N 103 
GLU N   H2   sing N N 104 
GLU CA  C    sing N N 105 
GLU CA  CB   sing N N 106 
GLU CA  HA   sing N N 107 
GLU C   O    doub N N 108 
GLU C   OXT  sing N N 109 
GLU CB  CG   sing N N 110 
GLU CB  HB2  sing N N 111 
GLU CB  HB3  sing N N 112 
GLU CG  CD   sing N N 113 
GLU CG  HG2  sing N N 114 
GLU CG  HG3  sing N N 115 
GLU CD  OE1  doub N N 116 
GLU CD  OE2  sing N N 117 
GLU OE2 HE2  sing N N 118 
GLU OXT HXT  sing N N 119 
GLY N   CA   sing N N 120 
GLY N   H    sing N N 121 
GLY N   H2   sing N N 122 
GLY CA  C    sing N N 123 
GLY CA  HA2  sing N N 124 
GLY CA  HA3  sing N N 125 
GLY C   O    doub N N 126 
GLY C   OXT  sing N N 127 
GLY OXT HXT  sing N N 128 
HOH O   H1   sing N N 129 
HOH O   H2   sing N N 130 
ILE N   CA   sing N N 131 
ILE N   H    sing N N 132 
ILE N   H2   sing N N 133 
ILE CA  C    sing N N 134 
ILE CA  CB   sing N N 135 
ILE CA  HA   sing N N 136 
ILE C   O    doub N N 137 
ILE C   OXT  sing N N 138 
ILE CB  CG1  sing N N 139 
ILE CB  CG2  sing N N 140 
ILE CB  HB   sing N N 141 
ILE CG1 CD1  sing N N 142 
ILE CG1 HG12 sing N N 143 
ILE CG1 HG13 sing N N 144 
ILE CG2 HG21 sing N N 145 
ILE CG2 HG22 sing N N 146 
ILE CG2 HG23 sing N N 147 
ILE CD1 HD11 sing N N 148 
ILE CD1 HD12 sing N N 149 
ILE CD1 HD13 sing N N 150 
ILE OXT HXT  sing N N 151 
LEU N   CA   sing N N 152 
LEU N   H    sing N N 153 
LEU N   H2   sing N N 154 
LEU CA  C    sing N N 155 
LEU CA  CB   sing N N 156 
LEU CA  HA   sing N N 157 
LEU C   O    doub N N 158 
LEU C   OXT  sing N N 159 
LEU CB  CG   sing N N 160 
LEU CB  HB2  sing N N 161 
LEU CB  HB3  sing N N 162 
LEU CG  CD1  sing N N 163 
LEU CG  CD2  sing N N 164 
LEU CG  HG   sing N N 165 
LEU CD1 HD11 sing N N 166 
LEU CD1 HD12 sing N N 167 
LEU CD1 HD13 sing N N 168 
LEU CD2 HD21 sing N N 169 
LEU CD2 HD22 sing N N 170 
LEU CD2 HD23 sing N N 171 
LEU OXT HXT  sing N N 172 
LYS N   CA   sing N N 173 
LYS N   H    sing N N 174 
LYS N   H2   sing N N 175 
LYS CA  C    sing N N 176 
LYS CA  CB   sing N N 177 
LYS CA  HA   sing N N 178 
LYS C   O    doub N N 179 
LYS C   OXT  sing N N 180 
LYS CB  CG   sing N N 181 
LYS CB  HB2  sing N N 182 
LYS CB  HB3  sing N N 183 
LYS CG  CD   sing N N 184 
LYS CG  HG2  sing N N 185 
LYS CG  HG3  sing N N 186 
LYS CD  CE   sing N N 187 
LYS CD  HD2  sing N N 188 
LYS CD  HD3  sing N N 189 
LYS CE  NZ   sing N N 190 
LYS CE  HE2  sing N N 191 
LYS CE  HE3  sing N N 192 
LYS NZ  HZ1  sing N N 193 
LYS NZ  HZ2  sing N N 194 
LYS NZ  HZ3  sing N N 195 
LYS OXT HXT  sing N N 196 
MET N   CA   sing N N 197 
MET N   H    sing N N 198 
MET N   H2   sing N N 199 
MET CA  C    sing N N 200 
MET CA  CB   sing N N 201 
MET CA  HA   sing N N 202 
MET C   O    doub N N 203 
MET C   OXT  sing N N 204 
MET CB  CG   sing N N 205 
MET CB  HB2  sing N N 206 
MET CB  HB3  sing N N 207 
MET CG  SD   sing N N 208 
MET CG  HG2  sing N N 209 
MET CG  HG3  sing N N 210 
MET SD  CE   sing N N 211 
MET CE  HE1  sing N N 212 
MET CE  HE2  sing N N 213 
MET CE  HE3  sing N N 214 
MET OXT HXT  sing N N 215 
PHE N   CA   sing N N 216 
PHE N   H    sing N N 217 
PHE N   H2   sing N N 218 
PHE CA  C    sing N N 219 
PHE CA  CB   sing N N 220 
PHE CA  HA   sing N N 221 
PHE C   O    doub N N 222 
PHE C   OXT  sing N N 223 
PHE CB  CG   sing N N 224 
PHE CB  HB2  sing N N 225 
PHE CB  HB3  sing N N 226 
PHE CG  CD1  doub Y N 227 
PHE CG  CD2  sing Y N 228 
PHE CD1 CE1  sing Y N 229 
PHE CD1 HD1  sing N N 230 
PHE CD2 CE2  doub Y N 231 
PHE CD2 HD2  sing N N 232 
PHE CE1 CZ   doub Y N 233 
PHE CE1 HE1  sing N N 234 
PHE CE2 CZ   sing Y N 235 
PHE CE2 HE2  sing N N 236 
PHE CZ  HZ   sing N N 237 
PHE OXT HXT  sing N N 238 
PRO N   CA   sing N N 239 
PRO N   CD   sing N N 240 
PRO N   H    sing N N 241 
PRO CA  C    sing N N 242 
PRO CA  CB   sing N N 243 
PRO CA  HA   sing N N 244 
PRO C   O    doub N N 245 
PRO C   OXT  sing N N 246 
PRO CB  CG   sing N N 247 
PRO CB  HB2  sing N N 248 
PRO CB  HB3  sing N N 249 
PRO CG  CD   sing N N 250 
PRO CG  HG2  sing N N 251 
PRO CG  HG3  sing N N 252 
PRO CD  HD2  sing N N 253 
PRO CD  HD3  sing N N 254 
PRO OXT HXT  sing N N 255 
SER N   CA   sing N N 256 
SER N   H    sing N N 257 
SER N   H2   sing N N 258 
SER CA  C    sing N N 259 
SER CA  CB   sing N N 260 
SER CA  HA   sing N N 261 
SER C   O    doub N N 262 
SER C   OXT  sing N N 263 
SER CB  OG   sing N N 264 
SER CB  HB2  sing N N 265 
SER CB  HB3  sing N N 266 
SER OG  HG   sing N N 267 
SER OXT HXT  sing N N 268 
THR N   CA   sing N N 269 
THR N   H    sing N N 270 
THR N   H2   sing N N 271 
THR CA  C    sing N N 272 
THR CA  CB   sing N N 273 
THR CA  HA   sing N N 274 
THR C   O    doub N N 275 
THR C   OXT  sing N N 276 
THR CB  OG1  sing N N 277 
THR CB  CG2  sing N N 278 
THR CB  HB   sing N N 279 
THR OG1 HG1  sing N N 280 
THR CG2 HG21 sing N N 281 
THR CG2 HG22 sing N N 282 
THR CG2 HG23 sing N N 283 
THR OXT HXT  sing N N 284 
TYR N   CA   sing N N 285 
TYR N   H    sing N N 286 
TYR N   H2   sing N N 287 
TYR CA  C    sing N N 288 
TYR CA  CB   sing N N 289 
TYR CA  HA   sing N N 290 
TYR C   O    doub N N 291 
TYR C   OXT  sing N N 292 
TYR CB  CG   sing N N 293 
TYR CB  HB2  sing N N 294 
TYR CB  HB3  sing N N 295 
TYR CG  CD1  doub Y N 296 
TYR CG  CD2  sing Y N 297 
TYR CD1 CE1  sing Y N 298 
TYR CD1 HD1  sing N N 299 
TYR CD2 CE2  doub Y N 300 
TYR CD2 HD2  sing N N 301 
TYR CE1 CZ   doub Y N 302 
TYR CE1 HE1  sing N N 303 
TYR CE2 CZ   sing Y N 304 
TYR CE2 HE2  sing N N 305 
TYR CZ  OH   sing N N 306 
TYR OH  HH   sing N N 307 
TYR OXT HXT  sing N N 308 
VAL N   CA   sing N N 309 
VAL N   H    sing N N 310 
VAL N   H2   sing N N 311 
VAL CA  C    sing N N 312 
VAL CA  CB   sing N N 313 
VAL CA  HA   sing N N 314 
VAL C   O    doub N N 315 
VAL C   OXT  sing N N 316 
VAL CB  CG1  sing N N 317 
VAL CB  CG2  sing N N 318 
VAL CB  HB   sing N N 319 
VAL CG1 HG11 sing N N 320 
VAL CG1 HG12 sing N N 321 
VAL CG1 HG13 sing N N 322 
VAL CG2 HG21 sing N N 323 
VAL CG2 HG22 sing N N 324 
VAL CG2 HG23 sing N N 325 
VAL OXT HXT  sing N N 326 
# 
_pdbx_entity_nonpoly.entity_id   2 
_pdbx_entity_nonpoly.name        water 
_pdbx_entity_nonpoly.comp_id     HOH 
# 
_pdbx_initial_refinement_model.id               1 
_pdbx_initial_refinement_model.entity_id_list   ? 
_pdbx_initial_refinement_model.type             'experimental model' 
_pdbx_initial_refinement_model.source_name      PDB 
_pdbx_initial_refinement_model.accession_code   2CQ4 
_pdbx_initial_refinement_model.details          ? 
# 
